data_5JWE
#
_entry.id   5JWE
#
_cell.length_a   85.500
_cell.length_b   176.300
_cell.length_c   85.600
_cell.angle_alpha   90.000
_cell.angle_beta   119.800
_cell.angle_gamma   90.000
#
_symmetry.space_group_name_H-M   'P 1 21 1'
#
loop_
_entity.id
_entity.type
_entity.pdbx_description
1 polymer 'H-2 class I histocompatibility antigen, D-B alpha chain'
2 polymer Beta-2-microglobulin
3 polymer 'Pre-glycoprotein polyprotein GP complex'
4 non-polymer 'SULFATE ION'
5 non-polymer GLYCEROL
6 water water
#
loop_
_entity_poly.entity_id
_entity_poly.type
_entity_poly.pdbx_seq_one_letter_code
_entity_poly.pdbx_strand_id
1 'polypeptide(L)'
;GPHSMRYFETAVSRPGLEEPRYISVGYVDNKEFVRFDSDAENPRYEPRAPWMEQEGPEYWERETQKAKGQEQWFRVSLRN
LLGYYNQSAGGSHTLQQMSGCDLGSDWRLLRGYLQFAYEGRDYIALNEDLKTWTAADMAAQITRRKWEQSGAAEHYKAYL
EGECVEWLHRYLKNGNATLLRTDSPKAHVTHHPRSKGEVTLRCWALGFYPADITLTWQLNGEELTQDMELVETRPAGDGT
FQKWASVVVPLGKEQNYTCRVYHEGLPEPLTLRWEP
;
A,C,E,G
2 'polypeptide(L)'
;IQKTPQIQVYSRHPPENGKPNILNCYVTQFHPPHIEIQMLKNGKKIPKVEMSDMSFSKDWSFYILAHTEFTPTETDTYAC
RVKHDSMAEPKTVYWDRDM
;
B,D,F,H
3 'polypeptide(L)' CSANNSHHYI P,Q,R,S
#
# COMPACT_ATOMS: atom_id res chain seq x y z
N GLY A 1 5.64 -3.64 7.67
CA GLY A 1 6.43 -4.77 8.15
C GLY A 1 7.86 -4.42 8.58
N PRO A 2 8.58 -5.37 9.17
CA PRO A 2 9.99 -5.15 9.50
C PRO A 2 10.89 -5.39 8.30
N HIS A 3 12.17 -5.13 8.51
CA HIS A 3 13.14 -5.14 7.42
C HIS A 3 14.45 -5.69 7.94
N SER A 4 15.26 -6.20 7.03
CA SER A 4 16.49 -6.87 7.42
C SER A 4 17.55 -6.71 6.33
N MET A 5 18.81 -6.69 6.74
CA MET A 5 19.92 -6.88 5.83
C MET A 5 20.89 -7.91 6.41
N ARG A 6 21.39 -8.78 5.53
CA ARG A 6 22.39 -9.75 5.93
C ARG A 6 23.41 -10.01 4.84
N TYR A 7 24.62 -10.25 5.29
CA TYR A 7 25.68 -10.75 4.44
C TYR A 7 26.05 -12.12 5.01
N PHE A 8 25.89 -13.14 4.16
CA PHE A 8 26.30 -14.51 4.43
C PHE A 8 27.63 -14.77 3.70
N GLU A 9 28.69 -14.99 4.45
CA GLU A 9 29.99 -15.22 3.85
C GLU A 9 30.50 -16.59 4.22
N THR A 10 31.18 -17.21 3.25
CA THR A 10 31.72 -18.55 3.37
C THR A 10 33.12 -18.56 2.78
N ALA A 11 34.04 -19.21 3.49
CA ALA A 11 35.33 -19.53 2.94
C ALA A 11 35.51 -21.03 3.11
N VAL A 12 35.83 -21.70 2.01
CA VAL A 12 35.97 -23.15 1.98
C VAL A 12 37.39 -23.44 1.52
N SER A 13 38.08 -24.35 2.20
CA SER A 13 39.44 -24.59 1.78
C SER A 13 39.56 -25.88 1.00
N ARG A 14 40.75 -26.04 0.42
CA ARG A 14 41.08 -27.13 -0.45
C ARG A 14 42.50 -27.50 -0.08
N PRO A 15 42.84 -28.79 -0.02
CA PRO A 15 44.26 -29.14 0.15
C PRO A 15 45.04 -28.74 -1.10
N GLY A 16 46.10 -27.98 -0.91
CA GLY A 16 47.04 -27.76 -1.98
C GLY A 16 47.62 -26.36 -1.91
N LEU A 17 48.19 -25.96 -3.04
CA LEU A 17 48.74 -24.63 -3.20
C LEU A 17 47.66 -23.60 -3.49
N GLU A 18 46.41 -24.02 -3.57
CA GLU A 18 45.36 -23.12 -4.01
C GLU A 18 44.71 -22.53 -2.76
N GLU A 19 44.34 -21.26 -2.86
CA GLU A 19 43.71 -20.54 -1.78
C GLU A 19 42.22 -20.87 -1.64
N PRO A 20 41.68 -20.80 -0.43
CA PRO A 20 40.27 -21.13 -0.20
C PRO A 20 39.33 -20.32 -1.10
N ARG A 21 38.17 -20.88 -1.36
CA ARG A 21 37.14 -20.16 -2.10
C ARG A 21 36.32 -19.28 -1.16
N TYR A 22 36.07 -18.04 -1.57
CA TYR A 22 35.35 -17.09 -0.75
C TYR A 22 34.10 -16.65 -1.52
N ILE A 23 32.97 -16.68 -0.84
CA ILE A 23 31.68 -16.32 -1.40
C ILE A 23 30.95 -15.44 -0.40
N SER A 24 30.37 -14.34 -0.87
CA SER A 24 29.64 -13.41 -0.03
C SER A 24 28.29 -13.09 -0.67
N VAL A 25 27.21 -13.20 0.10
CA VAL A 25 25.90 -12.94 -0.46
C VAL A 25 25.21 -11.90 0.42
N GLY A 26 24.69 -10.85 -0.21
CA GLY A 26 23.85 -9.90 0.48
C GLY A 26 22.38 -10.22 0.33
N TYR A 27 21.62 -9.87 1.36
CA TYR A 27 20.17 -10.03 1.39
C TYR A 27 19.57 -8.76 1.98
N VAL A 28 18.56 -8.25 1.30
CA VAL A 28 17.65 -7.26 1.85
C VAL A 28 16.28 -7.89 1.93
N ASP A 29 15.68 -7.83 3.12
CA ASP A 29 14.39 -8.47 3.40
C ASP A 29 14.39 -9.89 2.84
N ASN A 30 15.43 -10.64 3.21
CA ASN A 30 15.61 -12.05 2.87
C ASN A 30 15.68 -12.30 1.37
N LYS A 31 15.99 -11.32 0.54
CA LYS A 31 16.21 -11.57 -0.88
C LYS A 31 17.62 -11.18 -1.26
N GLU A 32 18.23 -11.98 -2.14
CA GLU A 32 19.64 -11.83 -2.45
C GLU A 32 19.77 -10.65 -3.41
N PHE A 33 20.44 -9.57 -2.97
CA PHE A 33 20.62 -8.43 -3.88
C PHE A 33 22.03 -8.24 -4.45
N VAL A 34 23.05 -8.91 -3.92
CA VAL A 34 24.42 -8.78 -4.42
C VAL A 34 25.14 -10.08 -4.11
N ARG A 35 26.17 -10.39 -4.89
CA ARG A 35 26.97 -11.57 -4.61
C ARG A 35 28.38 -11.36 -5.11
N PHE A 36 29.33 -11.94 -4.36
CA PHE A 36 30.74 -11.98 -4.71
C PHE A 36 31.19 -13.42 -4.59
N ASP A 37 31.84 -13.95 -5.66
CA ASP A 37 32.42 -15.30 -5.67
C ASP A 37 33.83 -15.23 -6.23
N SER A 38 34.81 -15.70 -5.46
CA SER A 38 36.21 -15.64 -5.85
C SER A 38 36.55 -16.67 -6.93
N ASP A 39 35.62 -17.57 -7.25
CA ASP A 39 35.82 -18.55 -8.30
C ASP A 39 35.46 -18.00 -9.67
N ALA A 40 34.84 -16.83 -9.72
CA ALA A 40 34.46 -16.25 -11.00
C ALA A 40 35.69 -15.80 -11.76
N GLU A 41 35.57 -15.84 -13.09
CA GLU A 41 36.67 -15.37 -13.93
C GLU A 41 37.17 -14.00 -13.48
N ASN A 42 36.25 -13.07 -13.26
CA ASN A 42 36.57 -11.71 -12.82
C ASN A 42 35.89 -11.46 -11.48
N PRO A 43 36.52 -11.80 -10.36
CA PRO A 43 35.83 -11.66 -9.06
C PRO A 43 35.42 -10.21 -8.83
N ARG A 44 34.14 -10.01 -8.57
CA ARG A 44 33.58 -8.69 -8.29
C ARG A 44 32.24 -8.89 -7.58
N TYR A 45 31.79 -7.84 -6.89
CA TYR A 45 30.41 -7.83 -6.42
C TYR A 45 29.50 -7.54 -7.61
N GLU A 46 28.47 -8.37 -7.81
CA GLU A 46 27.52 -8.10 -8.87
C GLU A 46 26.08 -7.97 -8.34
N PRO A 47 25.24 -7.15 -8.98
CA PRO A 47 23.84 -7.04 -8.56
C PRO A 47 23.08 -8.33 -8.85
N ARG A 48 22.36 -8.81 -7.86
CA ARG A 48 21.41 -9.90 -8.01
C ARG A 48 19.95 -9.46 -8.03
N ALA A 49 19.69 -8.18 -7.92
CA ALA A 49 18.37 -7.57 -7.97
C ALA A 49 18.38 -6.39 -8.92
N PRO A 50 17.28 -6.16 -9.64
CA PRO A 50 17.31 -5.12 -10.68
C PRO A 50 17.58 -3.73 -10.12
N TRP A 51 16.98 -3.38 -8.99
CA TRP A 51 17.16 -2.05 -8.43
C TRP A 51 18.60 -1.77 -8.03
N MET A 52 19.45 -2.79 -7.91
CA MET A 52 20.82 -2.45 -7.58
C MET A 52 21.55 -1.84 -8.77
N GLU A 53 20.97 -1.94 -9.98
CA GLU A 53 21.56 -1.28 -11.14
C GLU A 53 21.64 0.22 -10.94
N GLN A 54 20.80 0.78 -10.07
CA GLN A 54 20.96 2.20 -9.78
C GLN A 54 22.34 2.53 -9.22
N GLU A 55 23.05 1.57 -8.62
CA GLU A 55 24.33 1.90 -7.98
C GLU A 55 25.37 2.19 -9.05
N GLY A 56 26.23 3.15 -8.76
CA GLY A 56 27.26 3.55 -9.70
C GLY A 56 28.52 2.73 -9.63
N PRO A 57 29.37 2.89 -10.65
CA PRO A 57 30.67 2.17 -10.66
C PRO A 57 31.48 2.30 -9.38
N GLU A 58 31.45 3.48 -8.72
CA GLU A 58 32.22 3.64 -7.50
C GLU A 58 31.79 2.65 -6.42
N TYR A 59 30.47 2.51 -6.24
CA TYR A 59 29.93 1.54 -5.29
C TYR A 59 30.50 0.14 -5.53
N TRP A 60 30.46 -0.31 -6.77
CA TRP A 60 30.89 -1.66 -7.06
C TRP A 60 32.40 -1.82 -6.85
N GLU A 61 33.19 -0.81 -7.20
CA GLU A 61 34.63 -0.86 -6.96
C GLU A 61 34.96 -0.90 -5.47
N ARG A 62 34.33 -0.03 -4.67
CA ARG A 62 34.52 -0.03 -3.23
C ARG A 62 34.16 -1.40 -2.62
N GLU A 63 32.98 -1.92 -2.97
CA GLU A 63 32.52 -3.17 -2.35
C GLU A 63 33.37 -4.36 -2.76
N THR A 64 33.84 -4.37 -4.01
CA THR A 64 34.79 -5.40 -4.44
C THR A 64 36.10 -5.33 -3.65
N GLN A 65 36.65 -4.11 -3.43
CA GLN A 65 37.88 -4.05 -2.62
C GLN A 65 37.64 -4.57 -1.20
N LYS A 66 36.52 -4.18 -0.60
CA LYS A 66 36.15 -4.79 0.69
C LYS A 66 36.16 -6.32 0.62
N ALA A 67 35.54 -6.90 -0.42
CA ALA A 67 35.45 -8.35 -0.52
C ALA A 67 36.83 -8.99 -0.59
N LYS A 68 37.77 -8.35 -1.28
CA LYS A 68 39.09 -8.95 -1.29
C LYS A 68 39.75 -8.85 0.07
N GLY A 69 39.44 -7.77 0.80
CA GLY A 69 39.83 -7.70 2.20
C GLY A 69 39.32 -8.87 3.03
N GLN A 70 37.98 -9.10 2.98
CA GLN A 70 37.40 -10.24 3.69
C GLN A 70 38.06 -11.54 3.24
N GLU A 71 38.28 -11.69 1.95
CA GLU A 71 38.91 -12.90 1.43
C GLU A 71 40.24 -13.18 2.17
N GLN A 72 41.12 -12.17 2.24
CA GLN A 72 42.36 -12.34 3.00
C GLN A 72 42.10 -12.67 4.48
N TRP A 73 41.20 -11.92 5.11
CA TRP A 73 40.87 -12.15 6.52
C TRP A 73 40.44 -13.59 6.77
N PHE A 74 39.62 -14.13 5.88
CA PHE A 74 39.13 -15.50 6.01
C PHE A 74 40.25 -16.52 5.84
N ARG A 75 41.21 -16.26 4.94
CA ARG A 75 42.29 -17.25 4.79
C ARG A 75 43.18 -17.30 6.02
N VAL A 76 43.51 -16.13 6.57
CA VAL A 76 44.24 -16.09 7.85
C VAL A 76 43.47 -16.87 8.91
N SER A 77 42.20 -16.48 9.13
CA SER A 77 41.39 -17.11 10.18
C SER A 77 41.28 -18.63 9.98
N LEU A 78 41.15 -19.08 8.73
CA LEU A 78 41.14 -20.51 8.44
C LEU A 78 42.42 -21.18 8.94
N ARG A 79 43.58 -20.56 8.66
CA ARG A 79 44.84 -21.14 9.12
C ARG A 79 44.88 -21.23 10.64
N ASN A 80 44.51 -20.14 11.32
CA ASN A 80 44.50 -20.16 12.78
C ASN A 80 43.58 -21.26 13.32
N LEU A 81 42.41 -21.47 12.69
CA LEU A 81 41.47 -22.47 13.21
C LEU A 81 42.03 -23.89 13.04
N LEU A 82 42.76 -24.12 11.95
CA LEU A 82 43.49 -25.37 11.82
C LEU A 82 44.41 -25.58 13.02
N GLY A 83 45.09 -24.51 13.45
CA GLY A 83 45.87 -24.59 14.69
C GLY A 83 45.01 -24.90 15.93
N TYR A 84 43.95 -24.11 16.15
CA TYR A 84 43.21 -24.22 17.40
C TYR A 84 42.65 -25.63 17.61
N TYR A 85 42.19 -26.27 16.53
CA TYR A 85 41.51 -27.55 16.64
C TYR A 85 42.43 -28.73 16.41
N ASN A 86 43.73 -28.46 16.29
CA ASN A 86 44.74 -29.51 16.10
C ASN A 86 44.37 -30.43 14.94
N GLN A 87 43.87 -29.83 13.88
CA GLN A 87 43.60 -30.57 12.67
C GLN A 87 44.84 -30.57 11.78
N SER A 88 45.07 -31.68 11.13
CA SER A 88 46.27 -31.76 10.32
C SER A 88 45.92 -31.17 8.95
N ALA A 89 46.73 -31.42 7.95
CA ALA A 89 46.52 -30.81 6.66
C ALA A 89 45.81 -31.81 5.75
N GLY A 90 45.01 -31.29 4.83
CA GLY A 90 44.27 -32.13 3.91
C GLY A 90 42.83 -32.43 4.29
N GLY A 91 42.22 -31.66 5.20
CA GLY A 91 40.81 -31.80 5.46
C GLY A 91 39.99 -30.85 4.61
N SER A 92 38.68 -31.00 4.70
CA SER A 92 37.77 -30.01 4.13
C SER A 92 37.25 -29.16 5.29
N HIS A 93 37.48 -27.86 5.22
CA HIS A 93 37.14 -26.98 6.32
C HIS A 93 36.36 -25.79 5.81
N THR A 94 35.35 -25.38 6.56
CA THR A 94 34.51 -24.27 6.14
C THR A 94 34.34 -23.33 7.31
N LEU A 95 34.48 -22.04 7.03
CA LEU A 95 34.29 -21.00 8.01
C LEU A 95 33.26 -20.04 7.45
N GLN A 96 32.23 -19.69 8.24
CA GLN A 96 31.15 -18.85 7.75
C GLN A 96 30.79 -17.74 8.75
N GLN A 97 30.20 -16.70 8.19
CA GLN A 97 29.86 -15.46 8.88
C GLN A 97 28.48 -15.01 8.44
N MET A 98 27.72 -14.55 9.42
CA MET A 98 26.44 -13.90 9.16
C MET A 98 26.53 -12.55 9.85
N SER A 99 26.27 -11.46 9.12
CA SER A 99 26.19 -10.18 9.82
C SER A 99 25.08 -9.36 9.20
N GLY A 100 24.60 -8.37 9.94
CA GLY A 100 23.52 -7.57 9.42
C GLY A 100 22.74 -6.86 10.51
N CYS A 101 21.60 -6.32 10.09
CA CYS A 101 20.76 -5.56 11.01
C CYS A 101 19.30 -5.85 10.72
N ASP A 102 18.52 -5.85 11.79
CA ASP A 102 17.07 -5.96 11.78
C ASP A 102 16.50 -4.61 12.18
N LEU A 103 15.61 -4.08 11.32
CA LEU A 103 14.84 -2.87 11.57
C LEU A 103 13.37 -3.24 11.79
N GLY A 104 12.71 -2.48 12.68
CA GLY A 104 11.27 -2.56 12.82
C GLY A 104 10.53 -1.85 11.69
N SER A 105 9.20 -1.84 11.80
CA SER A 105 8.38 -1.20 10.77
C SER A 105 8.49 0.32 10.79
N ASP A 106 9.09 0.90 11.82
CA ASP A 106 9.43 2.31 11.87
C ASP A 106 10.80 2.59 11.26
N TRP A 107 11.41 1.57 10.65
CA TRP A 107 12.74 1.63 10.03
C TRP A 107 13.83 1.92 11.03
N ARG A 108 13.57 1.67 12.31
CA ARG A 108 14.52 1.95 13.37
C ARG A 108 15.19 0.65 13.78
N LEU A 109 16.44 0.76 14.22
CA LEU A 109 17.23 -0.44 14.43
C LEU A 109 16.67 -1.27 15.59
N LEU A 110 16.31 -2.52 15.29
CA LEU A 110 15.90 -3.52 16.26
C LEU A 110 17.09 -4.28 16.81
N ARG A 111 17.87 -4.94 15.94
CA ARG A 111 18.99 -5.73 16.43
C ARG A 111 20.13 -5.79 15.43
N GLY A 112 21.36 -5.79 15.95
CA GLY A 112 22.52 -6.12 15.16
C GLY A 112 22.88 -7.60 15.28
N TYR A 113 23.55 -8.12 14.24
CA TYR A 113 23.95 -9.53 14.19
C TYR A 113 25.36 -9.66 13.67
N LEU A 114 26.18 -10.42 14.41
CA LEU A 114 27.48 -10.94 13.96
C LEU A 114 27.64 -12.34 14.52
N GLN A 115 27.86 -13.33 13.64
CA GLN A 115 28.14 -14.67 14.11
C GLN A 115 29.09 -15.40 13.16
N PHE A 116 29.86 -16.32 13.75
CA PHE A 116 30.84 -17.13 13.05
C PHE A 116 30.62 -18.60 13.37
N ALA A 117 30.88 -19.44 12.36
CA ALA A 117 30.81 -20.88 12.46
C ALA A 117 32.02 -21.55 11.82
N TYR A 118 32.49 -22.59 12.47
CA TYR A 118 33.56 -23.40 11.94
C TYR A 118 33.04 -24.82 11.77
N GLU A 119 33.31 -25.42 10.60
CA GLU A 119 32.74 -26.72 10.24
C GLU A 119 31.23 -26.76 10.47
N GLY A 120 30.54 -25.68 10.14
CA GLY A 120 29.11 -25.67 10.26
C GLY A 120 28.58 -25.67 11.68
N ARG A 121 29.43 -25.38 12.66
CA ARG A 121 29.06 -25.35 14.05
C ARG A 121 29.38 -23.98 14.60
N ASP A 122 28.52 -23.51 15.50
CA ASP A 122 28.67 -22.18 16.07
C ASP A 122 30.04 -22.02 16.69
N TYR A 123 30.70 -20.95 16.32
CA TYR A 123 32.02 -20.67 16.83
C TYR A 123 32.00 -19.47 17.75
N ILE A 124 31.63 -18.30 17.26
CA ILE A 124 31.60 -17.16 18.17
C ILE A 124 30.52 -16.20 17.69
N ALA A 125 29.96 -15.42 18.62
CA ALA A 125 28.87 -14.52 18.27
C ALA A 125 28.93 -13.25 19.12
N LEU A 126 28.56 -12.13 18.51
CA LEU A 126 28.40 -10.88 19.25
C LEU A 126 27.04 -10.88 19.94
N ASN A 127 27.02 -10.50 21.22
CA ASN A 127 25.75 -10.45 21.94
C ASN A 127 24.95 -9.22 21.55
N GLU A 128 23.63 -9.31 21.78
CA GLU A 128 22.76 -8.26 21.27
C GLU A 128 23.06 -6.90 21.89
N ASP A 129 23.66 -6.87 23.09
CA ASP A 129 24.30 -5.65 23.59
C ASP A 129 25.29 -5.05 22.59
N LEU A 130 25.97 -5.88 21.79
CA LEU A 130 27.06 -5.49 20.89
C LEU A 130 28.34 -5.08 21.63
N LYS A 131 28.39 -5.19 22.95
CA LYS A 131 29.67 -5.09 23.62
C LYS A 131 30.35 -6.42 23.98
N THR A 132 29.65 -7.57 23.99
CA THR A 132 30.24 -8.81 24.49
C THR A 132 29.95 -9.99 23.56
N TRP A 133 30.76 -11.05 23.72
CA TRP A 133 30.76 -12.24 22.86
C TRP A 133 30.34 -13.49 23.63
N THR A 134 29.55 -14.36 23.00
CA THR A 134 29.45 -15.74 23.46
C THR A 134 30.34 -16.65 22.59
N ALA A 135 31.26 -17.36 23.24
CA ALA A 135 32.19 -18.26 22.58
C ALA A 135 31.83 -19.69 22.96
N ALA A 136 31.47 -20.50 21.98
CA ALA A 136 30.96 -21.83 22.25
C ALA A 136 32.05 -22.78 22.74
N ASP A 137 33.09 -22.97 21.92
CA ASP A 137 34.13 -23.94 22.18
C ASP A 137 35.18 -23.41 23.13
N MET A 138 36.12 -24.29 23.48
CA MET A 138 37.33 -23.83 24.15
C MET A 138 38.24 -23.06 23.20
N ALA A 139 38.33 -23.51 21.95
CA ALA A 139 39.13 -22.77 20.97
C ALA A 139 38.58 -21.37 20.78
N ALA A 140 37.26 -21.24 20.82
CA ALA A 140 36.63 -19.93 20.63
C ALA A 140 36.93 -18.99 21.77
N GLN A 141 37.24 -19.52 22.97
CA GLN A 141 37.52 -18.64 24.09
C GLN A 141 38.83 -17.88 23.87
N ILE A 142 39.83 -18.52 23.25
CA ILE A 142 41.03 -17.82 22.81
C ILE A 142 40.67 -16.64 21.92
N THR A 143 39.85 -16.88 20.91
CA THR A 143 39.41 -15.82 20.03
C THR A 143 38.68 -14.73 20.80
N ARG A 144 37.85 -15.11 21.76
CA ARG A 144 37.11 -14.10 22.53
C ARG A 144 38.06 -13.22 23.33
N ARG A 145 38.97 -13.83 24.11
CA ARG A 145 39.96 -13.07 24.86
CA ARG A 145 39.95 -13.06 24.87
C ARG A 145 40.71 -12.12 23.94
N LYS A 146 41.09 -12.61 22.76
CA LYS A 146 41.89 -11.82 21.84
C LYS A 146 41.08 -10.64 21.28
N TRP A 147 39.78 -10.84 21.07
CA TRP A 147 38.92 -9.80 20.54
C TRP A 147 38.47 -8.81 21.60
N GLU A 148 38.53 -9.18 22.87
CA GLU A 148 38.26 -8.20 23.93
C GLU A 148 39.44 -7.25 24.10
N GLN A 149 40.67 -7.74 23.94
CA GLN A 149 41.83 -6.87 23.96
C GLN A 149 41.91 -6.00 22.72
N SER A 150 41.37 -6.45 21.58
CA SER A 150 41.51 -5.71 20.34
C SER A 150 40.35 -4.76 20.06
N GLY A 151 39.37 -4.66 20.96
CA GLY A 151 38.24 -3.77 20.73
C GLY A 151 37.41 -4.10 19.51
N ALA A 152 37.22 -5.40 19.23
CA ALA A 152 36.46 -5.81 18.06
C ALA A 152 35.00 -5.37 18.16
N ALA A 153 34.39 -5.56 19.33
CA ALA A 153 32.97 -5.27 19.47
C ALA A 153 32.67 -3.79 19.23
N GLU A 154 33.57 -2.89 19.60
CA GLU A 154 33.37 -1.49 19.26
C GLU A 154 33.32 -1.29 17.74
N HIS A 155 34.25 -1.94 17.03
CA HIS A 155 34.35 -1.84 15.58
C HIS A 155 33.06 -2.29 14.91
N TYR A 156 32.64 -3.51 15.22
CA TYR A 156 31.43 -4.04 14.60
C TYR A 156 30.18 -3.31 15.02
N LYS A 157 30.14 -2.78 16.25
CA LYS A 157 28.96 -2.03 16.67
C LYS A 157 28.84 -0.72 15.90
N ALA A 158 29.96 -0.06 15.64
CA ALA A 158 29.92 1.10 14.76
C ALA A 158 29.38 0.73 13.38
N TYR A 159 29.83 -0.40 12.83
CA TYR A 159 29.32 -0.80 11.51
C TYR A 159 27.83 -1.13 11.58
N LEU A 160 27.43 -1.92 12.57
CA LEU A 160 26.07 -2.44 12.55
C LEU A 160 25.06 -1.35 12.86
N GLU A 161 25.42 -0.43 13.75
CA GLU A 161 24.47 0.64 14.04
C GLU A 161 24.49 1.76 13.01
N GLY A 162 25.67 2.22 12.59
CA GLY A 162 25.67 3.19 11.50
C GLY A 162 25.47 2.81 10.04
N GLU A 163 26.46 2.12 9.44
CA GLU A 163 26.43 1.94 7.99
C GLU A 163 25.40 0.93 7.57
N CYS A 164 25.33 -0.20 8.30
CA CYS A 164 24.32 -1.20 8.00
C CYS A 164 22.96 -0.54 7.88
N VAL A 165 22.61 0.26 8.89
CA VAL A 165 21.26 0.82 8.97
C VAL A 165 21.02 1.80 7.82
N GLU A 166 21.96 2.72 7.59
CA GLU A 166 21.81 3.79 6.59
C GLU A 166 21.80 3.25 5.16
N TRP A 167 22.70 2.32 4.86
CA TRP A 167 22.66 1.66 3.57
C TRP A 167 21.39 0.86 3.40
N LEU A 168 20.91 0.24 4.49
CA LEU A 168 19.67 -0.50 4.36
C LEU A 168 18.52 0.45 4.06
N HIS A 169 18.54 1.65 4.65
CA HIS A 169 17.53 2.64 4.30
C HIS A 169 17.55 2.94 2.80
N ARG A 170 18.76 3.19 2.25
CA ARG A 170 18.90 3.40 0.82
C ARG A 170 18.32 2.24 0.00
N TYR A 171 18.76 1.01 0.28
CA TYR A 171 18.26 -0.13 -0.50
C TYR A 171 16.73 -0.30 -0.34
N LEU A 172 16.19 -0.01 0.83
CA LEU A 172 14.75 -0.09 1.06
C LEU A 172 14.00 0.94 0.20
N LYS A 173 14.52 2.18 0.10
CA LYS A 173 13.91 3.13 -0.83
C LYS A 173 14.00 2.62 -2.28
N ASN A 174 15.16 2.11 -2.69
CA ASN A 174 15.33 1.80 -4.11
C ASN A 174 14.63 0.50 -4.51
N GLY A 175 14.50 -0.47 -3.59
CA GLY A 175 13.85 -1.73 -3.92
C GLY A 175 12.41 -1.72 -3.48
N ASN A 176 11.85 -0.53 -3.32
CA ASN A 176 10.66 -0.20 -2.55
C ASN A 176 9.51 -1.19 -2.73
N ALA A 177 8.89 -1.20 -3.91
CA ALA A 177 7.77 -2.09 -4.09
C ALA A 177 8.23 -3.53 -4.31
N THR A 178 9.33 -3.69 -5.04
CA THR A 178 9.84 -5.02 -5.41
C THR A 178 10.04 -5.93 -4.20
N LEU A 179 10.63 -5.40 -3.13
CA LEU A 179 10.85 -6.22 -1.94
C LEU A 179 9.54 -6.58 -1.24
N LEU A 180 8.46 -5.88 -1.53
CA LEU A 180 7.15 -6.06 -0.89
C LEU A 180 6.20 -7.00 -1.66
N ARG A 181 6.65 -7.63 -2.73
CA ARG A 181 5.79 -8.57 -3.44
C ARG A 181 5.22 -9.61 -2.48
N THR A 182 3.96 -9.97 -2.70
CA THR A 182 3.41 -11.22 -2.18
C THR A 182 2.61 -11.91 -3.28
N ASP A 183 2.70 -13.24 -3.31
CA ASP A 183 1.91 -14.09 -4.19
C ASP A 183 1.11 -15.03 -3.30
N SER A 184 -0.21 -14.95 -3.38
CA SER A 184 -1.06 -15.78 -2.54
C SER A 184 -0.96 -17.24 -2.97
N PRO A 185 -1.05 -18.17 -2.02
CA PRO A 185 -1.11 -19.59 -2.40
C PRO A 185 -2.41 -19.92 -3.11
N LYS A 186 -2.36 -20.98 -3.90
CA LYS A 186 -3.54 -21.64 -4.44
C LYS A 186 -3.59 -23.03 -3.84
N ALA A 187 -4.69 -23.35 -3.17
CA ALA A 187 -4.80 -24.60 -2.44
C ALA A 187 -5.82 -25.54 -3.06
N HIS A 188 -5.55 -26.84 -2.93
CA HIS A 188 -6.54 -27.82 -3.35
C HIS A 188 -6.23 -29.12 -2.61
N VAL A 189 -7.24 -29.98 -2.47
CA VAL A 189 -7.07 -31.22 -1.72
C VAL A 189 -7.20 -32.38 -2.68
N THR A 190 -6.28 -33.32 -2.57
CA THR A 190 -6.30 -34.48 -3.43
C THR A 190 -6.57 -35.68 -2.55
N HIS A 191 -7.34 -36.59 -3.13
CA HIS A 191 -7.98 -37.71 -2.47
C HIS A 191 -7.21 -38.97 -2.86
N HIS A 192 -6.68 -39.69 -1.88
CA HIS A 192 -5.86 -40.87 -2.17
C HIS A 192 -6.36 -42.06 -1.36
N PRO A 193 -7.34 -42.79 -1.89
CA PRO A 193 -7.89 -43.93 -1.15
C PRO A 193 -6.82 -44.98 -0.85
N ARG A 194 -6.93 -45.59 0.32
CA ARG A 194 -5.91 -46.47 0.84
C ARG A 194 -6.56 -47.73 1.40
N SER A 195 -5.71 -48.70 1.73
CA SER A 195 -6.21 -49.95 2.28
C SER A 195 -6.92 -49.68 3.61
N LYS A 196 -7.80 -50.61 3.96
CA LYS A 196 -8.46 -50.66 5.27
C LYS A 196 -9.45 -49.51 5.48
N GLY A 197 -10.17 -49.15 4.41
CA GLY A 197 -11.32 -48.27 4.51
C GLY A 197 -10.99 -46.80 4.71
N GLU A 198 -9.77 -46.40 4.42
CA GLU A 198 -9.34 -45.04 4.70
C GLU A 198 -8.90 -44.37 3.41
N VAL A 199 -8.48 -43.11 3.54
CA VAL A 199 -8.02 -42.30 2.42
C VAL A 199 -7.00 -41.29 2.97
N THR A 200 -5.97 -41.02 2.18
CA THR A 200 -5.07 -39.91 2.47
C THR A 200 -5.63 -38.63 1.86
N LEU A 201 -5.87 -37.63 2.70
CA LEU A 201 -6.25 -36.32 2.20
C LEU A 201 -4.97 -35.48 2.19
N ARG A 202 -4.61 -34.94 1.03
CA ARG A 202 -3.39 -34.16 0.89
C ARG A 202 -3.76 -32.74 0.50
N CYS A 203 -3.22 -31.79 1.23
CA CYS A 203 -3.58 -30.40 1.06
C CYS A 203 -2.39 -29.68 0.46
N TRP A 204 -2.63 -29.04 -0.68
CA TRP A 204 -1.59 -28.44 -1.49
C TRP A 204 -1.76 -26.93 -1.46
N ALA A 205 -0.64 -26.24 -1.28
CA ALA A 205 -0.49 -24.81 -1.51
C ALA A 205 0.60 -24.63 -2.55
N LEU A 206 0.25 -23.88 -3.61
CA LEU A 206 1.11 -23.72 -4.77
C LEU A 206 1.24 -22.24 -5.09
N GLY A 207 2.39 -21.90 -5.69
CA GLY A 207 2.61 -20.57 -6.26
C GLY A 207 2.60 -19.40 -5.30
N PHE A 208 3.03 -19.59 -4.06
CA PHE A 208 3.00 -18.51 -3.08
C PHE A 208 4.39 -17.94 -2.85
N TYR A 209 4.44 -16.65 -2.56
CA TYR A 209 5.66 -15.94 -2.09
C TYR A 209 5.25 -14.90 -1.07
N PRO A 210 6.05 -14.68 -0.03
CA PRO A 210 7.27 -15.41 0.36
C PRO A 210 7.01 -16.85 0.82
N ALA A 211 8.07 -17.50 1.28
CA ALA A 211 8.01 -18.95 1.51
C ALA A 211 7.29 -19.30 2.80
N ASP A 212 7.13 -18.36 3.73
CA ASP A 212 6.42 -18.65 4.97
C ASP A 212 4.97 -18.99 4.71
N ILE A 213 4.57 -20.17 5.19
CA ILE A 213 3.19 -20.62 5.05
C ILE A 213 2.94 -21.62 6.17
N THR A 214 1.68 -21.73 6.60
CA THR A 214 1.29 -22.76 7.54
C THR A 214 0.05 -23.47 7.03
N LEU A 215 0.07 -24.80 7.13
CA LEU A 215 -1.04 -25.65 6.69
C LEU A 215 -1.49 -26.53 7.84
N THR A 216 -2.79 -26.49 8.17
CA THR A 216 -3.33 -27.26 9.27
C THR A 216 -4.52 -28.07 8.82
N TRP A 217 -4.66 -29.26 9.40
CA TRP A 217 -5.85 -30.10 9.23
C TRP A 217 -6.62 -30.12 10.54
N GLN A 218 -7.94 -30.02 10.44
CA GLN A 218 -8.79 -29.87 11.62
C GLN A 218 -9.95 -30.84 11.54
N LEU A 219 -10.07 -31.68 12.59
CA LEU A 219 -11.23 -32.55 12.83
C LEU A 219 -12.13 -31.95 13.91
N ASN A 220 -13.35 -31.59 13.53
CA ASN A 220 -14.36 -31.14 14.49
C ASN A 220 -13.85 -29.98 15.35
N GLY A 221 -13.06 -29.11 14.73
CA GLY A 221 -12.60 -27.89 15.36
C GLY A 221 -11.21 -27.95 15.95
N GLU A 222 -10.71 -29.13 16.26
CA GLU A 222 -9.38 -29.25 16.83
C GLU A 222 -8.34 -29.49 15.72
N GLU A 223 -7.23 -28.74 15.78
CA GLU A 223 -6.09 -29.01 14.92
C GLU A 223 -5.57 -30.42 15.16
N LEU A 224 -5.10 -31.06 14.08
CA LEU A 224 -4.62 -32.44 14.13
C LEU A 224 -3.13 -32.50 13.84
N THR A 225 -2.32 -32.80 14.85
CA THR A 225 -0.93 -33.18 14.63
C THR A 225 -0.76 -34.71 14.58
N GLN A 226 -1.81 -35.46 14.87
CA GLN A 226 -1.71 -36.91 14.92
C GLN A 226 -1.72 -37.48 13.52
N ASP A 227 -0.63 -38.19 13.16
CA ASP A 227 -0.50 -38.82 11.85
C ASP A 227 -0.65 -37.80 10.71
N MET A 228 -0.29 -36.54 10.96
CA MET A 228 -0.23 -35.55 9.89
C MET A 228 1.18 -35.52 9.30
N GLU A 229 1.28 -35.67 7.98
CA GLU A 229 2.56 -35.64 7.26
C GLU A 229 2.67 -34.36 6.44
N LEU A 230 3.89 -33.81 6.33
CA LEU A 230 4.11 -32.63 5.49
C LEU A 230 5.51 -32.67 4.90
N VAL A 231 5.74 -31.86 3.86
CA VAL A 231 7.06 -31.67 3.29
C VAL A 231 7.56 -30.25 3.62
N GLU A 232 8.89 -30.13 3.79
CA GLU A 232 9.49 -28.81 3.85
C GLU A 232 9.16 -28.03 2.59
N THR A 233 8.83 -26.77 2.78
CA THR A 233 8.54 -25.85 1.69
C THR A 233 9.64 -25.85 0.63
N ARG A 234 9.23 -25.85 -0.64
CA ARG A 234 10.19 -26.06 -1.70
C ARG A 234 10.01 -25.00 -2.78
N PRO A 235 11.11 -24.53 -3.38
CA PRO A 235 10.99 -23.56 -4.46
C PRO A 235 10.52 -24.22 -5.74
N ALA A 236 9.62 -23.56 -6.46
CA ALA A 236 9.18 -24.09 -7.73
C ALA A 236 10.18 -23.81 -8.84
N GLY A 237 11.05 -22.83 -8.65
CA GLY A 237 11.96 -22.37 -9.68
C GLY A 237 11.54 -21.08 -10.36
N ASP A 238 10.29 -20.69 -10.21
CA ASP A 238 9.76 -19.46 -10.82
C ASP A 238 9.76 -18.27 -9.87
N GLY A 239 10.27 -18.42 -8.65
CA GLY A 239 10.13 -17.37 -7.66
C GLY A 239 9.01 -17.58 -6.68
N THR A 240 8.26 -18.68 -6.79
CA THR A 240 7.22 -19.03 -5.82
C THR A 240 7.56 -20.37 -5.18
N PHE A 241 6.71 -20.78 -4.23
CA PHE A 241 6.99 -21.98 -3.43
C PHE A 241 5.79 -22.92 -3.44
N GLN A 242 5.99 -24.07 -2.78
CA GLN A 242 5.01 -25.15 -2.72
C GLN A 242 5.08 -25.82 -1.36
N LYS A 243 3.94 -26.36 -0.95
CA LYS A 243 3.92 -27.21 0.23
C LYS A 243 2.70 -28.10 0.18
N TRP A 244 2.75 -29.21 0.91
CA TRP A 244 1.56 -30.03 1.10
C TRP A 244 1.61 -30.60 2.50
N ALA A 245 0.42 -30.82 3.06
CA ALA A 245 0.29 -31.50 4.34
C ALA A 245 -0.86 -32.50 4.24
N SER A 246 -0.67 -33.69 4.76
CA SER A 246 -1.63 -34.75 4.55
C SER A 246 -2.06 -35.39 5.87
N VAL A 247 -3.27 -35.92 5.88
CA VAL A 247 -3.83 -36.59 7.05
C VAL A 247 -4.55 -37.85 6.57
N VAL A 248 -4.36 -38.97 7.29
CA VAL A 248 -5.08 -40.23 7.02
C VAL A 248 -6.43 -40.21 7.73
N VAL A 249 -7.50 -40.44 6.98
CA VAL A 249 -8.87 -40.24 7.44
C VAL A 249 -9.73 -41.43 7.00
N PRO A 250 -10.88 -41.66 7.67
CA PRO A 250 -11.80 -42.70 7.19
C PRO A 250 -12.48 -42.31 5.89
N LEU A 251 -12.53 -43.25 4.96
CA LEU A 251 -13.16 -42.99 3.67
C LEU A 251 -14.66 -42.81 3.85
N GLY A 252 -15.23 -41.85 3.11
CA GLY A 252 -16.60 -41.42 3.27
C GLY A 252 -16.82 -40.28 4.25
N LYS A 253 -15.87 -40.05 5.15
CA LYS A 253 -15.93 -39.02 6.19
C LYS A 253 -15.22 -37.73 5.78
N GLU A 254 -14.81 -37.62 4.51
CA GLU A 254 -13.92 -36.53 4.10
C GLU A 254 -14.44 -35.16 4.52
N GLN A 255 -15.76 -34.94 4.39
CA GLN A 255 -16.30 -33.61 4.70
C GLN A 255 -16.17 -33.25 6.17
N ASN A 256 -15.80 -34.21 7.03
CA ASN A 256 -15.52 -33.98 8.45
C ASN A 256 -14.17 -33.35 8.72
N TYR A 257 -13.31 -33.25 7.71
CA TYR A 257 -11.93 -32.81 7.88
C TYR A 257 -11.67 -31.57 7.04
N THR A 258 -10.89 -30.64 7.58
CA THR A 258 -10.72 -29.40 6.87
C THR A 258 -9.27 -28.97 6.86
N CYS A 259 -8.82 -28.47 5.71
CA CYS A 259 -7.50 -27.88 5.57
C CYS A 259 -7.60 -26.37 5.64
N ARG A 260 -6.64 -25.76 6.33
CA ARG A 260 -6.53 -24.31 6.42
C ARG A 260 -5.11 -23.90 6.07
N VAL A 261 -5.01 -22.82 5.29
CA VAL A 261 -3.75 -22.30 4.73
C VAL A 261 -3.58 -20.88 5.24
N TYR A 262 -2.54 -20.66 6.04
CA TYR A 262 -2.19 -19.37 6.62
C TYR A 262 -1.00 -18.79 5.86
N HIS A 263 -1.21 -17.65 5.21
CA HIS A 263 -0.17 -16.97 4.44
C HIS A 263 -0.47 -15.49 4.43
N GLU A 264 0.59 -14.68 4.51
CA GLU A 264 0.45 -13.24 4.68
C GLU A 264 -0.21 -12.59 3.49
N GLY A 265 -0.01 -13.13 2.29
CA GLY A 265 -0.66 -12.56 1.13
C GLY A 265 -2.16 -12.78 1.08
N LEU A 266 -2.70 -13.62 1.96
CA LEU A 266 -4.13 -13.82 1.92
C LEU A 266 -4.87 -12.70 2.64
N PRO A 267 -6.08 -12.36 2.18
CA PRO A 267 -6.95 -11.50 3.02
C PRO A 267 -7.28 -12.15 4.34
N GLU A 268 -7.68 -13.41 4.30
CA GLU A 268 -7.91 -14.27 5.45
C GLU A 268 -7.42 -15.66 5.09
N PRO A 269 -7.19 -16.51 6.09
CA PRO A 269 -6.73 -17.88 5.78
C PRO A 269 -7.69 -18.57 4.82
N LEU A 270 -7.15 -19.53 4.08
CA LEU A 270 -7.98 -20.37 3.23
C LEU A 270 -8.49 -21.54 4.06
N THR A 271 -9.78 -21.80 3.94
CA THR A 271 -10.40 -23.01 4.46
C THR A 271 -10.92 -23.78 3.26
N LEU A 272 -10.65 -25.08 3.22
CA LEU A 272 -11.06 -25.89 2.09
C LEU A 272 -11.18 -27.33 2.54
N ARG A 273 -12.01 -28.08 1.82
CA ARG A 273 -12.22 -29.50 2.07
C ARG A 273 -12.08 -30.24 0.74
N TRP A 274 -12.01 -31.56 0.80
CA TRP A 274 -11.96 -32.30 -0.45
C TRP A 274 -13.29 -32.20 -1.17
N GLU A 275 -13.25 -31.74 -2.42
CA GLU A 275 -14.44 -31.53 -3.24
C GLU A 275 -14.47 -32.61 -4.33
N PRO A 276 -15.52 -33.45 -4.38
CA PRO A 276 -15.62 -34.48 -5.43
C PRO A 276 -15.80 -33.94 -6.85
N ILE B 1 30.77 -33.55 12.86
CA ILE B 1 30.04 -34.38 11.92
C ILE B 1 29.83 -33.67 10.58
N GLN B 2 29.13 -34.37 9.72
CA GLN B 2 28.51 -33.87 8.51
C GLN B 2 27.01 -34.02 8.67
N LYS B 3 26.23 -33.19 7.96
CA LYS B 3 24.79 -33.22 8.05
C LYS B 3 24.24 -33.94 6.82
N THR B 4 23.25 -34.87 7.04
CA THR B 4 22.80 -35.70 5.89
C THR B 4 21.83 -34.90 5.03
N PRO B 5 22.08 -34.82 3.72
CA PRO B 5 21.21 -33.99 2.85
C PRO B 5 19.78 -34.53 2.77
N GLN B 6 18.84 -33.58 2.73
CA GLN B 6 17.43 -33.85 2.45
C GLN B 6 17.15 -33.56 0.99
N ILE B 7 16.39 -34.46 0.36
CA ILE B 7 16.16 -34.45 -1.08
C ILE B 7 14.67 -34.49 -1.38
N GLN B 8 14.19 -33.54 -2.18
CA GLN B 8 12.87 -33.67 -2.78
C GLN B 8 13.01 -33.55 -4.29
N VAL B 9 12.23 -34.33 -5.02
CA VAL B 9 12.16 -34.29 -6.48
C VAL B 9 10.70 -34.07 -6.88
N TYR B 10 10.44 -33.05 -7.69
CA TYR B 10 9.06 -32.65 -7.96
C TYR B 10 9.03 -31.77 -9.20
N SER B 11 7.87 -31.71 -9.85
CA SER B 11 7.71 -30.84 -11.01
C SER B 11 7.32 -29.43 -10.58
N ARG B 12 7.77 -28.44 -11.37
CA ARG B 12 7.37 -27.06 -11.10
C ARG B 12 5.88 -26.87 -11.27
N HIS B 13 5.33 -27.41 -12.35
CA HIS B 13 3.91 -27.35 -12.67
C HIS B 13 3.25 -28.71 -12.49
N PRO B 14 1.95 -28.76 -12.25
CA PRO B 14 1.26 -30.05 -12.05
C PRO B 14 1.55 -31.03 -13.18
N PRO B 15 1.92 -32.26 -12.86
CA PRO B 15 2.34 -33.20 -13.92
C PRO B 15 1.18 -33.54 -14.84
N GLU B 16 1.46 -33.52 -16.15
CA GLU B 16 0.52 -33.84 -17.22
C GLU B 16 1.29 -34.70 -18.20
N ASN B 17 0.88 -35.96 -18.41
CA ASN B 17 1.61 -36.80 -19.35
C ASN B 17 1.60 -36.16 -20.73
N GLY B 18 2.76 -36.16 -21.38
CA GLY B 18 2.91 -35.55 -22.67
C GLY B 18 3.13 -34.04 -22.68
N LYS B 19 2.92 -33.35 -21.54
CA LYS B 19 3.09 -31.90 -21.54
C LYS B 19 4.44 -31.49 -20.98
N PRO B 20 5.18 -30.66 -21.71
CA PRO B 20 6.47 -30.18 -21.22
C PRO B 20 6.35 -29.44 -19.89
N ASN B 21 7.36 -29.61 -19.05
CA ASN B 21 7.36 -29.19 -17.66
C ASN B 21 8.82 -29.01 -17.22
N ILE B 22 9.01 -28.65 -15.95
CA ILE B 22 10.34 -28.54 -15.35
C ILE B 22 10.38 -29.48 -14.15
N LEU B 23 11.48 -30.23 -14.05
CA LEU B 23 11.74 -31.12 -12.92
C LEU B 23 12.78 -30.47 -12.00
N ASN B 24 12.49 -30.50 -10.71
CA ASN B 24 13.32 -29.96 -9.66
C ASN B 24 13.85 -31.07 -8.76
N CYS B 25 15.07 -30.88 -8.29
CA CYS B 25 15.70 -31.64 -7.22
C CYS B 25 16.26 -30.63 -6.24
N TYR B 26 15.66 -30.55 -5.07
CA TYR B 26 15.99 -29.59 -4.03
C TYR B 26 16.71 -30.34 -2.92
N VAL B 27 17.96 -29.95 -2.67
CA VAL B 27 18.80 -30.60 -1.67
C VAL B 27 19.12 -29.58 -0.59
N THR B 28 18.92 -29.97 0.66
CA THR B 28 18.98 -29.03 1.76
C THR B 28 19.73 -29.67 2.92
N GLN B 29 20.16 -28.81 3.85
CA GLN B 29 20.66 -29.24 5.15
C GLN B 29 21.85 -30.18 5.03
N PHE B 30 22.75 -29.91 4.10
CA PHE B 30 23.99 -30.66 4.01
C PHE B 30 25.16 -29.75 4.37
N HIS B 31 26.18 -30.35 4.99
CA HIS B 31 27.46 -29.70 5.23
C HIS B 31 28.53 -30.78 5.08
N PRO B 32 29.68 -30.49 4.46
CA PRO B 32 30.26 -29.27 3.85
C PRO B 32 29.57 -28.87 2.53
N PRO B 33 29.87 -27.68 2.00
CA PRO B 33 29.11 -27.18 0.84
C PRO B 33 29.33 -27.98 -0.44
N HIS B 34 30.33 -28.87 -0.53
CA HIS B 34 30.54 -29.59 -1.77
C HIS B 34 29.60 -30.78 -1.87
N ILE B 35 29.01 -30.96 -3.06
CA ILE B 35 28.00 -31.97 -3.26
C ILE B 35 27.94 -32.27 -4.75
N GLU B 36 27.40 -33.42 -5.10
CA GLU B 36 27.24 -33.81 -6.48
C GLU B 36 25.79 -34.20 -6.69
N ILE B 37 25.19 -33.64 -7.72
CA ILE B 37 23.77 -33.83 -8.01
C ILE B 37 23.63 -34.18 -9.48
N GLN B 38 23.00 -35.32 -9.75
CA GLN B 38 22.66 -35.72 -11.11
C GLN B 38 21.16 -35.96 -11.24
N MET B 39 20.61 -35.66 -12.39
CA MET B 39 19.22 -35.95 -12.67
C MET B 39 19.13 -36.98 -13.76
N LEU B 40 18.29 -38.00 -13.54
CA LEU B 40 18.24 -39.18 -14.37
C LEU B 40 16.86 -39.33 -14.99
N LYS B 41 16.85 -39.51 -16.30
CA LYS B 41 15.71 -40.02 -17.05
C LYS B 41 16.03 -41.45 -17.43
N ASN B 42 15.24 -42.39 -16.92
CA ASN B 42 15.43 -43.82 -17.18
C ASN B 42 16.85 -44.27 -16.77
N GLY B 43 17.27 -43.85 -15.59
CA GLY B 43 18.57 -44.22 -15.09
C GLY B 43 19.75 -43.65 -15.84
N LYS B 44 19.52 -42.81 -16.84
CA LYS B 44 20.60 -42.23 -17.63
C LYS B 44 20.68 -40.74 -17.35
N LYS B 45 21.89 -40.19 -17.35
CA LYS B 45 22.12 -38.81 -16.93
C LYS B 45 21.59 -37.82 -17.95
N ILE B 46 20.80 -36.87 -17.47
CA ILE B 46 20.21 -35.83 -18.30
C ILE B 46 21.30 -34.78 -18.59
N PRO B 47 21.49 -34.39 -19.87
CA PRO B 47 22.71 -33.65 -20.24
C PRO B 47 22.93 -32.26 -19.64
N LYS B 48 21.96 -31.37 -19.76
CA LYS B 48 22.15 -29.98 -19.37
C LYS B 48 21.21 -29.68 -18.21
N VAL B 49 21.79 -29.53 -17.03
CA VAL B 49 21.03 -29.43 -15.80
C VAL B 49 21.42 -28.12 -15.14
N GLU B 50 20.44 -27.27 -14.91
CA GLU B 50 20.75 -25.98 -14.33
C GLU B 50 20.77 -26.12 -12.82
N MET B 51 21.64 -25.33 -12.20
CA MET B 51 22.00 -25.52 -10.80
C MET B 51 22.06 -24.15 -10.16
N SER B 52 21.32 -23.93 -9.06
CA SER B 52 21.36 -22.65 -8.41
C SER B 52 22.70 -22.47 -7.67
N ASP B 53 23.00 -21.23 -7.33
CA ASP B 53 24.26 -20.86 -6.67
C ASP B 53 24.30 -21.30 -5.21
N MET B 54 25.52 -21.33 -4.67
CA MET B 54 25.75 -21.80 -3.32
C MET B 54 25.11 -20.83 -2.33
N SER B 55 24.20 -21.35 -1.52
CA SER B 55 23.58 -20.58 -0.47
C SER B 55 23.48 -21.45 0.77
N PHE B 56 23.43 -20.81 1.93
CA PHE B 56 23.24 -21.52 3.18
C PHE B 56 22.20 -20.81 4.05
N SER B 57 21.74 -21.51 5.08
CA SER B 57 20.65 -21.08 5.94
C SER B 57 21.17 -20.55 7.26
N LYS B 58 20.25 -20.02 8.06
CA LYS B 58 20.61 -19.52 9.38
C LYS B 58 21.15 -20.61 10.28
N ASP B 59 20.82 -21.88 10.03
CA ASP B 59 21.41 -22.98 10.79
C ASP B 59 22.80 -23.40 10.27
N TRP B 60 23.33 -22.66 9.30
CA TRP B 60 24.65 -22.73 8.67
C TRP B 60 24.68 -23.79 7.58
N SER B 61 23.61 -24.60 7.43
CA SER B 61 23.58 -25.63 6.40
C SER B 61 23.25 -25.04 5.02
N PHE B 62 23.66 -25.77 3.99
CA PHE B 62 23.64 -25.37 2.59
C PHE B 62 22.48 -26.03 1.84
N TYR B 63 22.01 -25.35 0.79
CA TYR B 63 20.94 -25.82 -0.07
C TYR B 63 21.17 -25.44 -1.54
N ILE B 64 20.58 -26.25 -2.42
CA ILE B 64 20.75 -26.13 -3.86
C ILE B 64 19.46 -26.55 -4.53
N LEU B 65 19.11 -25.86 -5.61
CA LEU B 65 18.09 -26.32 -6.53
C LEU B 65 18.74 -26.70 -7.85
N ALA B 66 18.52 -27.93 -8.27
CA ALA B 66 18.83 -28.39 -9.60
C ALA B 66 17.51 -28.50 -10.34
N HIS B 67 17.52 -28.20 -11.63
CA HIS B 67 16.30 -28.31 -12.40
C HIS B 67 16.61 -28.55 -13.86
N THR B 68 15.66 -29.16 -14.55
CA THR B 68 15.82 -29.46 -15.97
C THR B 68 14.44 -29.46 -16.64
N GLU B 69 14.41 -29.15 -17.92
CA GLU B 69 13.17 -29.36 -18.65
C GLU B 69 12.92 -30.86 -18.82
N PHE B 70 11.65 -31.26 -18.79
CA PHE B 70 11.29 -32.64 -19.06
C PHE B 70 9.82 -32.73 -19.47
N THR B 71 9.48 -33.81 -20.17
CA THR B 71 8.07 -34.11 -20.47
C THR B 71 7.67 -35.41 -19.79
N PRO B 72 6.85 -35.38 -18.74
CA PRO B 72 6.50 -36.62 -18.05
C PRO B 72 5.69 -37.55 -18.95
N THR B 73 5.98 -38.84 -18.86
CA THR B 73 5.20 -39.88 -19.54
C THR B 73 4.88 -40.97 -18.52
N GLU B 74 4.13 -41.97 -18.98
CA GLU B 74 3.82 -43.11 -18.12
C GLU B 74 4.96 -44.11 -18.04
N THR B 75 5.79 -44.18 -19.08
CA THR B 75 6.86 -45.16 -19.20
C THR B 75 8.23 -44.68 -18.72
N ASP B 76 8.41 -43.38 -18.50
CA ASP B 76 9.72 -42.81 -18.21
C ASP B 76 9.84 -42.51 -16.71
N THR B 77 10.96 -42.89 -16.12
CA THR B 77 11.21 -42.60 -14.71
C THR B 77 12.26 -41.51 -14.58
N TYR B 78 12.09 -40.64 -13.59
CA TYR B 78 13.04 -39.57 -13.33
C TYR B 78 13.43 -39.62 -11.86
N ALA B 79 14.68 -39.23 -11.59
CA ALA B 79 15.24 -39.37 -10.26
C ALA B 79 16.41 -38.42 -10.11
N CYS B 80 16.83 -38.24 -8.86
CA CYS B 80 17.96 -37.39 -8.51
C CYS B 80 18.95 -38.22 -7.72
N ARG B 81 20.17 -38.35 -8.25
CA ARG B 81 21.25 -39.05 -7.56
C ARG B 81 22.17 -38.01 -6.93
N VAL B 82 22.51 -38.22 -5.67
CA VAL B 82 23.24 -37.24 -4.88
C VAL B 82 24.38 -37.93 -4.15
N LYS B 83 25.60 -37.42 -4.36
CA LYS B 83 26.82 -37.86 -3.69
C LYS B 83 27.26 -36.77 -2.72
N HIS B 84 27.49 -37.15 -1.47
CA HIS B 84 27.95 -36.20 -0.46
C HIS B 84 28.79 -36.93 0.59
N ASP B 85 29.71 -36.19 1.20
CA ASP B 85 30.63 -36.77 2.19
C ASP B 85 29.92 -37.36 3.39
N SER B 86 28.69 -36.91 3.66
CA SER B 86 27.92 -37.34 4.82
C SER B 86 27.28 -38.71 4.67
N MET B 87 27.30 -39.29 3.46
CA MET B 87 26.58 -40.52 3.19
C MET B 87 27.53 -41.54 2.59
N ALA B 88 27.38 -42.79 3.02
CA ALA B 88 28.31 -43.84 2.59
C ALA B 88 28.30 -44.02 1.09
N GLU B 89 27.13 -44.16 0.48
CA GLU B 89 26.98 -44.37 -0.93
C GLU B 89 26.03 -43.32 -1.49
N PRO B 90 26.01 -43.11 -2.81
CA PRO B 90 25.07 -42.15 -3.39
C PRO B 90 23.62 -42.52 -3.08
N LYS B 91 22.79 -41.49 -2.90
CA LYS B 91 21.37 -41.68 -2.67
C LYS B 91 20.59 -41.24 -3.91
N THR B 92 19.66 -42.08 -4.35
CA THR B 92 18.77 -41.77 -5.48
C THR B 92 17.35 -41.61 -4.96
N VAL B 93 16.71 -40.50 -5.34
CA VAL B 93 15.31 -40.25 -5.00
C VAL B 93 14.53 -40.15 -6.30
N TYR B 94 13.55 -41.03 -6.46
CA TYR B 94 12.74 -41.07 -7.67
C TYR B 94 11.60 -40.07 -7.56
N TRP B 95 11.23 -39.51 -8.70
CA TRP B 95 10.09 -38.61 -8.77
C TRP B 95 8.78 -39.34 -8.53
N ASP B 96 7.95 -38.81 -7.64
CA ASP B 96 6.59 -39.28 -7.43
C ASP B 96 5.67 -38.11 -7.72
N ARG B 97 4.88 -38.23 -8.79
CA ARG B 97 4.03 -37.13 -9.25
C ARG B 97 2.94 -36.75 -8.23
N ASP B 98 2.68 -37.58 -7.23
CA ASP B 98 1.70 -37.27 -6.19
C ASP B 98 2.32 -36.56 -5.01
N MET B 99 3.62 -36.29 -5.03
CA MET B 99 4.24 -35.73 -3.83
C MET B 99 5.10 -34.51 -4.11
N GLY C 1 -4.71 3.02 -8.60
CA GLY C 1 -4.42 3.56 -9.91
C GLY C 1 -5.04 2.76 -11.04
N PRO C 2 -4.98 3.28 -12.27
CA PRO C 2 -5.47 2.52 -13.42
C PRO C 2 -4.40 1.56 -13.96
N HIS C 3 -4.80 0.78 -14.96
CA HIS C 3 -3.94 -0.28 -15.47
C HIS C 3 -4.15 -0.40 -16.96
N SER C 4 -3.17 -0.99 -17.63
CA SER C 4 -3.23 -1.10 -19.08
C SER C 4 -2.48 -2.34 -19.56
N MET C 5 -2.91 -2.85 -20.71
CA MET C 5 -2.10 -3.78 -21.48
C MET C 5 -2.05 -3.36 -22.95
N ARG C 6 -0.86 -3.52 -23.56
CA ARG C 6 -0.71 -3.28 -24.99
C ARG C 6 0.26 -4.23 -25.65
N TYR C 7 -0.05 -4.54 -26.89
CA TYR C 7 0.86 -5.22 -27.78
C TYR C 7 1.13 -4.25 -28.91
N PHE C 8 2.41 -3.92 -29.05
CA PHE C 8 2.94 -3.12 -30.14
C PHE C 8 3.58 -4.07 -31.14
N GLU C 9 3.02 -4.16 -32.34
CA GLU C 9 3.55 -5.05 -33.36
C GLU C 9 4.00 -4.24 -34.55
N THR C 10 5.09 -4.68 -35.16
CA THR C 10 5.71 -4.05 -36.31
C THR C 10 6.11 -5.12 -37.31
N ALA C 11 5.87 -4.85 -38.60
CA ALA C 11 6.42 -5.65 -39.67
C ALA C 11 7.14 -4.70 -40.61
N VAL C 12 8.40 -5.01 -40.89
CA VAL C 12 9.26 -4.17 -41.73
C VAL C 12 9.79 -5.01 -42.89
N SER C 13 9.68 -4.47 -44.10
CA SER C 13 10.30 -5.07 -45.28
C SER C 13 11.26 -4.04 -45.86
N ARG C 14 12.58 -4.26 -45.71
CA ARG C 14 13.57 -3.64 -46.59
C ARG C 14 13.81 -4.30 -47.96
N PRO C 15 14.26 -5.62 -48.00
CA PRO C 15 14.67 -6.21 -49.29
C PRO C 15 13.60 -7.05 -49.96
N GLY C 16 13.93 -7.64 -51.11
CA GLY C 16 13.02 -8.54 -51.78
C GLY C 16 13.22 -10.05 -51.71
N LEU C 17 14.42 -10.52 -51.35
CA LEU C 17 14.60 -11.97 -51.30
C LEU C 17 14.03 -12.57 -50.01
N GLU C 18 13.93 -11.78 -48.94
CA GLU C 18 13.59 -12.29 -47.63
C GLU C 18 12.21 -11.77 -47.19
N GLU C 19 11.56 -12.55 -46.33
CA GLU C 19 10.28 -12.17 -45.76
C GLU C 19 10.45 -11.08 -44.70
N PRO C 20 9.43 -10.24 -44.49
CA PRO C 20 9.55 -9.13 -43.54
C PRO C 20 9.92 -9.56 -42.13
N ARG C 21 10.53 -8.62 -41.41
CA ARG C 21 10.78 -8.82 -39.99
C ARG C 21 9.55 -8.45 -39.18
N TYR C 22 9.19 -9.31 -38.23
CA TYR C 22 8.00 -9.11 -37.40
C TYR C 22 8.45 -9.05 -35.95
N ILE C 23 8.00 -8.02 -35.23
CA ILE C 23 8.38 -7.83 -33.84
C ILE C 23 7.13 -7.50 -33.05
N SER C 24 6.94 -8.16 -31.91
CA SER C 24 5.77 -7.93 -31.07
C SER C 24 6.23 -7.71 -29.63
N VAL C 25 5.76 -6.64 -29.01
CA VAL C 25 6.18 -6.31 -27.64
C VAL C 25 4.91 -6.16 -26.80
N GLY C 26 4.89 -6.88 -25.67
CA GLY C 26 3.82 -6.69 -24.71
C GLY C 26 4.18 -5.71 -23.62
N TYR C 27 3.16 -5.02 -23.11
CA TYR C 27 3.29 -4.08 -22.00
C TYR C 27 2.12 -4.30 -21.06
N VAL C 28 2.45 -4.39 -19.78
CA VAL C 28 1.50 -4.25 -18.68
C VAL C 28 1.90 -3.00 -17.91
N ASP C 29 0.94 -2.10 -17.71
CA ASP C 29 1.16 -0.78 -17.09
C ASP C 29 2.41 -0.11 -17.66
N ASN C 30 2.46 -0.05 -18.99
CA ASN C 30 3.54 0.60 -19.73
C ASN C 30 4.91 0.03 -19.41
N LYS C 31 4.99 -1.20 -18.90
CA LYS C 31 6.27 -1.89 -18.73
C LYS C 31 6.27 -3.18 -19.55
N GLU C 32 7.37 -3.43 -20.25
CA GLU C 32 7.45 -4.49 -21.28
C GLU C 32 7.57 -5.86 -20.59
N PHE C 33 6.55 -6.71 -20.73
CA PHE C 33 6.65 -8.01 -20.08
C PHE C 33 6.94 -9.20 -20.98
N VAL C 34 6.82 -9.08 -22.31
CA VAL C 34 7.03 -10.18 -23.24
C VAL C 34 7.49 -9.59 -24.57
N ARG C 35 8.23 -10.39 -25.35
CA ARG C 35 8.63 -9.90 -26.67
C ARG C 35 8.85 -11.06 -27.62
N PHE C 36 8.52 -10.82 -28.90
CA PHE C 36 8.72 -11.74 -29.99
C PHE C 36 9.43 -11.01 -31.12
N ASP C 37 10.51 -11.61 -31.63
CA ASP C 37 11.27 -11.06 -32.75
C ASP C 37 11.57 -12.17 -33.75
N SER C 38 11.17 -11.97 -35.02
CA SER C 38 11.37 -13.00 -36.03
C SER C 38 12.82 -13.11 -36.48
N ASP C 39 13.68 -12.17 -36.07
CA ASP C 39 15.09 -12.18 -36.43
C ASP C 39 15.92 -13.01 -35.46
N ALA C 40 15.35 -13.45 -34.35
CA ALA C 40 16.09 -14.27 -33.41
C ALA C 40 16.29 -15.67 -33.96
N GLU C 41 17.41 -16.30 -33.59
CA GLU C 41 17.73 -17.63 -34.12
C GLU C 41 16.59 -18.61 -33.87
N ASN C 42 15.98 -18.55 -32.69
CA ASN C 42 14.84 -19.39 -32.35
C ASN C 42 13.64 -18.49 -32.03
N PRO C 43 12.88 -18.08 -33.04
CA PRO C 43 11.77 -17.14 -32.78
C PRO C 43 10.77 -17.73 -31.79
N ARG C 44 10.52 -16.97 -30.73
CA ARG C 44 9.64 -17.37 -29.63
C ARG C 44 9.20 -16.10 -28.89
N TYR C 45 8.08 -16.20 -28.18
CA TYR C 45 7.79 -15.19 -27.16
C TYR C 45 8.65 -15.46 -25.92
N GLU C 46 9.38 -14.43 -25.46
CA GLU C 46 10.17 -14.57 -24.23
C GLU C 46 9.68 -13.62 -23.13
N PRO C 47 9.82 -14.00 -21.85
CA PRO C 47 9.51 -13.09 -20.73
C PRO C 47 10.53 -11.96 -20.66
N ARG C 48 10.04 -10.74 -20.57
CA ARG C 48 10.85 -9.55 -20.28
C ARG C 48 10.68 -9.03 -18.86
N ALA C 49 9.87 -9.67 -18.04
CA ALA C 49 9.67 -9.30 -16.66
C ALA C 49 9.79 -10.55 -15.78
N PRO C 50 10.37 -10.42 -14.58
CA PRO C 50 10.65 -11.62 -13.79
C PRO C 50 9.40 -12.39 -13.43
N TRP C 51 8.31 -11.68 -13.10
CA TRP C 51 7.07 -12.32 -12.70
C TRP C 51 6.46 -13.18 -13.80
N MET C 52 6.94 -13.07 -15.05
CA MET C 52 6.45 -13.93 -16.12
C MET C 52 7.05 -15.34 -16.07
N GLU C 53 8.10 -15.58 -15.28
CA GLU C 53 8.62 -16.94 -15.18
C GLU C 53 7.55 -17.91 -14.69
N GLN C 54 6.58 -17.41 -13.90
CA GLN C 54 5.44 -18.22 -13.46
C GLN C 54 4.69 -18.91 -14.58
N GLU C 55 4.67 -18.31 -15.79
CA GLU C 55 3.91 -18.91 -16.88
C GLU C 55 4.59 -20.19 -17.32
N GLY C 56 3.78 -21.21 -17.63
CA GLY C 56 4.29 -22.51 -17.99
C GLY C 56 4.63 -22.66 -19.46
N PRO C 57 5.32 -23.75 -19.80
CA PRO C 57 5.69 -24.01 -21.22
C PRO C 57 4.53 -23.90 -22.20
N GLU C 58 3.34 -24.34 -21.80
CA GLU C 58 2.18 -24.30 -22.69
C GLU C 58 1.84 -22.88 -23.11
N TYR C 59 1.82 -21.96 -22.15
CA TYR C 59 1.63 -20.54 -22.43
C TYR C 59 2.59 -20.07 -23.52
N TRP C 60 3.87 -20.40 -23.37
CA TRP C 60 4.87 -19.88 -24.29
C TRP C 60 4.72 -20.51 -25.68
N GLU C 61 4.29 -21.78 -25.75
CA GLU C 61 4.08 -22.43 -27.05
C GLU C 61 2.84 -21.86 -27.76
N ARG C 62 1.74 -21.69 -27.02
CA ARG C 62 0.53 -21.08 -27.56
C ARG C 62 0.80 -19.68 -28.09
N GLU C 63 1.51 -18.84 -27.30
CA GLU C 63 1.73 -17.45 -27.71
C GLU C 63 2.69 -17.36 -28.87
N THR C 64 3.69 -18.24 -28.92
CA THR C 64 4.56 -18.30 -30.09
C THR C 64 3.79 -18.69 -31.34
N GLN C 65 2.88 -19.67 -31.24
CA GLN C 65 2.10 -20.04 -32.41
C GLN C 65 1.26 -18.86 -32.90
N LYS C 66 0.58 -18.18 -31.96
CA LYS C 66 -0.13 -16.95 -32.32
C LYS C 66 0.78 -15.97 -33.05
N ALA C 67 2.02 -15.79 -32.55
CA ALA C 67 2.92 -14.82 -33.18
C ALA C 67 3.26 -15.23 -34.61
N LYS C 68 3.44 -16.52 -34.87
CA LYS C 68 3.75 -16.87 -36.25
C LYS C 68 2.53 -16.65 -37.14
N GLY C 69 1.33 -16.84 -36.57
CA GLY C 69 0.13 -16.41 -37.26
C GLY C 69 0.17 -14.93 -37.64
N GLN C 70 0.45 -14.06 -36.64
CA GLN C 70 0.53 -12.62 -36.89
C GLN C 70 1.56 -12.32 -37.98
N GLU C 71 2.73 -12.97 -37.92
CA GLU C 71 3.74 -12.77 -38.95
C GLU C 71 3.16 -13.00 -40.35
N GLN C 72 2.47 -14.12 -40.55
CA GLN C 72 1.82 -14.33 -41.85
C GLN C 72 0.82 -13.21 -42.18
N TRP C 73 -0.05 -12.86 -41.21
CA TRP C 73 -1.05 -11.81 -41.44
C TRP C 73 -0.41 -10.52 -41.90
N PHE C 74 0.68 -10.13 -41.23
CA PHE C 74 1.40 -8.91 -41.58
C PHE C 74 2.05 -9.04 -42.96
N ARG C 75 2.52 -10.24 -43.34
CA ARG C 75 3.12 -10.41 -44.66
C ARG C 75 2.10 -10.13 -45.77
N VAL C 76 0.95 -10.81 -45.70
CA VAL C 76 -0.14 -10.54 -46.64
C VAL C 76 -0.48 -9.06 -46.66
N SER C 77 -0.78 -8.48 -45.48
CA SER C 77 -1.20 -7.09 -45.40
C SER C 77 -0.16 -6.14 -46.01
N LEU C 78 1.12 -6.39 -45.77
CA LEU C 78 2.16 -5.57 -46.41
C LEU C 78 2.01 -5.61 -47.93
N ARG C 79 1.80 -6.80 -48.51
CA ARG C 79 1.71 -6.84 -49.97
C ARG C 79 0.46 -6.11 -50.48
N ASN C 80 -0.69 -6.33 -49.83
CA ASN C 80 -1.86 -5.55 -50.21
C ASN C 80 -1.60 -4.05 -50.10
N LEU C 81 -0.88 -3.60 -49.08
CA LEU C 81 -0.69 -2.16 -48.93
C LEU C 81 0.16 -1.61 -50.06
N LEU C 82 1.15 -2.39 -50.49
CA LEU C 82 1.92 -2.03 -51.68
C LEU C 82 1.00 -1.80 -52.88
N GLY C 83 0.02 -2.69 -53.09
CA GLY C 83 -0.96 -2.44 -54.14
C GLY C 83 -1.76 -1.17 -53.94
N TYR C 84 -2.38 -1.02 -52.76
CA TYR C 84 -3.28 0.12 -52.52
C TYR C 84 -2.60 1.45 -52.78
N TYR C 85 -1.31 1.57 -52.46
CA TYR C 85 -0.63 2.84 -52.54
C TYR C 85 0.16 3.01 -53.83
N ASN C 86 0.04 2.06 -54.76
CA ASN C 86 0.75 2.11 -56.02
C ASN C 86 2.25 2.33 -55.81
N GLN C 87 2.79 1.65 -54.80
CA GLN C 87 4.23 1.63 -54.60
C GLN C 87 4.78 0.41 -55.37
N SER C 88 5.91 0.58 -56.04
CA SER C 88 6.26 -0.55 -56.88
C SER C 88 7.13 -1.60 -56.19
N ALA C 89 8.43 -1.35 -56.12
CA ALA C 89 9.32 -2.29 -55.47
C ALA C 89 10.60 -1.57 -55.09
N GLY C 90 11.25 -2.03 -54.02
CA GLY C 90 12.49 -1.41 -53.62
C GLY C 90 12.36 -0.29 -52.61
N GLY C 91 11.20 -0.14 -51.97
CA GLY C 91 11.06 0.78 -50.87
C GLY C 91 11.17 0.09 -49.53
N SER C 92 11.20 0.90 -48.49
CA SER C 92 11.08 0.38 -47.14
C SER C 92 9.67 0.68 -46.66
N HIS C 93 8.98 -0.34 -46.17
CA HIS C 93 7.58 -0.16 -45.80
C HIS C 93 7.38 -0.70 -44.40
N THR C 94 6.55 0.01 -43.62
CA THR C 94 6.36 -0.36 -42.22
C THR C 94 4.88 -0.47 -41.94
N LEU C 95 4.49 -1.54 -41.28
CA LEU C 95 3.11 -1.65 -40.84
C LEU C 95 3.10 -1.97 -39.35
N GLN C 96 2.33 -1.19 -38.58
CA GLN C 96 2.33 -1.30 -37.14
C GLN C 96 0.91 -1.40 -36.59
N GLN C 97 0.82 -2.02 -35.42
CA GLN C 97 -0.44 -2.29 -34.77
C GLN C 97 -0.29 -2.02 -33.29
N MET C 98 -1.30 -1.38 -32.69
CA MET C 98 -1.37 -1.22 -31.24
C MET C 98 -2.71 -1.79 -30.83
N SER C 99 -2.70 -2.75 -29.91
CA SER C 99 -3.97 -3.22 -29.41
C SER C 99 -3.84 -3.42 -27.91
N GLY C 100 -4.98 -3.43 -27.23
CA GLY C 100 -4.91 -3.60 -25.79
C GLY C 100 -6.15 -3.06 -25.10
N CYS C 101 -6.03 -2.95 -23.78
CA CYS C 101 -7.16 -2.49 -22.99
C CYS C 101 -6.65 -1.64 -21.84
N ASP C 102 -7.48 -0.67 -21.48
CA ASP C 102 -7.30 0.15 -20.29
C ASP C 102 -8.36 -0.20 -19.25
N LEU C 103 -7.89 -0.46 -18.04
CA LEU C 103 -8.74 -0.69 -16.89
C LEU C 103 -8.65 0.49 -15.93
N GLY C 104 -9.77 0.77 -15.26
CA GLY C 104 -9.82 1.70 -14.16
C GLY C 104 -9.19 1.17 -12.89
N SER C 105 -9.31 1.96 -11.82
CA SER C 105 -8.75 1.57 -10.53
C SER C 105 -9.55 0.44 -9.90
N ASP C 106 -10.75 0.18 -10.42
CA ASP C 106 -11.59 -0.94 -10.02
C ASP C 106 -11.30 -2.20 -10.81
N TRP C 107 -10.25 -2.20 -11.64
CA TRP C 107 -9.87 -3.30 -12.54
C TRP C 107 -10.94 -3.59 -13.56
N ARG C 108 -11.77 -2.62 -13.85
CA ARG C 108 -12.92 -2.81 -14.72
C ARG C 108 -12.60 -2.18 -16.07
N LEU C 109 -13.17 -2.75 -17.13
CA LEU C 109 -12.71 -2.32 -18.44
C LEU C 109 -13.18 -0.90 -18.70
N LEU C 110 -12.22 0.00 -18.87
CA LEU C 110 -12.39 1.39 -19.29
C LEU C 110 -12.45 1.58 -20.81
N ARG C 111 -11.48 1.02 -21.56
CA ARG C 111 -11.48 1.22 -23.01
C ARG C 111 -10.75 0.05 -23.71
N GLY C 112 -11.26 -0.33 -24.88
CA GLY C 112 -10.54 -1.21 -25.81
C GLY C 112 -9.80 -0.40 -26.87
N TYR C 113 -8.71 -0.98 -27.45
CA TYR C 113 -7.93 -0.33 -28.53
C TYR C 113 -7.53 -1.30 -29.61
N LEU C 114 -7.76 -0.87 -30.84
CA LEU C 114 -7.11 -1.44 -32.01
C LEU C 114 -6.79 -0.32 -32.99
N GLN C 115 -5.51 -0.19 -33.39
CA GLN C 115 -5.22 0.73 -34.49
C GLN C 115 -3.98 0.27 -35.27
N PHE C 116 -3.96 0.65 -36.55
CA PHE C 116 -2.92 0.30 -37.50
C PHE C 116 -2.39 1.55 -38.15
N ALA C 117 -1.09 1.47 -38.49
CA ALA C 117 -0.37 2.52 -39.20
C ALA C 117 0.46 1.96 -40.34
N TYR C 118 0.51 2.70 -41.44
CA TYR C 118 1.36 2.36 -42.56
C TYR C 118 2.35 3.51 -42.77
N GLU C 119 3.63 3.19 -42.92
CA GLU C 119 4.68 4.22 -42.97
C GLU C 119 4.56 5.19 -41.80
N GLY C 120 4.26 4.67 -40.62
CA GLY C 120 4.20 5.54 -39.46
C GLY C 120 3.06 6.53 -39.50
N ARG C 121 2.08 6.33 -40.35
CA ARG C 121 0.94 7.21 -40.41
C ARG C 121 -0.29 6.40 -40.13
N ASP C 122 -1.22 7.02 -39.40
CA ASP C 122 -2.45 6.34 -39.03
C ASP C 122 -3.12 5.79 -40.27
N TYR C 123 -3.47 4.52 -40.21
CA TYR C 123 -4.14 3.87 -41.32
C TYR C 123 -5.58 3.57 -40.96
N ILE C 124 -5.84 2.74 -39.96
CA ILE C 124 -7.23 2.48 -39.62
C ILE C 124 -7.31 2.20 -38.12
N ALA C 125 -8.48 2.46 -37.54
CA ALA C 125 -8.64 2.32 -36.10
C ALA C 125 -10.05 1.87 -35.74
N LEU C 126 -10.16 1.02 -34.74
CA LEU C 126 -11.47 0.68 -34.18
C LEU C 126 -11.94 1.83 -33.31
N ASN C 127 -13.20 2.22 -33.47
CA ASN C 127 -13.73 3.30 -32.64
C ASN C 127 -14.03 2.76 -31.23
N GLU C 128 -14.12 3.69 -30.28
CA GLU C 128 -14.24 3.27 -28.89
C GLU C 128 -15.51 2.50 -28.61
N ASP C 129 -16.56 2.68 -29.41
CA ASP C 129 -17.67 1.71 -29.43
C ASP C 129 -17.21 0.27 -29.59
N LEU C 130 -16.15 0.06 -30.39
CA LEU C 130 -15.68 -1.24 -30.87
C LEU C 130 -16.69 -1.91 -31.79
N LYS C 131 -17.65 -1.17 -32.34
CA LYS C 131 -18.39 -1.66 -33.50
C LYS C 131 -17.97 -1.04 -34.85
N THR C 132 -17.28 0.10 -34.88
CA THR C 132 -17.05 0.81 -36.13
C THR C 132 -15.60 1.28 -36.23
N TRP C 133 -15.20 1.59 -37.47
CA TRP C 133 -13.83 1.95 -37.81
C TRP C 133 -13.72 3.40 -38.27
N THR C 134 -12.68 4.08 -37.82
CA THR C 134 -12.24 5.33 -38.41
C THR C 134 -11.11 5.04 -39.39
N ALA C 135 -11.33 5.38 -40.66
CA ALA C 135 -10.40 5.11 -41.75
C ALA C 135 -9.83 6.42 -42.26
N ALA C 136 -8.52 6.58 -42.14
CA ALA C 136 -7.86 7.85 -42.41
C ALA C 136 -7.79 8.16 -43.91
N ASP C 137 -7.06 7.33 -44.66
CA ASP C 137 -6.80 7.60 -46.06
C ASP C 137 -7.96 7.15 -46.93
N MET C 138 -7.84 7.46 -48.24
CA MET C 138 -8.71 6.86 -49.24
C MET C 138 -8.52 5.35 -49.29
N ALA C 139 -7.25 4.90 -49.32
CA ALA C 139 -6.95 3.48 -49.36
C ALA C 139 -7.51 2.75 -48.14
N ALA C 140 -7.47 3.40 -46.97
CA ALA C 140 -7.98 2.75 -45.75
C ALA C 140 -9.48 2.53 -45.81
N GLN C 141 -10.19 3.29 -46.65
CA GLN C 141 -11.62 3.08 -46.77
C GLN C 141 -11.93 1.72 -47.41
N ILE C 142 -11.11 1.29 -48.37
CA ILE C 142 -11.21 -0.07 -48.94
C ILE C 142 -11.15 -1.13 -47.84
N THR C 143 -10.13 -1.03 -46.98
CA THR C 143 -10.02 -1.95 -45.87
C THR C 143 -11.23 -1.83 -44.95
N ARG C 144 -11.74 -0.59 -44.77
CA ARG C 144 -12.90 -0.41 -43.90
C ARG C 144 -14.11 -1.20 -44.43
N ARG C 145 -14.47 -0.97 -45.71
CA ARG C 145 -15.59 -1.71 -46.29
CA ARG C 145 -15.58 -1.71 -46.31
C ARG C 145 -15.38 -3.20 -46.16
N LYS C 146 -14.16 -3.67 -46.45
CA LYS C 146 -13.91 -5.10 -46.46
C LYS C 146 -14.05 -5.69 -45.06
N TRP C 147 -13.69 -4.93 -44.03
CA TRP C 147 -13.80 -5.39 -42.65
C TRP C 147 -15.20 -5.22 -42.08
N GLU C 148 -16.02 -4.34 -42.67
CA GLU C 148 -17.41 -4.24 -42.23
C GLU C 148 -18.20 -5.44 -42.73
N GLN C 149 -17.91 -5.89 -43.96
CA GLN C 149 -18.56 -7.09 -44.47
C GLN C 149 -18.05 -8.34 -43.78
N SER C 150 -16.82 -8.33 -43.27
CA SER C 150 -16.24 -9.53 -42.68
C SER C 150 -16.45 -9.64 -41.18
N GLY C 151 -17.15 -8.69 -40.56
CA GLY C 151 -17.39 -8.76 -39.13
C GLY C 151 -16.12 -8.77 -38.30
N ALA C 152 -15.10 -8.03 -38.75
CA ALA C 152 -13.83 -8.00 -38.04
C ALA C 152 -13.99 -7.37 -36.66
N ALA C 153 -14.79 -6.30 -36.58
CA ALA C 153 -14.95 -5.58 -35.32
C ALA C 153 -15.58 -6.44 -34.24
N GLU C 154 -16.48 -7.36 -34.61
CA GLU C 154 -17.00 -8.30 -33.62
C GLU C 154 -15.88 -9.18 -33.07
N HIS C 155 -15.00 -9.64 -33.97
CA HIS C 155 -13.86 -10.48 -33.60
C HIS C 155 -12.95 -9.78 -32.60
N TYR C 156 -12.50 -8.56 -32.94
CA TYR C 156 -11.61 -7.84 -32.04
C TYR C 156 -12.31 -7.37 -30.78
N LYS C 157 -13.60 -7.07 -30.85
CA LYS C 157 -14.32 -6.66 -29.64
C LYS C 157 -14.40 -7.80 -28.65
N ALA C 158 -14.63 -9.02 -29.16
CA ALA C 158 -14.58 -10.21 -28.31
C ALA C 158 -13.19 -10.39 -27.69
N TYR C 159 -12.13 -10.18 -28.47
CA TYR C 159 -10.80 -10.31 -27.88
C TYR C 159 -10.57 -9.24 -26.82
N LEU C 160 -10.92 -7.99 -27.12
CA LEU C 160 -10.56 -6.90 -26.24
C LEU C 160 -11.37 -6.90 -24.98
N GLU C 161 -12.64 -7.30 -25.05
CA GLU C 161 -13.41 -7.33 -23.81
C GLU C 161 -13.17 -8.60 -22.99
N GLY C 162 -13.10 -9.77 -23.64
CA GLY C 162 -12.71 -10.95 -22.87
C GLY C 162 -11.27 -11.27 -22.50
N GLU C 163 -10.43 -11.67 -23.47
CA GLU C 163 -9.12 -12.22 -23.10
C GLU C 163 -8.18 -11.13 -22.63
N CYS C 164 -8.16 -9.99 -23.32
CA CYS C 164 -7.34 -8.88 -22.88
C CYS C 164 -7.58 -8.62 -21.40
N VAL C 165 -8.86 -8.53 -21.01
CA VAL C 165 -9.18 -8.14 -19.63
C VAL C 165 -8.75 -9.24 -18.65
N GLU C 166 -9.14 -10.49 -18.94
CA GLU C 166 -8.88 -11.61 -18.03
C GLU C 166 -7.38 -11.84 -17.85
N TRP C 167 -6.65 -11.93 -18.98
CA TRP C 167 -5.22 -12.10 -18.90
C TRP C 167 -4.55 -10.93 -18.22
N LEU C 168 -5.07 -9.72 -18.44
CA LEU C 168 -4.50 -8.58 -17.72
C LEU C 168 -4.73 -8.71 -16.23
N HIS C 169 -5.90 -9.20 -15.82
CA HIS C 169 -6.12 -9.44 -14.40
C HIS C 169 -5.09 -10.39 -13.83
N ARG C 170 -4.81 -11.47 -14.54
CA ARG C 170 -3.80 -12.43 -14.10
C ARG C 170 -2.42 -11.77 -13.98
N TYR C 171 -1.97 -11.10 -15.05
CA TYR C 171 -0.66 -10.46 -14.97
C TYR C 171 -0.61 -9.42 -13.84
N LEU C 172 -1.73 -8.71 -13.61
CA LEU C 172 -1.79 -7.75 -12.51
C LEU C 172 -1.61 -8.45 -11.17
N LYS C 173 -2.26 -9.60 -10.97
CA LYS C 173 -2.01 -10.40 -9.77
C LYS C 173 -0.53 -10.77 -9.64
N ASN C 174 0.08 -11.27 -10.73
CA ASN C 174 1.44 -11.82 -10.61
C ASN C 174 2.51 -10.75 -10.51
N GLY C 175 2.30 -9.57 -11.09
CA GLY C 175 3.31 -8.54 -11.05
C GLY C 175 3.10 -7.43 -10.03
N ASN C 176 2.22 -7.65 -9.05
CA ASN C 176 1.61 -6.60 -8.23
C ASN C 176 2.58 -5.52 -7.76
N ALA C 177 3.47 -5.89 -6.85
CA ALA C 177 4.41 -4.92 -6.29
C ALA C 177 5.36 -4.40 -7.35
N THR C 178 5.91 -5.29 -8.18
CA THR C 178 6.80 -4.88 -9.27
C THR C 178 6.18 -3.78 -10.13
N LEU C 179 4.98 -4.03 -10.63
CA LEU C 179 4.28 -3.01 -11.40
C LEU C 179 4.00 -1.75 -10.56
N LEU C 180 4.04 -1.85 -9.23
CA LEU C 180 3.74 -0.71 -8.36
C LEU C 180 4.93 0.24 -8.10
N ARG C 181 6.12 -0.06 -8.62
CA ARG C 181 7.30 0.69 -8.21
C ARG C 181 7.15 2.18 -8.51
N THR C 182 7.66 3.01 -7.60
CA THR C 182 7.97 4.40 -7.90
C THR C 182 9.31 4.75 -7.27
N ASP C 183 10.08 5.61 -7.94
CA ASP C 183 11.32 6.19 -7.44
C ASP C 183 11.19 7.70 -7.49
N SER C 184 11.27 8.36 -6.33
CA SER C 184 11.08 9.80 -6.28
C SER C 184 12.24 10.53 -6.94
N PRO C 185 11.98 11.64 -7.62
CA PRO C 185 13.08 12.45 -8.14
C PRO C 185 13.86 13.08 -7.00
N LYS C 186 15.16 13.21 -7.22
CA LYS C 186 15.97 14.09 -6.40
C LYS C 186 16.35 15.30 -7.26
N ALA C 187 16.09 16.50 -6.76
CA ALA C 187 16.22 17.70 -7.55
C ALA C 187 17.31 18.61 -6.99
N HIS C 188 17.89 19.41 -7.88
CA HIS C 188 18.83 20.44 -7.47
C HIS C 188 18.89 21.48 -8.58
N VAL C 189 19.34 22.67 -8.21
CA VAL C 189 19.41 23.79 -9.15
C VAL C 189 20.86 24.11 -9.35
N THR C 190 21.25 24.30 -10.60
CA THR C 190 22.61 24.65 -10.94
C THR C 190 22.60 26.04 -11.54
N HIS C 191 23.67 26.76 -11.21
CA HIS C 191 23.84 28.18 -11.45
C HIS C 191 24.78 28.34 -12.64
N HIS C 192 24.36 29.03 -13.69
CA HIS C 192 25.19 29.19 -14.88
C HIS C 192 25.26 30.64 -15.32
N PRO C 193 26.22 31.40 -14.80
CA PRO C 193 26.29 32.84 -15.13
C PRO C 193 26.46 33.09 -16.63
N ARG C 194 25.98 34.25 -17.05
CA ARG C 194 25.61 34.54 -18.43
C ARG C 194 26.16 35.89 -18.86
N SER C 195 26.02 36.12 -20.16
CA SER C 195 26.18 37.44 -20.73
C SER C 195 25.26 38.43 -20.03
N LYS C 196 25.73 39.68 -19.94
CA LYS C 196 24.84 40.83 -19.78
C LYS C 196 24.05 40.79 -18.47
N GLY C 197 24.72 40.38 -17.39
CA GLY C 197 24.19 40.50 -16.05
C GLY C 197 23.17 39.46 -15.62
N GLU C 198 23.06 38.35 -16.33
CA GLU C 198 22.02 37.36 -16.06
C GLU C 198 22.65 35.99 -15.89
N VAL C 199 21.87 35.03 -15.42
CA VAL C 199 22.33 33.68 -15.11
C VAL C 199 21.24 32.70 -15.51
N THR C 200 21.66 31.58 -16.10
CA THR C 200 20.72 30.50 -16.38
C THR C 200 20.58 29.65 -15.11
N LEU C 201 19.35 29.49 -14.63
CA LEU C 201 19.06 28.59 -13.54
C LEU C 201 18.56 27.28 -14.14
N ARG C 202 19.20 26.18 -13.81
CA ARG C 202 18.79 24.90 -14.37
C ARG C 202 18.30 24.01 -13.24
N CYS C 203 17.13 23.45 -13.43
CA CYS C 203 16.48 22.66 -12.41
C CYS C 203 16.50 21.24 -12.87
N TRP C 204 17.10 20.38 -12.06
CA TRP C 204 17.38 18.99 -12.39
C TRP C 204 16.52 18.11 -11.51
N ALA C 205 15.89 17.11 -12.15
CA ALA C 205 15.21 16.00 -11.49
C ALA C 205 15.87 14.71 -11.95
N LEU C 206 16.32 13.91 -10.98
CA LEU C 206 17.13 12.74 -11.29
C LEU C 206 16.56 11.51 -10.60
N GLY C 207 16.81 10.36 -11.22
CA GLY C 207 16.52 9.07 -10.60
C GLY C 207 15.06 8.80 -10.33
N PHE C 208 14.16 9.30 -11.17
CA PHE C 208 12.74 9.13 -10.88
C PHE C 208 12.15 8.03 -11.76
N TYR C 209 11.19 7.30 -11.19
CA TYR C 209 10.36 6.37 -11.96
C TYR C 209 8.94 6.38 -11.40
N PRO C 210 7.93 6.29 -12.26
CA PRO C 210 7.97 6.28 -13.73
C PRO C 210 8.39 7.60 -14.35
N ALA C 211 8.33 7.64 -15.68
CA ALA C 211 8.95 8.73 -16.43
C ALA C 211 8.12 10.01 -16.39
N ASP C 212 6.84 9.94 -16.05
CA ASP C 212 6.01 11.15 -15.96
C ASP C 212 6.52 12.09 -14.88
N ILE C 213 6.81 13.34 -15.28
CA ILE C 213 7.28 14.36 -14.35
C ILE C 213 6.94 15.71 -14.95
N THR C 214 6.75 16.71 -14.09
CA THR C 214 6.58 18.07 -14.53
C THR C 214 7.51 18.98 -13.74
N LEU C 215 8.18 19.91 -14.46
CA LEU C 215 9.12 20.84 -13.86
C LEU C 215 8.65 22.24 -14.20
N THR C 216 8.46 23.08 -13.17
CA THR C 216 7.98 24.43 -13.37
C THR C 216 8.88 25.44 -12.67
N TRP C 217 9.04 26.60 -13.31
CA TRP C 217 9.69 27.75 -12.71
C TRP C 217 8.69 28.86 -12.46
N GLN C 218 8.81 29.54 -11.31
CA GLN C 218 7.85 30.54 -10.89
C GLN C 218 8.56 31.81 -10.44
N LEU C 219 8.16 32.94 -11.04
CA LEU C 219 8.56 34.29 -10.64
C LEU C 219 7.44 34.93 -9.81
N ASN C 220 7.72 35.15 -8.52
CA ASN C 220 6.80 35.87 -7.63
C ASN C 220 5.41 35.24 -7.65
N GLY C 221 5.36 33.91 -7.81
CA GLY C 221 4.11 33.16 -7.75
C GLY C 221 3.50 32.79 -9.09
N GLU C 222 3.91 33.43 -10.17
CA GLU C 222 3.40 33.10 -11.49
C GLU C 222 4.32 32.08 -12.17
N GLU C 223 3.75 30.97 -12.64
CA GLU C 223 4.52 30.03 -13.47
C GLU C 223 5.10 30.77 -14.66
N LEU C 224 6.32 30.41 -15.04
CA LEU C 224 6.99 31.01 -16.19
C LEU C 224 7.19 29.96 -17.27
N THR C 225 6.43 30.08 -18.35
CA THR C 225 6.74 29.39 -19.59
C THR C 225 7.49 30.28 -20.56
N GLN C 226 7.68 31.56 -20.20
CA GLN C 226 8.34 32.52 -21.05
C GLN C 226 9.85 32.35 -20.94
N ASP C 227 10.50 32.04 -22.06
CA ASP C 227 11.94 31.83 -22.13
C ASP C 227 12.40 30.73 -21.17
N MET C 228 11.51 29.78 -20.87
CA MET C 228 11.86 28.56 -20.14
C MET C 228 12.19 27.47 -21.14
N GLU C 229 13.35 26.83 -20.98
CA GLU C 229 13.79 25.73 -21.84
C GLU C 229 13.79 24.42 -21.06
N LEU C 230 13.49 23.32 -21.74
CA LEU C 230 13.55 22.01 -21.11
C LEU C 230 14.05 20.97 -22.10
N VAL C 231 14.45 19.81 -21.58
CA VAL C 231 14.82 18.68 -22.41
C VAL C 231 13.75 17.61 -22.26
N GLU C 232 13.56 16.80 -23.30
CA GLU C 232 12.62 15.69 -23.18
C GLU C 232 13.15 14.70 -22.16
N THR C 233 12.23 14.09 -21.41
CA THR C 233 12.59 13.13 -20.37
C THR C 233 13.39 11.97 -20.98
N ARG C 234 14.45 11.56 -20.28
CA ARG C 234 15.42 10.62 -20.87
C ARG C 234 15.76 9.46 -19.94
N PRO C 235 15.97 8.25 -20.47
CA PRO C 235 16.32 7.11 -19.60
C PRO C 235 17.77 7.18 -19.14
N ALA C 236 18.02 6.83 -17.87
CA ALA C 236 19.39 6.71 -17.39
C ALA C 236 20.06 5.41 -17.80
N GLY C 237 19.27 4.38 -18.11
CA GLY C 237 19.77 3.05 -18.35
C GLY C 237 19.66 2.12 -17.16
N ASP C 238 19.45 2.68 -15.96
CA ASP C 238 19.31 1.89 -14.74
C ASP C 238 17.87 1.64 -14.33
N GLY C 239 16.89 2.07 -15.13
CA GLY C 239 15.49 1.96 -14.74
C GLY C 239 14.87 3.22 -14.19
N THR C 240 15.62 4.31 -14.09
CA THR C 240 15.06 5.59 -13.70
C THR C 240 15.23 6.60 -14.85
N PHE C 241 14.72 7.82 -14.65
CA PHE C 241 14.73 8.83 -15.71
C PHE C 241 15.34 10.13 -15.20
N GLN C 242 15.45 11.10 -16.13
CA GLN C 242 16.06 12.39 -15.84
C GLN C 242 15.34 13.46 -16.63
N LYS C 243 15.34 14.68 -16.08
CA LYS C 243 14.86 15.84 -16.80
C LYS C 243 15.47 17.11 -16.21
N TRP C 244 15.49 18.18 -17.00
CA TRP C 244 15.84 19.49 -16.45
C TRP C 244 15.07 20.56 -17.18
N ALA C 245 14.81 21.67 -16.48
CA ALA C 245 14.19 22.87 -17.04
C ALA C 245 14.93 24.12 -16.56
N SER C 246 15.15 25.09 -17.45
CA SER C 246 16.02 26.23 -17.15
C SER C 246 15.33 27.56 -17.43
N VAL C 247 15.76 28.61 -16.70
CA VAL C 247 15.21 29.95 -16.80
C VAL C 247 16.34 30.99 -16.80
N VAL C 248 16.28 31.94 -17.72
CA VAL C 248 17.19 33.09 -17.68
C VAL C 248 16.71 34.08 -16.62
N VAL C 249 17.63 34.57 -15.79
CA VAL C 249 17.27 35.35 -14.60
C VAL C 249 18.30 36.45 -14.39
N PRO C 250 17.87 37.58 -13.82
CA PRO C 250 18.86 38.61 -13.43
C PRO C 250 19.74 38.10 -12.29
N LEU C 251 21.06 38.25 -12.44
CA LEU C 251 21.96 37.75 -11.41
C LEU C 251 21.85 38.60 -10.15
N GLY C 252 21.85 37.94 -8.99
CA GLY C 252 21.47 38.54 -7.72
C GLY C 252 20.02 38.33 -7.32
N LYS C 253 19.15 38.00 -8.28
CA LYS C 253 17.71 37.80 -8.09
C LYS C 253 17.34 36.33 -7.87
N GLU C 254 18.32 35.45 -7.68
CA GLU C 254 18.07 34.02 -7.77
C GLU C 254 17.04 33.56 -6.77
N GLN C 255 17.10 34.08 -5.54
CA GLN C 255 16.14 33.67 -4.53
C GLN C 255 14.71 34.12 -4.87
N ASN C 256 14.52 34.97 -5.88
CA ASN C 256 13.21 35.38 -6.36
C ASN C 256 12.55 34.34 -7.26
N TYR C 257 13.27 33.29 -7.67
CA TYR C 257 12.78 32.34 -8.64
C TYR C 257 12.74 30.94 -8.03
N THR C 258 11.70 30.20 -8.35
CA THR C 258 11.48 28.94 -7.66
C THR C 258 11.20 27.81 -8.62
N CYS C 259 11.84 26.67 -8.39
CA CYS C 259 11.58 25.47 -9.14
C CYS C 259 10.66 24.55 -8.34
N ARG C 260 9.73 23.92 -9.04
CA ARG C 260 8.87 22.90 -8.45
C ARG C 260 8.85 21.67 -9.33
N VAL C 261 8.85 20.51 -8.68
CA VAL C 261 8.96 19.20 -9.32
C VAL C 261 7.74 18.40 -8.90
N TYR C 262 6.90 18.05 -9.88
CA TYR C 262 5.66 17.30 -9.69
C TYR C 262 5.86 15.87 -10.19
N HIS C 263 5.75 14.91 -9.27
CA HIS C 263 5.92 13.49 -9.57
C HIS C 263 5.12 12.68 -8.58
N GLU C 264 4.55 11.58 -9.07
CA GLU C 264 3.60 10.83 -8.26
C GLU C 264 4.27 10.17 -7.07
N GLY C 265 5.55 9.81 -7.17
CA GLY C 265 6.23 9.21 -6.04
C GLY C 265 6.47 10.16 -4.88
N LEU C 266 6.26 11.46 -5.08
CA LEU C 266 6.49 12.38 -3.98
C LEU C 266 5.28 12.42 -3.04
N PRO C 267 5.51 12.63 -1.74
CA PRO C 267 4.40 12.97 -0.86
C PRO C 267 3.75 14.29 -1.26
N GLU C 268 4.56 15.31 -1.52
CA GLU C 268 4.10 16.58 -2.08
C GLU C 268 5.14 17.06 -3.08
N PRO C 269 4.79 18.01 -3.95
CA PRO C 269 5.76 18.53 -4.90
C PRO C 269 7.02 19.06 -4.20
N LEU C 270 8.14 19.02 -4.93
CA LEU C 270 9.36 19.61 -4.44
C LEU C 270 9.36 21.08 -4.81
N THR C 271 9.68 21.92 -3.84
CA THR C 271 9.97 23.34 -4.06
C THR C 271 11.43 23.57 -3.69
N LEU C 272 12.17 24.27 -4.55
CA LEU C 272 13.59 24.47 -4.31
C LEU C 272 14.02 25.74 -5.02
N ARG C 273 15.09 26.34 -4.51
CA ARG C 273 15.69 27.52 -5.12
C ARG C 273 17.18 27.29 -5.23
N TRP C 274 17.87 28.15 -5.98
CA TRP C 274 19.32 27.98 -6.06
C TRP C 274 19.96 28.27 -4.71
N GLU C 275 20.75 27.31 -4.23
CA GLU C 275 21.38 27.41 -2.92
C GLU C 275 22.87 27.63 -3.13
N PRO C 276 23.44 28.73 -2.60
CA PRO C 276 24.88 29.00 -2.75
C PRO C 276 25.79 28.01 -1.99
N ILE D 1 6.42 10.20 -45.75
CA ILE D 1 7.54 11.03 -45.35
C ILE D 1 8.32 10.30 -44.24
N GLN D 2 9.47 10.86 -43.89
CA GLN D 2 10.36 10.33 -42.87
C GLN D 2 10.50 11.38 -41.76
N LYS D 3 10.71 10.90 -40.52
CA LYS D 3 10.82 11.78 -39.36
C LYS D 3 12.26 11.89 -38.86
N THR D 4 12.65 13.12 -38.47
CA THR D 4 14.04 13.40 -38.08
C THR D 4 14.29 12.98 -36.63
N PRO D 5 15.29 12.15 -36.38
CA PRO D 5 15.54 11.71 -35.00
C PRO D 5 15.97 12.86 -34.11
N GLN D 6 15.52 12.80 -32.86
CA GLN D 6 15.96 13.66 -31.79
C GLN D 6 17.04 12.92 -31.01
N ILE D 7 18.11 13.63 -30.66
CA ILE D 7 19.28 13.03 -30.07
C ILE D 7 19.66 13.77 -28.79
N GLN D 8 19.79 13.03 -27.69
CA GLN D 8 20.42 13.55 -26.49
C GLN D 8 21.58 12.66 -26.11
N VAL D 9 22.67 13.30 -25.68
CA VAL D 9 23.86 12.60 -25.19
C VAL D 9 24.20 13.12 -23.81
N TYR D 10 24.43 12.20 -22.87
CA TYR D 10 24.50 12.56 -21.46
C TYR D 10 24.94 11.35 -20.65
N SER D 11 25.46 11.62 -19.46
CA SER D 11 25.95 10.59 -18.55
C SER D 11 24.82 10.04 -17.65
N ARG D 12 24.92 8.75 -17.32
CA ARG D 12 23.95 8.16 -16.38
C ARG D 12 24.07 8.80 -15.00
N HIS D 13 25.31 8.93 -14.50
CA HIS D 13 25.61 9.51 -13.20
C HIS D 13 26.29 10.87 -13.39
N PRO D 14 26.18 11.77 -12.41
CA PRO D 14 26.77 13.11 -12.57
C PRO D 14 28.23 13.01 -12.95
N PRO D 15 28.66 13.74 -13.98
CA PRO D 15 30.04 13.56 -14.46
C PRO D 15 31.05 14.07 -13.45
N GLU D 16 32.10 13.26 -13.23
CA GLU D 16 33.26 13.71 -12.47
C GLU D 16 34.51 13.18 -13.16
N ASN D 17 35.41 14.10 -13.48
CA ASN D 17 36.61 13.74 -14.22
C ASN D 17 37.38 12.68 -13.46
N GLY D 18 37.86 11.69 -14.19
CA GLY D 18 38.56 10.57 -13.58
C GLY D 18 37.66 9.48 -13.01
N LYS D 19 36.34 9.70 -12.89
CA LYS D 19 35.47 8.68 -12.31
C LYS D 19 34.73 7.91 -13.39
N PRO D 20 34.76 6.58 -13.37
CA PRO D 20 34.02 5.79 -14.37
C PRO D 20 32.50 6.02 -14.29
N ASN D 21 31.86 5.98 -15.45
CA ASN D 21 30.48 6.42 -15.62
C ASN D 21 29.90 5.68 -16.83
N ILE D 22 28.66 6.01 -17.18
CA ILE D 22 27.99 5.45 -18.35
C ILE D 22 27.57 6.60 -19.25
N LEU D 23 27.84 6.47 -20.54
CA LEU D 23 27.42 7.45 -21.51
C LEU D 23 26.25 6.94 -22.33
N ASN D 24 25.23 7.77 -22.42
CA ASN D 24 24.02 7.47 -23.15
C ASN D 24 23.91 8.35 -24.38
N CYS D 25 23.33 7.76 -25.43
CA CYS D 25 22.81 8.46 -26.59
C CYS D 25 21.39 7.94 -26.81
N TYR D 26 20.41 8.80 -26.58
CA TYR D 26 18.99 8.51 -26.65
C TYR D 26 18.48 9.16 -27.93
N VAL D 27 18.01 8.33 -28.84
CA VAL D 27 17.54 8.76 -30.16
C VAL D 27 16.06 8.44 -30.25
N THR D 28 15.28 9.41 -30.67
CA THR D 28 13.84 9.28 -30.55
C THR D 28 13.17 9.83 -31.79
N GLN D 29 11.90 9.43 -31.96
CA GLN D 29 10.98 10.06 -32.91
C GLN D 29 11.49 9.98 -34.34
N PHE D 30 12.07 8.86 -34.72
CA PHE D 30 12.48 8.62 -36.09
C PHE D 30 11.62 7.53 -36.71
N HIS D 31 11.40 7.65 -38.02
CA HIS D 31 10.77 6.59 -38.82
C HIS D 31 11.46 6.66 -40.18
N PRO D 32 11.76 5.51 -40.83
CA PRO D 32 11.55 4.09 -40.52
C PRO D 32 12.49 3.60 -39.39
N PRO D 33 12.23 2.41 -38.84
CA PRO D 33 12.98 1.95 -37.66
C PRO D 33 14.45 1.68 -37.92
N HIS D 34 14.89 1.59 -39.17
CA HIS D 34 16.29 1.32 -39.42
C HIS D 34 17.12 2.57 -39.17
N ILE D 35 18.20 2.42 -38.40
CA ILE D 35 19.02 3.55 -38.00
C ILE D 35 20.41 3.04 -37.68
N GLU D 36 21.39 3.92 -37.70
CA GLU D 36 22.75 3.56 -37.41
C GLU D 36 23.22 4.54 -36.36
N ILE D 37 23.84 4.01 -35.30
CA ILE D 37 24.26 4.83 -34.18
C ILE D 37 25.66 4.42 -33.78
N GLN D 38 26.59 5.38 -33.77
CA GLN D 38 27.93 5.16 -33.25
C GLN D 38 28.23 6.14 -32.14
N MET D 39 29.01 5.69 -31.16
CA MET D 39 29.44 6.54 -30.09
C MET D 39 30.94 6.72 -30.22
N LEU D 40 31.38 7.97 -30.12
CA LEU D 40 32.73 8.38 -30.46
C LEU D 40 33.44 8.92 -29.24
N LYS D 41 34.64 8.39 -29.00
CA LYS D 41 35.62 8.99 -28.11
C LYS D 41 36.70 9.60 -28.98
N ASN D 42 36.84 10.92 -28.89
CA ASN D 42 37.81 11.66 -29.70
C ASN D 42 37.59 11.43 -31.19
N GLY D 43 36.33 11.52 -31.61
CA GLY D 43 35.99 11.35 -33.01
C GLY D 43 36.21 9.96 -33.55
N LYS D 44 36.59 8.99 -32.71
CA LYS D 44 36.86 7.62 -33.10
C LYS D 44 35.84 6.69 -32.43
N LYS D 45 35.45 5.62 -33.14
CA LYS D 45 34.34 4.78 -32.72
C LYS D 45 34.68 3.92 -31.51
N ILE D 46 33.79 3.94 -30.52
CA ILE D 46 33.94 3.16 -29.30
C ILE D 46 33.55 1.71 -29.60
N PRO D 47 34.40 0.73 -29.25
CA PRO D 47 34.25 -0.61 -29.86
C PRO D 47 32.95 -1.34 -29.55
N LYS D 48 32.57 -1.46 -28.28
CA LYS D 48 31.41 -2.29 -27.95
C LYS D 48 30.36 -1.41 -27.30
N VAL D 49 29.28 -1.19 -28.03
CA VAL D 49 28.25 -0.25 -27.68
C VAL D 49 26.98 -1.04 -27.55
N GLU D 50 26.38 -0.92 -26.38
CA GLU D 50 25.20 -1.61 -25.95
C GLU D 50 23.99 -0.84 -26.47
N MET D 51 22.99 -1.56 -26.96
CA MET D 51 21.90 -0.97 -27.72
C MET D 51 20.61 -1.62 -27.26
N SER D 52 19.64 -0.83 -26.81
CA SER D 52 18.37 -1.40 -26.38
C SER D 52 17.59 -1.90 -27.60
N ASP D 53 16.58 -2.75 -27.35
CA ASP D 53 15.78 -3.35 -28.42
C ASP D 53 14.86 -2.34 -29.10
N MET D 54 14.40 -2.72 -30.28
CA MET D 54 13.52 -1.87 -31.08
CA MET D 54 13.55 -1.85 -31.08
C MET D 54 12.19 -1.65 -30.40
N SER D 55 11.79 -0.39 -30.26
CA SER D 55 10.54 -0.02 -29.63
C SER D 55 9.95 1.20 -30.31
N PHE D 56 8.63 1.38 -30.19
CA PHE D 56 8.00 2.58 -30.73
C PHE D 56 6.99 3.15 -29.73
N SER D 57 6.56 4.40 -29.98
CA SER D 57 5.72 5.16 -29.06
C SER D 57 4.30 5.19 -29.55
N LYS D 58 3.42 5.79 -28.76
CA LYS D 58 2.01 5.79 -29.17
C LYS D 58 1.77 6.69 -30.37
N ASP D 59 2.74 7.52 -30.76
CA ASP D 59 2.67 8.27 -32.02
C ASP D 59 3.27 7.52 -33.21
N TRP D 60 3.66 6.25 -33.04
CA TRP D 60 4.19 5.31 -34.02
C TRP D 60 5.69 5.46 -34.27
N SER D 61 6.34 6.50 -33.72
CA SER D 61 7.78 6.70 -33.93
C SER D 61 8.61 5.82 -33.00
N PHE D 62 9.84 5.55 -33.43
CA PHE D 62 10.75 4.61 -32.80
C PHE D 62 11.81 5.36 -31.99
N TYR D 63 12.28 4.71 -30.91
CA TYR D 63 13.30 5.24 -30.03
C TYR D 63 14.26 4.13 -29.58
N ILE D 64 15.48 4.55 -29.25
CA ILE D 64 16.60 3.64 -28.99
C ILE D 64 17.48 4.30 -27.94
N LEU D 65 17.98 3.50 -27.02
CA LEU D 65 19.04 3.95 -26.13
C LEU D 65 20.31 3.18 -26.43
N ALA D 66 21.37 3.92 -26.76
CA ALA D 66 22.71 3.37 -26.86
C ALA D 66 23.46 3.82 -25.62
N HIS D 67 24.34 2.96 -25.10
CA HIS D 67 25.13 3.37 -23.95
C HIS D 67 26.44 2.60 -23.93
N THR D 68 27.44 3.21 -23.30
CA THR D 68 28.75 2.60 -23.20
C THR D 68 29.40 3.03 -21.88
N GLU D 69 30.27 2.19 -21.35
CA GLU D 69 31.08 2.64 -20.23
C GLU D 69 32.02 3.73 -20.73
N PHE D 70 32.30 4.71 -19.87
CA PHE D 70 33.33 5.70 -20.22
C PHE D 70 33.81 6.34 -18.95
N THR D 71 35.01 6.91 -19.02
CA THR D 71 35.52 7.76 -17.94
C THR D 71 35.72 9.18 -18.45
N PRO D 72 34.91 10.14 -18.04
CA PRO D 72 35.10 11.51 -18.53
C PRO D 72 36.40 12.09 -18.00
N THR D 73 37.07 12.88 -18.85
CA THR D 73 38.24 13.66 -18.48
C THR D 73 38.08 15.06 -19.00
N GLU D 74 39.06 15.92 -18.72
CA GLU D 74 39.03 17.27 -19.28
C GLU D 74 39.46 17.28 -20.74
N THR D 75 40.30 16.32 -21.15
CA THR D 75 40.94 16.27 -22.46
C THR D 75 40.17 15.45 -23.52
N ASP D 76 39.18 14.65 -23.14
CA ASP D 76 38.51 13.73 -24.06
C ASP D 76 37.12 14.21 -24.43
N THR D 77 36.79 14.09 -25.71
CA THR D 77 35.47 14.40 -26.25
C THR D 77 34.68 13.14 -26.56
N TYR D 78 33.37 13.18 -26.31
CA TYR D 78 32.48 12.08 -26.65
C TYR D 78 31.30 12.62 -27.43
N ALA D 79 30.78 11.80 -28.34
CA ALA D 79 29.72 12.26 -29.21
C ALA D 79 28.95 11.06 -29.73
N CYS D 80 27.79 11.36 -30.30
CA CYS D 80 26.93 10.34 -30.89
C CYS D 80 26.66 10.71 -32.33
N ARG D 81 27.10 9.84 -33.23
CA ARG D 81 26.87 10.01 -34.66
C ARG D 81 25.73 9.08 -35.09
N VAL D 82 24.78 9.63 -35.83
CA VAL D 82 23.54 8.95 -36.17
C VAL D 82 23.31 9.09 -37.67
N LYS D 83 23.14 7.96 -38.36
CA LYS D 83 22.78 7.89 -39.78
C LYS D 83 21.35 7.40 -39.88
N HIS D 84 20.51 8.14 -40.60
CA HIS D 84 19.13 7.75 -40.77
C HIS D 84 18.61 8.25 -42.11
N ASP D 85 17.66 7.52 -42.68
CA ASP D 85 17.15 7.85 -44.02
C ASP D 85 16.52 9.22 -44.08
N SER D 86 16.10 9.77 -42.94
CA SER D 86 15.44 11.07 -42.89
C SER D 86 16.39 12.25 -43.01
N MET D 87 17.69 12.05 -42.95
CA MET D 87 18.63 13.16 -42.94
C MET D 87 19.65 12.97 -44.05
N ALA D 88 19.96 14.08 -44.72
CA ALA D 88 20.86 14.01 -45.87
C ALA D 88 22.23 13.49 -45.46
N GLU D 89 22.78 14.02 -44.37
CA GLU D 89 24.08 13.62 -43.88
C GLU D 89 23.96 13.13 -42.45
N PRO D 90 24.94 12.36 -41.96
CA PRO D 90 24.91 11.94 -40.55
C PRO D 90 24.96 13.14 -39.61
N LYS D 91 24.29 12.99 -38.47
CA LYS D 91 24.30 14.05 -37.46
C LYS D 91 25.16 13.62 -36.28
N THR D 92 26.02 14.52 -35.81
CA THR D 92 26.82 14.28 -34.62
C THR D 92 26.40 15.24 -33.51
N VAL D 93 26.14 14.70 -32.32
CA VAL D 93 25.82 15.50 -31.14
C VAL D 93 26.87 15.22 -30.08
N TYR D 94 27.54 16.27 -29.63
CA TYR D 94 28.61 16.14 -28.66
C TYR D 94 28.06 16.16 -27.24
N TRP D 95 28.69 15.39 -26.37
CA TRP D 95 28.31 15.38 -24.96
C TRP D 95 28.66 16.71 -24.33
N ASP D 96 27.70 17.29 -23.62
CA ASP D 96 27.88 18.50 -22.83
C ASP D 96 27.56 18.13 -21.39
N ARG D 97 28.57 18.14 -20.52
CA ARG D 97 28.38 17.66 -19.16
C ARG D 97 27.41 18.54 -18.35
N ASP D 98 27.08 19.73 -18.83
CA ASP D 98 26.17 20.61 -18.13
C ASP D 98 24.72 20.42 -18.57
N MET D 99 24.44 19.52 -19.50
CA MET D 99 23.09 19.38 -20.03
C MET D 99 22.53 17.95 -20.10
N GLY E 1 -0.39 -6.32 8.28
CA GLY E 1 0.16 -6.14 9.62
C GLY E 1 -0.25 -7.22 10.60
N PRO E 2 0.36 -7.23 11.79
CA PRO E 2 -0.04 -8.19 12.82
C PRO E 2 -1.26 -7.67 13.58
N HIS E 3 -1.77 -8.49 14.49
CA HIS E 3 -3.01 -8.13 15.15
C HIS E 3 -2.98 -8.62 16.59
N SER E 4 -3.82 -8.00 17.43
CA SER E 4 -3.80 -8.31 18.85
C SER E 4 -5.18 -8.14 19.45
N MET E 5 -5.46 -8.96 20.45
CA MET E 5 -6.60 -8.74 21.32
C MET E 5 -6.13 -8.85 22.75
N ARG E 6 -6.65 -7.98 23.63
CA ARG E 6 -6.36 -8.09 25.05
C ARG E 6 -7.54 -7.71 25.93
N TYR E 7 -7.66 -8.45 27.03
CA TYR E 7 -8.61 -8.13 28.08
C TYR E 7 -7.81 -7.74 29.30
N PHE E 8 -8.00 -6.50 29.74
CA PHE E 8 -7.40 -5.94 30.94
C PHE E 8 -8.48 -5.91 32.02
N GLU E 9 -8.31 -6.71 33.07
CA GLU E 9 -9.30 -6.79 34.14
C GLU E 9 -8.68 -6.33 35.45
N THR E 10 -9.48 -5.64 36.26
CA THR E 10 -9.03 -5.09 37.51
C THR E 10 -10.11 -5.30 38.55
N ALA E 11 -9.71 -5.71 39.75
CA ALA E 11 -10.60 -5.68 40.89
C ALA E 11 -9.89 -4.92 42.00
N VAL E 12 -10.60 -3.98 42.61
CA VAL E 12 -10.06 -3.14 43.67
C VAL E 12 -10.94 -3.30 44.89
N SER E 13 -10.32 -3.53 46.04
CA SER E 13 -11.01 -3.62 47.30
C SER E 13 -10.62 -2.41 48.13
N ARG E 14 -11.58 -1.85 48.85
CA ARG E 14 -11.33 -0.71 49.72
C ARG E 14 -12.07 -0.93 51.03
N PRO E 15 -11.59 -0.31 52.12
CA PRO E 15 -12.01 -0.77 53.46
C PRO E 15 -13.50 -0.69 53.71
N GLY E 16 -14.23 0.12 52.94
CA GLY E 16 -15.68 0.07 53.02
C GLY E 16 -16.19 -1.34 52.85
N LEU E 17 -17.08 -1.79 53.73
CA LEU E 17 -17.56 -3.16 53.62
C LEU E 17 -18.49 -3.21 52.42
N GLU E 18 -18.12 -4.04 51.45
CA GLU E 18 -18.71 -4.07 50.12
C GLU E 18 -17.91 -5.06 49.30
N GLU E 19 -18.49 -5.51 48.20
CA GLU E 19 -17.73 -6.32 47.26
C GLU E 19 -16.77 -5.43 46.46
N PRO E 20 -15.60 -5.96 46.08
CA PRO E 20 -14.65 -5.17 45.30
C PRO E 20 -15.26 -4.72 43.98
N ARG E 21 -14.71 -3.63 43.45
CA ARG E 21 -15.13 -3.18 42.13
C ARG E 21 -14.35 -3.96 41.10
N TYR E 22 -15.06 -4.47 40.10
CA TYR E 22 -14.49 -5.28 39.03
C TYR E 22 -14.73 -4.56 37.71
N ILE E 23 -13.67 -4.37 36.94
CA ILE E 23 -13.71 -3.62 35.68
C ILE E 23 -12.95 -4.42 34.65
N SER E 24 -13.53 -4.61 33.48
CA SER E 24 -12.91 -5.37 32.42
C SER E 24 -12.99 -4.59 31.12
N VAL E 25 -11.86 -4.44 30.44
CA VAL E 25 -11.81 -3.69 29.20
C VAL E 25 -11.23 -4.57 28.11
N GLY E 26 -11.92 -4.62 26.98
CA GLY E 26 -11.41 -5.26 25.79
C GLY E 26 -10.74 -4.31 24.83
N TYR E 27 -9.75 -4.84 24.12
CA TYR E 27 -9.01 -4.12 23.11
C TYR E 27 -8.82 -5.07 21.93
N VAL E 28 -9.08 -4.56 20.74
CA VAL E 28 -8.56 -5.17 19.53
C VAL E 28 -7.60 -4.15 18.93
N ASP E 29 -6.37 -4.59 18.64
CA ASP E 29 -5.27 -3.74 18.15
C ASP E 29 -5.16 -2.43 18.93
N ASN E 30 -5.09 -2.58 20.26
CA ASN E 30 -4.89 -1.47 21.21
C ASN E 30 -5.96 -0.40 21.11
N LYS E 31 -7.16 -0.76 20.67
CA LYS E 31 -8.31 0.12 20.77
C LYS E 31 -9.38 -0.57 21.62
N GLU E 32 -10.03 0.20 22.48
CA GLU E 32 -10.98 -0.39 23.41
C GLU E 32 -12.29 -0.63 22.68
N PHE E 33 -12.68 -1.90 22.50
CA PHE E 33 -13.96 -2.18 21.86
C PHE E 33 -15.09 -2.55 22.80
N VAL E 34 -14.81 -2.91 24.06
CA VAL E 34 -15.85 -3.32 25.01
C VAL E 34 -15.37 -3.00 26.41
N ARG E 35 -16.33 -2.80 27.31
CA ARG E 35 -15.99 -2.54 28.70
C ARG E 35 -17.11 -3.03 29.61
N PHE E 36 -16.71 -3.54 30.78
CA PHE E 36 -17.61 -4.01 31.80
C PHE E 36 -17.15 -3.39 33.12
N ASP E 37 -18.08 -2.77 33.84
CA ASP E 37 -17.82 -2.14 35.13
C ASP E 37 -18.88 -2.63 36.10
N SER E 38 -18.46 -3.20 37.22
CA SER E 38 -19.38 -3.76 38.21
C SER E 38 -20.12 -2.70 39.02
N ASP E 39 -19.69 -1.44 38.93
CA ASP E 39 -20.29 -0.33 39.67
C ASP E 39 -21.42 0.34 38.89
N ALA E 40 -21.65 -0.08 37.66
CA ALA E 40 -22.73 0.50 36.85
C ALA E 40 -24.10 0.10 37.40
N GLU E 41 -25.10 0.89 37.00
CA GLU E 41 -26.49 0.66 37.39
C GLU E 41 -26.89 -0.79 37.19
N ASN E 42 -26.86 -1.26 35.94
CA ASN E 42 -27.13 -2.65 35.57
C ASN E 42 -25.89 -3.13 34.84
N PRO E 43 -24.93 -3.72 35.57
CA PRO E 43 -23.65 -4.09 34.95
C PRO E 43 -23.80 -5.03 33.76
N ARG E 44 -23.20 -4.64 32.64
CA ARG E 44 -23.23 -5.42 31.42
C ARG E 44 -22.02 -5.04 30.57
N TYR E 45 -21.70 -5.92 29.63
CA TYR E 45 -20.67 -5.62 28.64
C TYR E 45 -21.26 -4.71 27.57
N GLU E 46 -20.70 -3.49 27.48
CA GLU E 46 -21.09 -2.36 26.71
C GLU E 46 -20.13 -2.10 25.55
N PRO E 47 -20.63 -1.94 24.32
CA PRO E 47 -19.78 -1.51 23.20
C PRO E 47 -19.14 -0.17 23.50
N ARG E 48 -17.82 -0.07 23.34
CA ARG E 48 -17.17 1.23 23.36
C ARG E 48 -16.72 1.71 21.99
N ALA E 49 -16.93 0.90 20.96
CA ALA E 49 -16.66 1.27 19.58
C ALA E 49 -17.85 0.94 18.70
N PRO E 50 -18.16 1.79 17.72
CA PRO E 50 -19.39 1.59 16.92
C PRO E 50 -19.43 0.29 16.14
N TRP E 51 -18.30 -0.13 15.53
CA TRP E 51 -18.34 -1.35 14.71
C TRP E 51 -18.75 -2.58 15.52
N MET E 52 -18.64 -2.52 16.84
CA MET E 52 -18.98 -3.64 17.70
C MET E 52 -20.46 -3.77 18.02
N GLU E 53 -21.25 -2.71 17.81
CA GLU E 53 -22.66 -2.79 18.18
C GLU E 53 -23.43 -3.88 17.41
N GLN E 54 -22.85 -4.43 16.34
CA GLN E 54 -23.59 -5.34 15.47
C GLN E 54 -23.56 -6.79 15.96
N GLU E 55 -22.88 -7.07 17.06
CA GLU E 55 -23.11 -8.31 17.78
C GLU E 55 -24.50 -8.31 18.37
N GLY E 56 -25.12 -9.50 18.42
CA GLY E 56 -26.47 -9.60 18.91
C GLY E 56 -26.57 -9.72 20.42
N PRO E 57 -27.78 -9.51 20.95
CA PRO E 57 -28.01 -9.68 22.40
C PRO E 57 -27.50 -10.99 23.00
N GLU E 58 -27.52 -12.09 22.24
CA GLU E 58 -27.02 -13.36 22.78
C GLU E 58 -25.55 -13.24 23.21
N TYR E 59 -24.73 -12.68 22.33
CA TYR E 59 -23.33 -12.43 22.62
C TYR E 59 -23.18 -11.66 23.93
N TRP E 60 -23.93 -10.58 24.09
CA TRP E 60 -23.74 -9.75 25.29
C TRP E 60 -24.29 -10.36 26.56
N GLU E 61 -25.40 -11.09 26.51
CA GLU E 61 -25.81 -11.79 27.72
C GLU E 61 -24.75 -12.81 28.10
N ARG E 62 -24.16 -13.46 27.10
CA ARG E 62 -23.10 -14.44 27.38
C ARG E 62 -21.89 -13.79 28.03
N GLU E 63 -21.40 -12.69 27.44
CA GLU E 63 -20.18 -12.04 27.95
C GLU E 63 -20.43 -11.36 29.29
N THR E 64 -21.62 -10.83 29.52
CA THR E 64 -21.94 -10.31 30.85
C THR E 64 -21.94 -11.42 31.89
N GLN E 65 -22.52 -12.58 31.56
CA GLN E 65 -22.47 -13.72 32.51
C GLN E 65 -21.03 -14.12 32.81
N LYS E 66 -20.21 -14.25 31.76
CA LYS E 66 -18.78 -14.49 31.95
C LYS E 66 -18.17 -13.45 32.88
N ALA E 67 -18.57 -12.19 32.72
CA ALA E 67 -18.01 -11.12 33.56
C ALA E 67 -18.36 -11.31 35.01
N LYS E 68 -19.59 -11.75 35.32
CA LYS E 68 -19.90 -11.95 36.73
C LYS E 68 -19.18 -13.18 37.29
N GLY E 69 -18.93 -14.18 36.45
CA GLY E 69 -18.03 -15.24 36.86
C GLY E 69 -16.66 -14.71 37.27
N GLN E 70 -16.04 -13.93 36.37
CA GLN E 70 -14.75 -13.32 36.69
C GLN E 70 -14.82 -12.49 37.97
N GLU E 71 -15.89 -11.72 38.15
CA GLU E 71 -16.05 -10.92 39.36
C GLU E 71 -15.92 -11.78 40.61
N GLN E 72 -16.68 -12.89 40.66
CA GLN E 72 -16.53 -13.81 41.80
C GLN E 72 -15.10 -14.31 41.94
N TRP E 73 -14.49 -14.73 40.81
CA TRP E 73 -13.13 -15.25 40.85
C TRP E 73 -12.16 -14.25 41.48
N PHE E 74 -12.28 -12.98 41.08
CA PHE E 74 -11.42 -11.93 41.62
C PHE E 74 -11.65 -11.69 43.10
N ARG E 75 -12.91 -11.74 43.57
CA ARG E 75 -13.13 -11.54 45.00
C ARG E 75 -12.47 -12.67 45.81
N VAL E 76 -12.61 -13.91 45.35
CA VAL E 76 -11.94 -15.03 46.02
C VAL E 76 -10.45 -14.81 46.06
N SER E 77 -9.85 -14.61 44.87
CA SER E 77 -8.40 -14.46 44.78
C SER E 77 -7.91 -13.31 45.65
N LEU E 78 -8.67 -12.21 45.72
CA LEU E 78 -8.35 -11.12 46.62
C LEU E 78 -8.23 -11.60 48.07
N ARG E 79 -9.26 -12.31 48.55
CA ARG E 79 -9.22 -12.84 49.91
C ARG E 79 -7.98 -13.71 50.14
N ASN E 80 -7.71 -14.62 49.19
CA ASN E 80 -6.55 -15.49 49.35
C ASN E 80 -5.26 -14.67 49.40
N LEU E 81 -5.15 -13.61 48.57
CA LEU E 81 -3.91 -12.84 48.52
C LEU E 81 -3.68 -12.07 49.80
N LEU E 82 -4.75 -11.52 50.40
CA LEU E 82 -4.63 -10.98 51.75
C LEU E 82 -4.04 -12.02 52.69
N GLY E 83 -4.47 -13.28 52.53
CA GLY E 83 -3.84 -14.35 53.29
C GLY E 83 -2.36 -14.48 52.96
N TYR E 84 -2.04 -14.63 51.68
CA TYR E 84 -0.67 -14.89 51.26
C TYR E 84 0.28 -13.81 51.77
N TYR E 85 -0.18 -12.57 51.83
CA TYR E 85 0.69 -11.48 52.21
C TYR E 85 0.56 -11.07 53.66
N ASN E 86 -0.22 -11.79 54.45
CA ASN E 86 -0.35 -11.46 55.86
C ASN E 86 -0.67 -9.98 56.03
N GLN E 87 -1.53 -9.49 55.15
CA GLN E 87 -2.10 -8.16 55.30
C GLN E 87 -3.38 -8.30 56.09
N SER E 88 -3.65 -7.33 56.91
CA SER E 88 -4.82 -7.39 57.78
C SER E 88 -6.01 -6.79 57.03
N ALA E 89 -7.05 -6.45 57.75
CA ALA E 89 -8.25 -5.90 57.16
C ALA E 89 -8.17 -4.40 57.34
N GLY E 90 -8.77 -3.67 56.41
CA GLY E 90 -8.74 -2.24 56.42
C GLY E 90 -7.72 -1.62 55.49
N GLY E 91 -7.16 -2.39 54.56
CA GLY E 91 -6.39 -1.83 53.48
C GLY E 91 -7.22 -1.68 52.22
N SER E 92 -6.60 -1.05 51.23
CA SER E 92 -7.06 -1.04 49.85
C SER E 92 -6.11 -1.89 49.02
N HIS E 93 -6.67 -2.79 48.22
CA HIS E 93 -5.89 -3.75 47.47
C HIS E 93 -6.33 -3.84 46.02
N THR E 94 -5.38 -4.22 45.15
CA THR E 94 -5.56 -4.26 43.71
C THR E 94 -5.11 -5.60 43.12
N LEU E 95 -5.97 -6.19 42.32
CA LEU E 95 -5.59 -7.38 41.59
C LEU E 95 -5.94 -7.16 40.12
N GLN E 96 -4.97 -7.39 39.23
CA GLN E 96 -5.11 -7.08 37.82
C GLN E 96 -4.72 -8.29 36.99
N GLN E 97 -5.28 -8.34 35.77
CA GLN E 97 -5.09 -9.43 34.83
C GLN E 97 -4.98 -8.87 33.42
N MET E 98 -4.04 -9.44 32.65
CA MET E 98 -3.93 -9.19 31.22
C MET E 98 -3.96 -10.54 30.55
N SER E 99 -4.87 -10.69 29.58
CA SER E 99 -4.87 -11.89 28.77
C SER E 99 -5.17 -11.49 27.34
N GLY E 100 -4.78 -12.33 26.41
CA GLY E 100 -5.03 -12.00 25.02
C GLY E 100 -4.12 -12.80 24.10
N CYS E 101 -4.13 -12.41 22.84
CA CYS E 101 -3.38 -13.14 21.83
C CYS E 101 -2.80 -12.16 20.82
N ASP E 102 -1.61 -12.50 20.36
CA ASP E 102 -0.92 -11.82 19.28
C ASP E 102 -0.90 -12.74 18.07
N LEU E 103 -1.38 -12.22 16.93
CA LEU E 103 -1.36 -12.90 15.65
C LEU E 103 -0.36 -12.23 14.72
N GLY E 104 0.32 -13.04 13.91
CA GLY E 104 1.13 -12.52 12.84
C GLY E 104 0.28 -12.02 11.68
N SER E 105 0.96 -11.58 10.62
CA SER E 105 0.27 -11.06 9.44
C SER E 105 -0.41 -12.17 8.63
N ASP E 106 -0.11 -13.43 8.94
CA ASP E 106 -0.78 -14.57 8.36
C ASP E 106 -2.03 -14.97 9.15
N TRP E 107 -2.40 -14.17 10.15
CA TRP E 107 -3.48 -14.44 11.11
C TRP E 107 -3.24 -15.71 11.92
N ARG E 108 -1.99 -16.14 11.97
CA ARG E 108 -1.57 -17.29 12.77
C ARG E 108 -1.13 -16.78 14.16
N LEU E 109 -1.51 -17.53 15.20
CA LEU E 109 -1.20 -17.09 16.56
C LEU E 109 0.30 -16.94 16.76
N LEU E 110 0.73 -15.75 17.15
CA LEU E 110 2.12 -15.52 17.53
C LEU E 110 2.39 -15.89 18.99
N ARG E 111 1.57 -15.38 19.93
CA ARG E 111 1.75 -15.71 21.34
C ARG E 111 0.44 -15.56 22.11
N GLY E 112 0.25 -16.41 23.11
CA GLY E 112 -0.81 -16.19 24.09
C GLY E 112 -0.28 -15.46 25.30
N TYR E 113 -1.15 -14.71 25.99
CA TYR E 113 -0.76 -13.93 27.16
C TYR E 113 -1.78 -14.14 28.28
N LEU E 114 -1.26 -14.55 29.43
CA LEU E 114 -2.01 -14.57 30.68
C LEU E 114 -1.05 -14.12 31.76
N GLN E 115 -1.37 -13.03 32.47
CA GLN E 115 -0.55 -12.65 33.62
C GLN E 115 -1.36 -11.84 34.61
N PHE E 116 -0.93 -11.91 35.88
CA PHE E 116 -1.59 -11.26 37.02
C PHE E 116 -0.60 -10.43 37.82
N ALA E 117 -1.14 -9.34 38.41
CA ALA E 117 -0.43 -8.42 39.29
C ALA E 117 -1.21 -8.12 40.57
N TYR E 118 -0.49 -8.08 41.69
CA TYR E 118 -1.04 -7.73 42.98
C TYR E 118 -0.38 -6.43 43.43
N GLU E 119 -1.19 -5.48 43.90
CA GLU E 119 -0.70 -4.15 44.23
C GLU E 119 0.15 -3.56 43.11
N GLY E 120 -0.26 -3.82 41.86
CA GLY E 120 0.45 -3.22 40.76
C GLY E 120 1.84 -3.77 40.54
N ARG E 121 2.14 -4.91 41.11
CA ARG E 121 3.43 -5.55 40.96
C ARG E 121 3.24 -6.95 40.40
N ASP E 122 4.18 -7.37 39.55
CA ASP E 122 4.09 -8.67 38.89
C ASP E 122 3.89 -9.80 39.89
N TYR E 123 2.87 -10.61 39.64
CA TYR E 123 2.54 -11.73 40.51
C TYR E 123 2.81 -13.06 39.82
N ILE E 124 2.09 -13.40 38.75
CA ILE E 124 2.35 -14.68 38.08
C ILE E 124 1.99 -14.55 36.61
N ALA E 125 2.69 -15.30 35.77
CA ALA E 125 2.47 -15.19 34.34
C ALA E 125 2.67 -16.53 33.66
N LEU E 126 1.83 -16.81 32.67
CA LEU E 126 2.02 -17.99 31.85
C LEU E 126 3.12 -17.70 30.85
N ASN E 127 4.04 -18.65 30.72
CA ASN E 127 5.12 -18.52 29.77
C ASN E 127 4.63 -18.79 28.35
N GLU E 128 5.40 -18.31 27.38
CA GLU E 128 5.01 -18.49 25.99
C GLU E 128 4.93 -19.97 25.63
N ASP E 129 5.62 -20.84 26.38
CA ASP E 129 5.43 -22.27 26.24
C ASP E 129 3.92 -22.60 26.34
N LEU E 130 3.24 -21.95 27.29
CA LEU E 130 1.86 -22.11 27.76
C LEU E 130 1.54 -23.44 28.43
N LYS E 131 2.54 -24.20 28.84
CA LYS E 131 2.37 -25.21 29.88
C LYS E 131 2.97 -24.81 31.24
N THR E 132 3.70 -23.69 31.31
CA THR E 132 4.48 -23.37 32.50
C THR E 132 4.27 -21.95 32.99
N TRP E 133 4.51 -21.75 34.29
CA TRP E 133 4.26 -20.50 35.00
C TRP E 133 5.54 -19.90 35.56
N THR E 134 5.69 -18.57 35.43
CA THR E 134 6.68 -17.78 36.15
C THR E 134 6.03 -17.08 37.34
N ALA E 135 6.53 -17.38 38.54
CA ALA E 135 6.00 -16.84 39.79
C ALA E 135 7.04 -15.91 40.42
N ALA E 136 6.65 -14.65 40.61
CA ALA E 136 7.60 -13.64 41.08
C ALA E 136 7.91 -13.80 42.56
N ASP E 137 6.91 -13.61 43.41
CA ASP E 137 7.05 -13.63 44.85
C ASP E 137 7.18 -15.04 45.36
N MET E 138 7.63 -15.17 46.61
CA MET E 138 7.49 -16.44 47.31
C MET E 138 6.01 -16.84 47.39
N ALA E 139 5.16 -15.88 47.75
CA ALA E 139 3.73 -16.14 47.82
C ALA E 139 3.18 -16.62 46.48
N ALA E 140 3.70 -16.05 45.37
CA ALA E 140 3.21 -16.46 44.06
C ALA E 140 3.55 -17.93 43.77
N GLN E 141 4.58 -18.47 44.41
CA GLN E 141 4.92 -19.86 44.20
C GLN E 141 3.83 -20.78 44.73
N ILE E 142 3.14 -20.36 45.80
CA ILE E 142 1.97 -21.10 46.29
C ILE E 142 0.96 -21.32 45.17
N THR E 143 0.56 -20.22 44.51
CA THR E 143 -0.38 -20.31 43.41
C THR E 143 0.18 -21.14 42.27
N ARG E 144 1.49 -21.04 42.00
CA ARG E 144 2.05 -21.79 40.89
C ARG E 144 1.97 -23.29 41.12
N ARG E 145 2.45 -23.78 42.27
CA ARG E 145 2.35 -25.21 42.53
CA ARG E 145 2.34 -25.21 42.56
C ARG E 145 0.90 -25.66 42.57
N LYS E 146 0.05 -24.85 43.21
CA LYS E 146 -1.39 -25.02 43.30
C LYS E 146 -2.01 -25.27 41.93
N TRP E 147 -1.63 -24.44 40.97
CA TRP E 147 -2.13 -24.43 39.59
C TRP E 147 -1.46 -25.45 38.68
N GLU E 148 -0.26 -25.95 39.03
CA GLU E 148 0.35 -26.98 38.21
C GLU E 148 -0.31 -28.33 38.45
N GLN E 149 -0.62 -28.63 39.71
CA GLN E 149 -1.40 -29.82 39.99
C GLN E 149 -2.81 -29.67 39.50
N SER E 150 -3.31 -28.48 39.43
CA SER E 150 -4.74 -28.39 39.17
C SER E 150 -5.09 -28.18 37.69
N GLY E 151 -4.11 -28.20 36.79
CA GLY E 151 -4.26 -28.15 35.33
C GLY E 151 -4.81 -26.89 34.68
N ALA E 152 -4.47 -25.75 35.25
CA ALA E 152 -4.94 -24.47 34.74
C ALA E 152 -4.33 -24.12 33.39
N ALA E 153 -3.04 -24.40 33.20
CA ALA E 153 -2.37 -24.02 31.97
C ALA E 153 -2.99 -24.70 30.75
N GLU E 154 -3.48 -25.94 30.91
CA GLU E 154 -4.20 -26.59 29.83
C GLU E 154 -5.47 -25.82 29.48
N HIS E 155 -6.19 -25.38 30.52
CA HIS E 155 -7.43 -24.61 30.35
C HIS E 155 -7.17 -23.32 29.57
N TYR E 156 -6.22 -22.51 30.04
CA TYR E 156 -5.97 -21.25 29.34
C TYR E 156 -5.33 -21.48 27.97
N LYS E 157 -4.56 -22.56 27.79
CA LYS E 157 -3.98 -22.83 26.46
C LYS E 157 -5.09 -23.10 25.46
N ALA E 158 -6.12 -23.84 25.89
CA ALA E 158 -7.31 -24.04 25.07
C ALA E 158 -7.99 -22.72 24.77
N TYR E 159 -8.10 -21.84 25.77
CA TYR E 159 -8.74 -20.56 25.51
C TYR E 159 -7.96 -19.70 24.51
N LEU E 160 -6.63 -19.62 24.67
CA LEU E 160 -5.83 -18.68 23.87
C LEU E 160 -5.58 -19.19 22.46
N GLU E 161 -5.41 -20.52 22.30
CA GLU E 161 -5.24 -21.12 20.97
C GLU E 161 -6.59 -21.29 20.28
N GLY E 162 -7.63 -21.44 21.10
CA GLY E 162 -9.06 -21.49 20.80
C GLY E 162 -9.65 -20.10 20.63
N GLU E 163 -10.82 -19.88 21.22
CA GLU E 163 -11.68 -18.71 21.00
C GLU E 163 -10.96 -17.37 20.92
N CYS E 164 -9.90 -17.12 21.72
CA CYS E 164 -9.17 -15.88 21.54
C CYS E 164 -8.80 -15.67 20.07
N VAL E 165 -8.20 -16.69 19.46
CA VAL E 165 -7.68 -16.55 18.11
C VAL E 165 -8.84 -16.41 17.12
N GLU E 166 -9.80 -17.34 17.18
CA GLU E 166 -10.90 -17.35 16.22
C GLU E 166 -11.73 -16.08 16.36
N TRP E 167 -12.19 -15.79 17.57
CA TRP E 167 -12.97 -14.58 17.78
C TRP E 167 -12.20 -13.35 17.33
N LEU E 168 -10.88 -13.34 17.52
CA LEU E 168 -10.13 -12.18 17.03
C LEU E 168 -10.21 -12.11 15.51
N HIS E 169 -10.18 -13.28 14.84
CA HIS E 169 -10.43 -13.32 13.41
C HIS E 169 -11.79 -12.67 13.09
N ARG E 170 -12.81 -12.99 13.88
CA ARG E 170 -14.15 -12.46 13.65
C ARG E 170 -14.20 -10.95 13.80
N TYR E 171 -13.76 -10.41 14.94
CA TYR E 171 -13.77 -8.96 15.11
C TYR E 171 -12.94 -8.28 14.03
N LEU E 172 -11.91 -8.97 13.52
CA LEU E 172 -11.13 -8.44 12.42
C LEU E 172 -11.97 -8.33 11.15
N LYS E 173 -12.68 -9.40 10.78
CA LYS E 173 -13.56 -9.32 9.61
C LYS E 173 -14.59 -8.19 9.78
N ASN E 174 -15.15 -8.04 10.98
CA ASN E 174 -16.18 -7.01 11.20
C ASN E 174 -15.62 -5.60 11.21
N GLY E 175 -14.34 -5.41 11.50
CA GLY E 175 -13.77 -4.08 11.53
C GLY E 175 -13.00 -3.69 10.29
N LEU E 179 -9.00 -0.26 12.28
CA LEU E 179 -7.98 -0.97 13.06
C LEU E 179 -6.73 -1.26 12.23
N LEU E 180 -6.87 -1.24 10.89
CA LEU E 180 -5.76 -1.46 9.99
C LEU E 180 -5.13 -0.14 9.53
N ARG E 181 -5.68 0.99 9.96
CA ARG E 181 -5.24 2.32 9.57
C ARG E 181 -3.99 2.73 10.32
N THR E 182 -3.20 3.58 9.69
CA THR E 182 -2.15 4.34 10.36
C THR E 182 -2.26 5.80 9.96
N ASP E 183 -1.87 6.68 10.87
CA ASP E 183 -1.78 8.11 10.61
C ASP E 183 -0.34 8.53 10.76
N SER E 184 0.26 8.96 9.67
CA SER E 184 1.63 9.39 9.70
C SER E 184 1.74 10.68 10.53
N PRO E 185 2.82 10.86 11.28
CA PRO E 185 3.00 12.12 12.00
C PRO E 185 3.24 13.28 11.04
N LYS E 186 3.02 14.49 11.55
CA LYS E 186 3.47 15.72 10.93
C LYS E 186 4.41 16.40 11.90
N ALA E 187 5.63 16.66 11.46
CA ALA E 187 6.66 17.18 12.34
C ALA E 187 6.96 18.63 11.99
N HIS E 188 7.40 19.39 12.98
CA HIS E 188 7.89 20.74 12.76
C HIS E 188 8.76 21.12 13.95
N VAL E 189 9.60 22.13 13.77
CA VAL E 189 10.53 22.54 14.82
C VAL E 189 10.18 23.95 15.25
N THR E 190 10.30 24.22 16.56
CA THR E 190 10.06 25.54 17.11
C THR E 190 11.29 26.05 17.87
N HIS E 191 11.47 27.38 17.80
CA HIS E 191 12.64 28.12 18.25
C HIS E 191 12.36 28.79 19.61
N HIS E 192 13.18 28.50 20.62
CA HIS E 192 13.01 29.08 21.96
C HIS E 192 14.36 29.52 22.54
N PRO E 193 14.80 30.76 22.23
CA PRO E 193 16.14 31.28 22.60
C PRO E 193 16.48 31.32 24.10
N VAL E 199 19.62 28.74 22.21
CA VAL E 199 18.26 28.44 21.79
C VAL E 199 17.92 26.96 22.02
N THR E 200 16.69 26.72 22.47
CA THR E 200 16.08 25.39 22.48
C THR E 200 15.33 25.14 21.17
N LEU E 201 15.69 24.05 20.49
CA LEU E 201 14.91 23.60 19.34
C LEU E 201 14.00 22.46 19.81
N ARG E 202 12.72 22.59 19.50
CA ARG E 202 11.75 21.60 19.94
C ARG E 202 11.17 20.96 18.69
N CYS E 203 11.18 19.64 18.66
CA CYS E 203 10.76 18.88 17.49
C CYS E 203 9.45 18.20 17.80
N TRP E 204 8.45 18.45 16.98
CA TRP E 204 7.09 18.07 17.25
C TRP E 204 6.65 17.07 16.20
N ALA E 205 6.04 15.98 16.67
CA ALA E 205 5.29 15.05 15.84
C ALA E 205 3.86 15.04 16.32
N LEU E 206 2.91 15.31 15.41
CA LEU E 206 1.52 15.50 15.77
C LEU E 206 0.63 14.67 14.88
N GLY E 207 -0.53 14.32 15.45
CA GLY E 207 -1.58 13.65 14.71
C GLY E 207 -1.24 12.27 14.19
N PHE E 208 -0.40 11.51 14.90
CA PHE E 208 0.00 10.21 14.41
C PHE E 208 -0.71 9.10 15.15
N TYR E 209 -0.95 8.00 14.43
CA TYR E 209 -1.46 6.75 15.03
C TYR E 209 -0.82 5.51 14.36
N PRO E 210 -0.54 4.46 15.15
CA PRO E 210 -0.61 4.30 16.60
C PRO E 210 0.43 5.12 17.36
N ALA E 211 0.48 4.93 18.67
CA ALA E 211 1.21 5.84 19.54
C ALA E 211 2.71 5.62 19.48
N ASP E 212 3.15 4.47 18.97
CA ASP E 212 4.57 4.15 18.85
C ASP E 212 5.26 5.16 17.94
N ILE E 213 6.30 5.82 18.44
CA ILE E 213 7.03 6.79 17.63
C ILE E 213 8.41 6.96 18.22
N THR E 214 9.38 7.33 17.37
CA THR E 214 10.73 7.65 17.87
C THR E 214 11.21 8.98 17.31
N LEU E 215 11.81 9.79 18.17
CA LEU E 215 12.28 11.13 17.82
C LEU E 215 13.74 11.25 18.22
N THR E 216 14.60 11.61 17.27
CA THR E 216 16.03 11.76 17.55
C THR E 216 16.55 13.09 17.01
N TRP E 217 17.55 13.64 17.70
CA TRP E 217 18.31 14.79 17.21
C TRP E 217 19.77 14.40 16.91
N GLN E 218 20.31 14.93 15.81
CA GLN E 218 21.64 14.56 15.32
C GLN E 218 22.48 15.80 15.04
N LEU E 219 23.69 15.83 15.63
CA LEU E 219 24.74 16.81 15.30
C LEU E 219 25.76 16.14 14.37
N ASN E 220 25.82 16.62 13.12
CA ASN E 220 26.82 16.18 12.15
C ASN E 220 26.80 14.67 11.95
N GLY E 221 25.61 14.08 12.02
CA GLY E 221 25.45 12.67 11.77
C GLY E 221 25.39 11.81 13.02
N GLU E 222 25.47 12.42 14.20
CA GLU E 222 25.62 11.69 15.46
C GLU E 222 24.44 12.02 16.37
N GLU E 223 23.67 10.99 16.74
CA GLU E 223 22.52 11.18 17.62
C GLU E 223 22.96 11.73 18.96
N LEU E 224 22.16 12.64 19.52
CA LEU E 224 22.45 13.22 20.82
C LEU E 224 21.36 12.76 21.78
N THR E 225 21.71 11.83 22.67
CA THR E 225 20.91 11.48 23.83
C THR E 225 21.37 12.21 25.07
N GLN E 226 22.42 13.02 24.97
CA GLN E 226 22.97 13.73 26.12
C GLN E 226 22.12 14.96 26.40
N ASP E 227 21.52 15.00 27.59
CA ASP E 227 20.73 16.13 28.07
C ASP E 227 19.64 16.53 27.09
N MET E 228 19.15 15.58 26.29
CA MET E 228 18.03 15.80 25.39
C MET E 228 16.75 15.47 26.15
N GLU E 229 15.78 16.38 26.13
CA GLU E 229 14.55 16.18 26.86
C GLU E 229 13.39 15.86 25.91
N LEU E 230 12.51 14.96 26.36
CA LEU E 230 11.30 14.62 25.62
C LEU E 230 10.18 14.36 26.61
N VAL E 231 8.96 14.41 26.11
CA VAL E 231 7.77 14.14 26.92
C VAL E 231 7.19 12.79 26.54
N GLU E 232 6.57 12.14 27.52
CA GLU E 232 5.92 10.89 27.20
CA GLU E 232 5.84 10.90 27.28
C GLU E 232 4.81 11.13 26.18
N THR E 233 4.69 10.18 25.26
CA THR E 233 3.68 10.34 24.22
C THR E 233 2.30 10.53 24.84
N ARG E 234 1.51 11.44 24.28
CA ARG E 234 0.26 11.85 24.88
C ARG E 234 -0.85 11.83 23.85
N PRO E 235 -2.06 11.47 24.27
CA PRO E 235 -3.20 11.45 23.34
C PRO E 235 -3.67 12.85 23.04
N ALA E 236 -4.00 13.08 21.78
CA ALA E 236 -4.61 14.34 21.41
C ALA E 236 -6.05 14.42 21.86
N GLY E 237 -6.71 13.27 22.09
CA GLY E 237 -8.14 13.22 22.34
C GLY E 237 -8.97 12.85 21.13
N ASP E 238 -8.40 12.92 19.92
CA ASP E 238 -9.07 12.57 18.67
C ASP E 238 -8.77 11.16 18.17
N GLY E 239 -8.02 10.37 18.92
CA GLY E 239 -7.59 9.08 18.42
C GLY E 239 -6.18 9.08 17.84
N THR E 240 -5.51 10.24 17.80
CA THR E 240 -4.10 10.32 17.43
C THR E 240 -3.31 10.89 18.60
N PHE E 241 -1.98 10.96 18.40
CA PHE E 241 -1.06 11.27 19.50
C PHE E 241 -0.13 12.43 19.15
N GLN E 242 0.68 12.79 20.13
CA GLN E 242 1.59 13.91 20.00
C GLN E 242 2.83 13.55 20.78
N LYS E 243 3.97 14.13 20.36
CA LYS E 243 5.21 14.03 21.10
C LYS E 243 6.16 15.14 20.65
N TRP E 244 7.10 15.48 21.52
CA TRP E 244 8.17 16.38 21.08
C TRP E 244 9.47 16.01 21.80
N ALA E 245 10.58 16.34 21.16
CA ALA E 245 11.89 16.18 21.77
C ALA E 245 12.69 17.45 21.52
N SER E 246 13.40 17.90 22.54
CA SER E 246 14.05 19.20 22.49
C SER E 246 15.54 19.10 22.77
N VAL E 247 16.28 20.06 22.18
CA VAL E 247 17.74 20.14 22.24
C VAL E 247 18.16 21.56 22.62
N VAL E 248 19.03 21.65 23.61
CA VAL E 248 19.71 22.91 23.93
C VAL E 248 21.02 22.93 23.17
N VAL E 249 21.20 23.92 22.29
CA VAL E 249 22.37 23.96 21.41
C VAL E 249 22.90 25.39 21.43
N PRO E 250 24.06 25.68 20.83
CA PRO E 250 24.52 27.08 20.82
C PRO E 250 23.64 27.93 19.91
N LEU E 251 23.90 29.23 19.96
CA LEU E 251 22.87 30.17 19.59
C LEU E 251 22.85 30.51 18.11
N GLY E 252 23.92 30.22 17.38
CA GLY E 252 23.95 30.51 15.96
C GLY E 252 23.81 29.32 15.02
N LYS E 253 23.99 28.11 15.55
CA LYS E 253 24.06 26.92 14.70
C LYS E 253 22.67 26.32 14.57
N GLU E 254 22.12 26.40 13.36
CA GLU E 254 20.71 26.08 13.12
C GLU E 254 20.57 24.95 12.11
N GLN E 255 21.04 25.14 10.88
CA GLN E 255 20.98 24.07 9.87
C GLN E 255 21.88 22.89 10.20
N ASN E 256 22.74 23.01 11.23
CA ASN E 256 23.68 21.97 11.66
C ASN E 256 23.07 20.81 12.44
N TYR E 257 21.81 20.92 12.87
CA TYR E 257 21.18 19.93 13.72
C TYR E 257 19.96 19.37 13.04
N THR E 258 19.69 18.08 13.24
CA THR E 258 18.64 17.42 12.48
C THR E 258 17.73 16.65 13.41
N CYS E 259 16.43 16.77 13.18
CA CYS E 259 15.45 15.96 13.88
C CYS E 259 14.96 14.87 12.94
N ARG E 260 14.78 13.66 13.48
CA ARG E 260 14.28 12.51 12.73
C ARG E 260 13.09 11.88 13.47
N VAL E 261 12.09 11.46 12.70
CA VAL E 261 10.82 11.00 13.22
C VAL E 261 10.57 9.63 12.59
N TYR E 262 10.58 8.60 13.41
CA TYR E 262 10.39 7.23 12.97
C TYR E 262 9.01 6.80 13.37
N HIS E 263 8.21 6.43 12.37
CA HIS E 263 6.85 5.97 12.64
C HIS E 263 6.47 5.00 11.56
N GLU E 264 5.70 3.98 11.94
CA GLU E 264 5.40 2.91 11.00
C GLU E 264 4.54 3.40 9.83
N GLY E 265 3.66 4.37 10.08
CA GLY E 265 2.82 4.91 9.02
C GLY E 265 3.58 5.76 8.01
N LEU E 266 4.80 6.11 8.30
CA LEU E 266 5.51 6.87 7.28
C LEU E 266 6.04 5.92 6.21
N PRO E 267 6.08 6.38 4.96
CA PRO E 267 6.85 5.61 3.97
C PRO E 267 8.32 5.50 4.34
N GLU E 268 8.93 6.60 4.75
CA GLU E 268 10.30 6.65 5.23
C GLU E 268 10.35 7.56 6.45
N PRO E 269 11.41 7.45 7.26
CA PRO E 269 11.55 8.39 8.37
C PRO E 269 11.49 9.82 7.86
N LEU E 270 11.02 10.72 8.72
CA LEU E 270 11.07 12.13 8.40
C LEU E 270 12.39 12.68 8.87
N THR E 271 13.04 13.44 8.00
CA THR E 271 14.22 14.21 8.36
C THR E 271 13.86 15.68 8.19
N LEU E 272 14.17 16.50 9.19
CA LEU E 272 13.81 17.92 9.14
C LEU E 272 14.72 18.73 10.04
N ARG E 273 14.80 20.04 9.75
CA ARG E 273 15.50 21.06 10.54
C ARG E 273 14.61 22.29 10.66
N TRP E 274 15.06 23.30 11.42
CA TRP E 274 14.30 24.54 11.58
C TRP E 274 14.29 25.35 10.28
N GLU E 275 13.09 25.72 9.83
CA GLU E 275 12.89 26.42 8.58
C GLU E 275 12.42 27.85 8.83
N PRO E 276 13.12 28.88 8.33
CA PRO E 276 12.52 30.23 8.38
C PRO E 276 11.30 30.32 7.47
N ILE F 1 3.21 -0.50 47.78
CA ILE F 1 3.56 0.92 47.75
C ILE F 1 2.73 1.63 46.68
N GLN F 2 3.28 2.74 46.18
CA GLN F 2 2.53 3.65 45.34
C GLN F 2 3.40 4.31 44.29
N LYS F 3 2.83 4.60 43.13
CA LYS F 3 3.52 5.28 42.05
C LYS F 3 2.97 6.70 41.93
N THR F 4 3.89 7.68 41.78
CA THR F 4 3.52 9.11 41.73
C THR F 4 3.08 9.51 40.32
N PRO F 5 1.91 10.14 40.19
CA PRO F 5 1.40 10.44 38.85
C PRO F 5 2.32 11.40 38.11
N GLN F 6 2.41 11.19 36.79
CA GLN F 6 3.04 12.11 35.86
C GLN F 6 1.95 12.88 35.13
N ILE F 7 2.14 14.18 35.02
CA ILE F 7 1.08 15.08 34.55
C ILE F 7 1.60 15.92 33.38
N GLN F 8 0.88 15.91 32.27
CA GLN F 8 1.12 16.89 31.21
C GLN F 8 -0.18 17.63 30.97
N VAL F 9 -0.08 18.94 30.71
CA VAL F 9 -1.24 19.73 30.35
C VAL F 9 -0.95 20.38 29.01
N TYR F 10 -1.83 20.15 28.02
CA TYR F 10 -1.50 20.58 26.67
C TYR F 10 -2.80 20.66 25.87
N SER F 11 -2.77 21.47 24.82
CA SER F 11 -3.90 21.63 23.91
C SER F 11 -3.90 20.56 22.81
N ARG F 12 -5.10 20.19 22.37
CA ARG F 12 -5.18 19.27 21.25
C ARG F 12 -4.65 19.89 19.96
N HIS F 13 -5.13 20.99 19.60
CA HIS F 13 -4.71 21.73 18.42
C HIS F 13 -3.70 22.79 18.83
N PRO F 14 -2.83 23.21 17.90
CA PRO F 14 -1.86 24.28 18.20
C PRO F 14 -2.57 25.51 18.71
N PRO F 15 -2.11 26.08 19.83
CA PRO F 15 -2.87 27.15 20.47
C PRO F 15 -2.82 28.42 19.62
N GLU F 16 -3.97 29.07 19.50
CA GLU F 16 -4.07 30.40 18.92
C GLU F 16 -5.05 31.19 19.74
N ASN F 17 -4.64 32.37 20.20
CA ASN F 17 -5.52 33.17 21.02
C ASN F 17 -6.84 33.43 20.28
N GLY F 18 -7.95 33.26 21.00
CA GLY F 18 -9.26 33.50 20.42
C GLY F 18 -9.83 32.38 19.58
N LYS F 19 -9.04 31.31 19.28
CA LYS F 19 -9.64 30.20 18.54
C LYS F 19 -10.07 29.10 19.50
N PRO F 20 -11.31 28.62 19.42
CA PRO F 20 -11.72 27.49 20.28
C PRO F 20 -10.83 26.28 20.05
N ASN F 21 -10.60 25.54 21.13
CA ASN F 21 -9.63 24.45 21.19
C ASN F 21 -10.08 23.52 22.32
N ILE F 22 -9.31 22.47 22.56
CA ILE F 22 -9.53 21.59 23.70
C ILE F 22 -8.28 21.60 24.57
N LEU F 23 -8.47 21.66 25.88
CA LEU F 23 -7.37 21.53 26.83
C LEU F 23 -7.42 20.17 27.52
N ASN F 24 -6.26 19.49 27.50
CA ASN F 24 -6.03 18.16 28.05
C ASN F 24 -5.15 18.24 29.30
N CYS F 25 -5.43 17.33 30.22
CA CYS F 25 -4.60 17.01 31.38
C CYS F 25 -4.48 15.49 31.34
N TYR F 26 -3.28 14.99 31.04
CA TYR F 26 -2.99 13.56 30.89
C TYR F 26 -2.20 13.13 32.12
N VAL F 27 -2.76 12.21 32.90
CA VAL F 27 -2.13 11.77 34.15
C VAL F 27 -1.82 10.30 34.02
N THR F 28 -0.60 9.92 34.31
CA THR F 28 -0.17 8.56 33.99
C THR F 28 0.63 7.99 35.15
N GLN F 29 0.77 6.66 35.11
CA GLN F 29 1.77 5.96 35.92
C GLN F 29 1.61 6.22 37.41
N PHE F 30 0.36 6.20 37.88
CA PHE F 30 0.08 6.27 39.30
C PHE F 30 -0.49 4.95 39.80
N HIS F 31 -0.21 4.66 41.07
CA HIS F 31 -0.84 3.58 41.80
C HIS F 31 -1.07 4.03 43.24
N PRO F 32 -2.22 3.68 43.84
CA PRO F 32 -3.38 2.91 43.38
C PRO F 32 -4.25 3.72 42.39
N PRO F 33 -5.30 3.10 41.80
CA PRO F 33 -6.05 3.80 40.75
C PRO F 33 -6.88 4.98 41.24
N HIS F 34 -7.15 5.10 42.55
CA HIS F 34 -7.99 6.19 43.05
CA HIS F 34 -8.00 6.21 42.98
C HIS F 34 -7.25 7.52 42.93
N ILE F 35 -7.85 8.49 42.24
CA ILE F 35 -7.17 9.75 41.98
C ILE F 35 -8.24 10.83 41.91
N GLU F 36 -7.85 12.07 42.18
CA GLU F 36 -8.76 13.20 42.02
C GLU F 36 -8.08 14.23 41.13
N ILE F 37 -8.79 14.62 40.07
CA ILE F 37 -8.26 15.49 39.02
C ILE F 37 -9.22 16.64 38.76
N GLN F 38 -8.74 17.85 38.92
CA GLN F 38 -9.49 19.07 38.62
C GLN F 38 -8.75 19.89 37.58
N MET F 39 -9.52 20.59 36.76
CA MET F 39 -8.98 21.55 35.81
C MET F 39 -9.42 22.96 36.20
N LEU F 40 -8.48 23.91 36.18
CA LEU F 40 -8.69 25.25 36.70
C LEU F 40 -8.48 26.29 35.61
N LYS F 41 -9.43 27.19 35.47
CA LYS F 41 -9.24 28.42 34.72
C LYS F 41 -9.11 29.56 35.70
N ASN F 42 -7.95 30.23 35.68
CA ASN F 42 -7.66 31.36 36.56
C ASN F 42 -7.83 30.97 38.02
N GLY F 43 -7.29 29.81 38.37
CA GLY F 43 -7.35 29.30 39.72
C GLY F 43 -8.71 28.84 40.21
N LYS F 44 -9.75 28.86 39.38
CA LYS F 44 -11.07 28.42 39.79
C LYS F 44 -11.43 27.17 39.02
N LYS F 45 -12.22 26.29 39.63
CA LYS F 45 -12.49 24.99 39.02
C LYS F 45 -13.38 25.16 37.80
N ILE F 46 -12.97 24.56 36.68
CA ILE F 46 -13.71 24.61 35.42
C ILE F 46 -14.91 23.69 35.49
N PRO F 47 -16.10 24.22 35.25
CA PRO F 47 -17.32 23.46 35.55
C PRO F 47 -17.53 22.20 34.72
N LYS F 48 -17.33 22.24 33.42
CA LYS F 48 -17.68 21.09 32.59
C LYS F 48 -16.40 20.47 32.07
N VAL F 49 -16.04 19.31 32.64
CA VAL F 49 -14.78 18.64 32.38
C VAL F 49 -15.07 17.18 32.13
N GLU F 50 -14.72 16.68 30.93
CA GLU F 50 -14.91 15.26 30.66
C GLU F 50 -13.65 14.48 31.01
N MET F 51 -13.87 13.26 31.50
CA MET F 51 -12.88 12.40 32.12
C MET F 51 -13.08 11.00 31.56
N SER F 52 -12.00 10.43 31.01
CA SER F 52 -12.06 9.07 30.52
C SER F 52 -12.15 8.09 31.69
N ASP F 53 -12.55 6.87 31.38
CA ASP F 53 -12.66 5.85 32.40
C ASP F 53 -11.28 5.34 32.80
N MET F 54 -11.23 4.70 33.96
CA MET F 54 -9.97 4.12 34.44
C MET F 54 -9.42 3.10 33.44
N SER F 55 -8.11 3.15 33.26
CA SER F 55 -7.41 2.25 32.35
C SER F 55 -6.01 2.09 32.90
N PHE F 56 -5.37 0.98 32.53
CA PHE F 56 -3.99 0.78 32.94
C PHE F 56 -3.18 0.23 31.78
N SER F 57 -1.86 0.28 31.98
CA SER F 57 -0.88 0.02 30.94
C SER F 57 -0.29 -1.37 31.07
N LYS F 58 0.58 -1.69 30.10
CA LYS F 58 1.27 -2.98 30.08
C LYS F 58 2.14 -3.17 31.32
N ASP F 59 2.69 -2.07 31.86
CA ASP F 59 3.44 -2.12 33.12
C ASP F 59 2.52 -2.07 34.37
N TRP F 60 1.19 -2.09 34.22
CA TRP F 60 0.17 -2.18 35.29
C TRP F 60 -0.21 -0.83 35.89
N SER F 61 0.50 0.26 35.57
CA SER F 61 0.15 1.53 36.17
C SER F 61 -1.07 2.12 35.46
N PHE F 62 -1.75 3.00 36.17
CA PHE F 62 -3.04 3.53 35.77
C PHE F 62 -2.84 4.91 35.15
N TYR F 63 -3.70 5.24 34.20
CA TYR F 63 -3.65 6.54 33.53
C TYR F 63 -5.07 7.01 33.20
N ILE F 64 -5.21 8.32 33.04
CA ILE F 64 -6.50 8.97 32.86
C ILE F 64 -6.30 10.22 32.00
N LEU F 65 -7.25 10.50 31.11
CA LEU F 65 -7.25 11.75 30.38
C LEU F 65 -8.47 12.60 30.76
N ALA F 66 -8.21 13.84 31.18
CA ALA F 66 -9.22 14.86 31.40
C ALA F 66 -9.12 15.90 30.30
N HIS F 67 -10.27 16.45 29.89
CA HIS F 67 -10.26 17.51 28.88
C HIS F 67 -11.50 18.38 29.01
N THR F 68 -11.38 19.58 28.45
CA THR F 68 -12.44 20.57 28.47
C THR F 68 -12.36 21.44 27.23
N GLU F 69 -13.50 21.98 26.81
CA GLU F 69 -13.49 23.01 25.77
C GLU F 69 -12.82 24.25 26.35
N PHE F 70 -12.00 24.93 25.54
CA PHE F 70 -11.49 26.21 26.02
C PHE F 70 -11.05 27.06 24.83
N THR F 71 -11.00 28.36 25.08
CA THR F 71 -10.44 29.32 24.13
C THR F 71 -9.23 30.04 24.71
N PRO F 72 -8.03 29.80 24.19
CA PRO F 72 -6.85 30.48 24.74
C PRO F 72 -6.93 31.99 24.56
N THR F 73 -6.45 32.71 25.57
CA THR F 73 -6.23 34.14 25.47
C THR F 73 -4.83 34.42 26.00
N GLU F 74 -4.44 35.68 25.94
CA GLU F 74 -3.14 36.07 26.50
C GLU F 74 -3.19 36.20 28.02
N THR F 75 -4.35 36.55 28.60
CA THR F 75 -4.51 36.80 30.03
C THR F 75 -5.03 35.62 30.89
N ASP F 76 -5.53 34.53 30.33
CA ASP F 76 -6.18 33.53 31.17
C ASP F 76 -5.23 32.36 31.43
N THR F 77 -5.17 31.91 32.67
CA THR F 77 -4.33 30.79 33.04
C THR F 77 -5.16 29.51 33.15
N TYR F 78 -4.57 28.39 32.73
CA TYR F 78 -5.20 27.08 32.87
C TYR F 78 -4.24 26.13 33.58
N ALA F 79 -4.81 25.23 34.36
CA ALA F 79 -3.97 24.38 35.19
C ALA F 79 -4.73 23.13 35.55
N CYS F 80 -3.99 22.13 36.00
CA CYS F 80 -4.55 20.86 36.38
C CYS F 80 -4.07 20.55 37.79
N ARG F 81 -5.01 20.47 38.73
CA ARG F 81 -4.72 20.12 40.12
C ARG F 81 -5.07 18.66 40.33
N VAL F 82 -4.17 17.93 40.97
CA VAL F 82 -4.22 16.48 41.10
C VAL F 82 -3.91 16.10 42.54
N LYS F 83 -4.81 15.34 43.14
CA LYS F 83 -4.66 14.78 44.46
C LYS F 83 -4.49 13.27 44.31
N HIS F 84 -3.44 12.75 44.92
CA HIS F 84 -3.18 11.32 44.91
C HIS F 84 -2.47 10.95 46.20
N ASP F 85 -2.72 9.73 46.68
CA ASP F 85 -2.15 9.30 47.96
C ASP F 85 -0.63 9.27 47.96
N SER F 86 0.01 9.21 46.79
CA SER F 86 1.46 9.18 46.73
C SER F 86 2.08 10.56 47.01
N MET F 87 1.28 11.61 47.14
CA MET F 87 1.82 12.96 47.24
C MET F 87 1.29 13.65 48.50
N ALA F 88 2.20 14.34 49.20
CA ALA F 88 1.82 15.00 50.45
C ALA F 88 0.79 16.09 50.20
N GLU F 89 1.02 16.95 49.21
CA GLU F 89 0.13 18.04 48.87
C GLU F 89 -0.35 17.87 47.43
N PRO F 90 -1.48 18.46 47.06
CA PRO F 90 -1.91 18.38 45.67
C PRO F 90 -0.83 18.99 44.77
N LYS F 91 -0.73 18.45 43.57
CA LYS F 91 0.21 18.99 42.58
C LYS F 91 -0.60 19.75 41.54
N THR F 92 -0.16 20.97 41.22
CA THR F 92 -0.77 21.81 40.19
C THR F 92 0.21 22.01 39.05
N VAL F 93 -0.22 21.71 37.83
CA VAL F 93 0.61 21.92 36.65
C VAL F 93 -0.11 22.90 35.72
N TYR F 94 0.57 24.01 35.44
CA TYR F 94 0.01 25.07 34.61
C TYR F 94 0.20 24.73 33.14
N TRP F 95 -0.81 25.05 32.34
CA TRP F 95 -0.65 24.89 30.91
C TRP F 95 0.46 25.82 30.46
N ASP F 96 1.40 25.28 29.69
CA ASP F 96 2.46 26.04 29.04
C ASP F 96 2.23 25.85 27.55
N ARG F 97 2.00 26.95 26.87
CA ARG F 97 1.63 27.00 25.47
C ARG F 97 2.71 26.45 24.53
N ASP F 98 3.97 26.47 24.95
CA ASP F 98 5.07 25.99 24.14
C ASP F 98 5.44 24.54 24.40
N MET F 99 4.71 23.86 25.27
CA MET F 99 5.11 22.50 25.65
C MET F 99 3.98 21.47 25.57
N GLY G 1 -3.33 8.43 -4.96
CA GLY G 1 -4.53 8.68 -5.75
C GLY G 1 -4.66 10.12 -6.22
N PRO G 2 -5.63 10.40 -7.09
CA PRO G 2 -5.88 11.77 -7.53
C PRO G 2 -6.74 12.51 -6.51
N HIS G 3 -6.97 13.80 -6.76
CA HIS G 3 -7.65 14.63 -5.78
C HIS G 3 -8.52 15.66 -6.49
N SER G 4 -9.53 16.15 -5.76
CA SER G 4 -10.51 17.06 -6.34
C SER G 4 -11.05 18.02 -5.29
N MET G 5 -11.40 19.21 -5.75
CA MET G 5 -12.19 20.13 -4.94
C MET G 5 -13.32 20.69 -5.78
N ARG G 6 -14.50 20.85 -5.18
CA ARG G 6 -15.60 21.56 -5.83
C ARG G 6 -16.46 22.37 -4.86
N TYR G 7 -16.93 23.50 -5.38
CA TYR G 7 -17.95 24.30 -4.73
C TYR G 7 -19.20 24.19 -5.56
N PHE G 8 -20.26 23.66 -4.94
CA PHE G 8 -21.59 23.56 -5.52
C PHE G 8 -22.44 24.67 -4.91
N GLU G 9 -22.84 25.64 -5.74
CA GLU G 9 -23.60 26.79 -5.29
C GLU G 9 -24.99 26.79 -5.93
N THR G 10 -25.99 27.20 -5.16
CA THR G 10 -27.38 27.20 -5.59
C THR G 10 -28.05 28.47 -5.09
N ALA G 11 -28.84 29.09 -5.95
CA ALA G 11 -29.73 30.15 -5.53
C ALA G 11 -31.13 29.81 -6.03
N VAL G 12 -32.10 29.91 -5.14
CA VAL G 12 -33.49 29.56 -5.42
C VAL G 12 -34.37 30.75 -5.13
N SER G 13 -35.26 31.07 -6.07
CA SER G 13 -36.22 32.15 -5.93
C SER G 13 -37.63 31.57 -5.82
N ARG G 14 -38.40 32.10 -4.88
CA ARG G 14 -39.80 31.76 -4.64
C ARG G 14 -40.67 32.99 -4.83
N PRO G 15 -41.96 32.82 -5.13
CA PRO G 15 -42.83 33.98 -5.34
C PRO G 15 -42.92 34.95 -4.16
N GLY G 16 -42.45 34.57 -2.97
CA GLY G 16 -42.24 35.56 -1.93
C GLY G 16 -41.30 36.65 -2.39
N LEU G 17 -41.56 37.88 -1.93
CA LEU G 17 -40.73 39.00 -2.37
C LEU G 17 -39.34 38.98 -1.75
N GLU G 18 -39.07 38.03 -0.88
CA GLU G 18 -37.81 37.96 -0.15
C GLU G 18 -36.67 37.72 -1.14
N GLU G 19 -35.45 38.01 -0.69
CA GLU G 19 -34.29 37.76 -1.52
C GLU G 19 -34.11 36.25 -1.72
N PRO G 20 -33.61 35.83 -2.90
CA PRO G 20 -33.45 34.41 -3.13
C PRO G 20 -32.56 33.78 -2.07
N ARG G 21 -32.78 32.50 -1.84
CA ARG G 21 -31.95 31.77 -0.91
C ARG G 21 -30.69 31.28 -1.63
N TYR G 22 -29.55 31.47 -0.99
CA TYR G 22 -28.25 31.11 -1.55
C TYR G 22 -27.59 30.13 -0.62
N ILE G 23 -27.08 29.03 -1.20
CA ILE G 23 -26.43 27.97 -0.45
C ILE G 23 -25.17 27.58 -1.19
N SER G 24 -24.07 27.45 -0.45
CA SER G 24 -22.79 27.08 -1.04
C SER G 24 -22.18 25.95 -0.22
N VAL G 25 -21.74 24.89 -0.90
CA VAL G 25 -21.13 23.74 -0.25
C VAL G 25 -19.77 23.47 -0.86
N GLY G 26 -18.76 23.34 -0.01
CA GLY G 26 -17.45 22.89 -0.44
C GLY G 26 -17.25 21.40 -0.25
N TYR G 27 -16.45 20.81 -1.14
CA TYR G 27 -16.09 19.39 -1.09
C TYR G 27 -14.61 19.27 -1.40
N VAL G 28 -13.90 18.50 -0.58
CA VAL G 28 -12.60 17.99 -0.96
C VAL G 28 -12.77 16.47 -1.07
N ASP G 29 -12.35 15.92 -2.21
CA ASP G 29 -12.50 14.49 -2.55
C ASP G 29 -13.91 13.97 -2.21
N ASN G 30 -14.90 14.71 -2.72
CA ASN G 30 -16.32 14.34 -2.61
C ASN G 30 -16.77 14.20 -1.17
N LYS G 31 -16.19 14.97 -0.25
CA LYS G 31 -16.74 15.12 1.09
C LYS G 31 -16.91 16.59 1.40
N GLU G 32 -17.96 16.90 2.15
CA GLU G 32 -18.35 18.30 2.35
C GLU G 32 -17.52 18.87 3.50
N PHE G 33 -16.63 19.82 3.18
CA PHE G 33 -15.81 20.41 4.24
C PHE G 33 -16.23 21.80 4.70
N VAL G 34 -17.08 22.51 3.96
CA VAL G 34 -17.55 23.84 4.34
C VAL G 34 -18.95 24.03 3.78
N ARG G 35 -19.74 24.87 4.42
CA ARG G 35 -21.07 25.15 3.90
C ARG G 35 -21.51 26.55 4.30
N PHE G 36 -22.20 27.21 3.38
CA PHE G 36 -22.74 28.54 3.60
C PHE G 36 -24.19 28.51 3.18
N ASP G 37 -25.08 29.01 4.04
CA ASP G 37 -26.51 29.05 3.78
C ASP G 37 -26.98 30.46 4.08
N SER G 38 -27.62 31.10 3.10
CA SER G 38 -28.03 32.49 3.26
C SER G 38 -29.19 32.66 4.21
N ASP G 39 -29.88 31.57 4.54
CA ASP G 39 -31.01 31.64 5.44
C ASP G 39 -30.59 31.35 6.87
N ALA G 40 -29.31 31.01 7.09
CA ALA G 40 -28.84 30.72 8.43
C ALA G 40 -28.80 31.99 9.29
N GLU G 41 -28.45 31.78 10.55
CA GLU G 41 -28.67 32.70 11.65
C GLU G 41 -28.12 34.08 11.33
N ASN G 42 -26.80 34.15 11.32
CA ASN G 42 -26.02 35.26 10.76
C ASN G 42 -25.17 34.56 9.72
N PRO G 43 -25.58 34.56 8.45
CA PRO G 43 -24.92 33.69 7.46
C PRO G 43 -23.41 33.82 7.46
N ARG G 44 -22.75 32.67 7.58
CA ARG G 44 -21.30 32.58 7.59
C ARG G 44 -20.92 31.20 7.10
N TYR G 45 -19.67 31.09 6.65
CA TYR G 45 -19.12 29.80 6.24
C TYR G 45 -18.75 28.99 7.48
N GLU G 46 -19.43 27.86 7.69
CA GLU G 46 -19.16 26.90 8.73
C GLU G 46 -18.26 25.77 8.21
N PRO G 47 -17.28 25.31 9.00
CA PRO G 47 -16.61 24.05 8.69
C PRO G 47 -17.57 22.88 8.82
N ARG G 48 -17.60 22.01 7.81
CA ARG G 48 -18.37 20.78 7.93
C ARG G 48 -17.55 19.53 8.20
N ALA G 49 -16.24 19.66 8.32
CA ALA G 49 -15.44 18.51 8.70
C ALA G 49 -14.54 18.93 9.85
N PRO G 50 -14.30 18.03 10.82
CA PRO G 50 -13.52 18.45 12.00
C PRO G 50 -12.13 18.93 11.63
N TRP G 51 -11.45 18.28 10.67
CA TRP G 51 -10.11 18.72 10.33
C TRP G 51 -10.08 20.18 9.86
N MET G 52 -11.24 20.73 9.49
CA MET G 52 -11.34 22.10 9.00
C MET G 52 -11.44 23.17 10.08
N GLU G 53 -11.73 22.83 11.33
CA GLU G 53 -11.82 23.89 12.35
C GLU G 53 -10.51 24.64 12.53
N GLN G 54 -9.39 24.08 12.06
CA GLN G 54 -8.07 24.59 12.40
C GLN G 54 -7.66 25.77 11.54
N GLU G 55 -8.54 26.22 10.65
CA GLU G 55 -8.45 27.54 10.03
C GLU G 55 -8.90 28.59 11.04
N GLY G 56 -8.28 29.77 10.95
CA GLY G 56 -8.59 30.86 11.84
C GLY G 56 -9.75 31.72 11.37
N PRO G 57 -10.30 32.54 12.27
CA PRO G 57 -11.39 33.47 11.91
C PRO G 57 -11.14 34.32 10.67
N GLU G 58 -9.89 34.72 10.37
CA GLU G 58 -9.63 35.51 9.17
C GLU G 58 -10.05 34.75 7.92
N TYR G 59 -9.65 33.49 7.82
CA TYR G 59 -10.12 32.61 6.76
C TYR G 59 -11.64 32.61 6.69
N TRP G 60 -12.29 32.42 7.84
CA TRP G 60 -13.73 32.19 7.84
C TRP G 60 -14.50 33.41 7.37
N GLU G 61 -14.23 34.58 7.94
CA GLU G 61 -15.05 35.70 7.50
C GLU G 61 -14.54 36.31 6.21
N ARG G 62 -13.32 35.99 5.79
CA ARG G 62 -12.91 36.28 4.42
C ARG G 62 -13.80 35.55 3.43
N GLU G 63 -13.92 34.23 3.60
CA GLU G 63 -14.79 33.45 2.70
C GLU G 63 -16.27 33.76 2.93
N THR G 64 -16.67 34.15 4.15
CA THR G 64 -18.04 34.63 4.33
C THR G 64 -18.30 35.88 3.49
N GLN G 65 -17.35 36.82 3.46
CA GLN G 65 -17.50 38.02 2.63
C GLN G 65 -17.62 37.63 1.16
N LYS G 66 -16.72 36.74 0.70
CA LYS G 66 -16.85 36.18 -0.65
C LYS G 66 -18.24 35.62 -0.89
N ALA G 67 -18.80 34.96 0.12
CA ALA G 67 -20.11 34.32 0.00
C ALA G 67 -21.20 35.35 -0.22
N LYS G 68 -21.15 36.48 0.49
CA LYS G 68 -22.19 37.47 0.25
C LYS G 68 -22.04 38.13 -1.11
N GLY G 69 -20.79 38.27 -1.57
CA GLY G 69 -20.58 38.66 -2.96
C GLY G 69 -21.27 37.74 -3.94
N GLN G 70 -21.01 36.43 -3.81
CA GLN G 70 -21.67 35.46 -4.69
C GLN G 70 -23.19 35.57 -4.59
N GLU G 71 -23.73 35.75 -3.37
CA GLU G 71 -25.17 35.94 -3.22
C GLU G 71 -25.67 37.09 -4.10
N GLN G 72 -24.96 38.21 -4.07
CA GLN G 72 -25.27 39.32 -4.97
C GLN G 72 -25.26 38.86 -6.43
N TRP G 73 -24.19 38.18 -6.84
CA TRP G 73 -24.03 37.77 -8.23
C TRP G 73 -25.20 36.89 -8.68
N PHE G 74 -25.56 35.91 -7.87
CA PHE G 74 -26.65 34.99 -8.20
C PHE G 74 -28.00 35.70 -8.28
N ARG G 75 -28.23 36.69 -7.43
CA ARG G 75 -29.52 37.39 -7.46
C ARG G 75 -29.65 38.26 -8.71
N VAL G 76 -28.59 39.01 -9.04
CA VAL G 76 -28.54 39.69 -10.33
C VAL G 76 -28.82 38.71 -11.46
N SER G 77 -28.01 37.65 -11.54
CA SER G 77 -28.10 36.72 -12.67
C SER G 77 -29.48 36.10 -12.78
N LEU G 78 -30.09 35.75 -11.65
CA LEU G 78 -31.48 35.27 -11.67
C LEU G 78 -32.39 36.30 -12.34
N ARG G 79 -32.22 37.58 -11.96
CA ARG G 79 -33.08 38.60 -12.54
C ARG G 79 -32.85 38.74 -14.04
N ASN G 80 -31.62 38.52 -14.51
CA ASN G 80 -31.43 38.50 -15.97
C ASN G 80 -32.11 37.29 -16.61
N LEU G 81 -32.02 36.12 -15.97
CA LEU G 81 -32.54 34.91 -16.61
C LEU G 81 -34.07 34.94 -16.74
N LEU G 82 -34.80 35.53 -15.78
CA LEU G 82 -36.22 35.75 -16.02
C LEU G 82 -36.43 36.50 -17.33
N GLY G 83 -35.57 37.49 -17.60
CA GLY G 83 -35.57 38.19 -18.86
C GLY G 83 -35.26 37.31 -20.04
N TYR G 84 -34.12 36.61 -20.01
CA TYR G 84 -33.69 35.81 -21.16
C TYR G 84 -34.75 34.80 -21.56
N TYR G 85 -35.45 34.24 -20.58
CA TYR G 85 -36.42 33.19 -20.86
C TYR G 85 -37.85 33.71 -20.93
N ASN G 86 -38.05 35.02 -20.86
CA ASN G 86 -39.39 35.57 -20.99
C ASN G 86 -40.32 34.85 -20.00
N GLN G 87 -39.78 34.62 -18.81
CA GLN G 87 -40.59 34.12 -17.72
C GLN G 87 -41.09 35.30 -16.92
N SER G 88 -42.32 35.24 -16.51
CA SER G 88 -42.94 36.33 -15.78
C SER G 88 -42.88 36.07 -14.28
N ALA G 89 -42.89 37.15 -13.53
CA ALA G 89 -42.82 37.07 -12.07
C ALA G 89 -43.89 36.14 -11.51
N GLY G 90 -43.57 35.55 -10.38
CA GLY G 90 -44.45 34.63 -9.70
C GLY G 90 -44.17 33.16 -9.92
N GLY G 91 -43.02 32.82 -10.48
CA GLY G 91 -42.54 31.45 -10.51
C GLY G 91 -41.49 31.19 -9.44
N SER G 92 -41.10 29.92 -9.34
CA SER G 92 -39.93 29.48 -8.59
C SER G 92 -38.83 29.11 -9.58
N HIS G 93 -37.65 29.64 -9.35
CA HIS G 93 -36.54 29.47 -10.27
C HIS G 93 -35.29 29.05 -9.52
N THR G 94 -34.44 28.32 -10.24
CA THR G 94 -33.22 27.71 -9.73
C THR G 94 -32.02 28.07 -10.60
N LEU G 95 -30.94 28.53 -9.95
CA LEU G 95 -29.69 28.76 -10.65
C LEU G 95 -28.57 28.06 -9.86
N GLN G 96 -27.78 27.23 -10.55
CA GLN G 96 -26.77 26.41 -9.91
C GLN G 96 -25.44 26.59 -10.61
N GLN G 97 -24.37 26.37 -9.85
CA GLN G 97 -23.00 26.54 -10.28
C GLN G 97 -22.16 25.42 -9.70
N MET G 98 -21.28 24.89 -10.53
CA MET G 98 -20.25 23.96 -10.08
C MET G 98 -18.92 24.53 -10.52
N SER G 99 -17.99 24.64 -9.58
CA SER G 99 -16.63 25.00 -9.97
C SER G 99 -15.67 24.20 -9.13
N GLY G 100 -14.46 24.04 -9.61
CA GLY G 100 -13.48 23.27 -8.87
C GLY G 100 -12.35 22.82 -9.77
N CYS G 101 -11.53 21.92 -9.21
CA CYS G 101 -10.32 21.45 -9.87
C CYS G 101 -10.07 19.98 -9.60
N ASP G 102 -9.55 19.32 -10.61
CA ASP G 102 -9.09 17.93 -10.55
C ASP G 102 -7.58 17.93 -10.67
N LEU G 103 -6.92 17.34 -9.68
CA LEU G 103 -5.49 17.11 -9.67
C LEU G 103 -5.20 15.62 -9.82
N GLY G 104 -4.12 15.32 -10.54
CA GLY G 104 -3.61 13.97 -10.61
C GLY G 104 -2.87 13.59 -9.32
N SER G 105 -2.29 12.38 -9.33
CA SER G 105 -1.55 11.92 -8.17
C SER G 105 -0.20 12.61 -8.01
N ASP G 106 0.26 13.36 -9.02
CA ASP G 106 1.44 14.21 -8.90
C ASP G 106 1.08 15.59 -8.35
N TRP G 107 -0.18 15.79 -7.97
CA TRP G 107 -0.73 17.05 -7.50
C TRP G 107 -0.70 18.16 -8.56
N ARG G 108 -0.54 17.82 -9.84
CA ARG G 108 -0.64 18.79 -10.93
C ARG G 108 -2.08 18.86 -11.44
N LEU G 109 -2.54 20.07 -11.77
CA LEU G 109 -3.92 20.29 -12.19
C LEU G 109 -4.27 19.42 -13.39
N LEU G 110 -5.29 18.57 -13.24
CA LEU G 110 -5.82 17.82 -14.38
C LEU G 110 -6.84 18.62 -15.17
N ARG G 111 -7.85 19.18 -14.49
CA ARG G 111 -8.81 20.01 -15.22
C ARG G 111 -9.50 21.00 -14.28
N GLY G 112 -9.80 22.17 -14.80
CA GLY G 112 -10.69 23.07 -14.09
C GLY G 112 -12.13 22.87 -14.53
N TYR G 113 -13.05 23.26 -13.65
CA TYR G 113 -14.49 23.15 -13.92
C TYR G 113 -15.18 24.43 -13.51
N LEU G 114 -15.92 25.00 -14.46
CA LEU G 114 -16.86 26.07 -14.18
C LEU G 114 -18.08 25.79 -15.06
N GLN G 115 -19.25 25.59 -14.44
CA GLN G 115 -20.46 25.38 -15.23
C GLN G 115 -21.70 25.81 -14.46
N PHE G 116 -22.73 26.19 -15.21
CA PHE G 116 -23.97 26.71 -14.66
C PHE G 116 -25.16 26.00 -15.27
N ALA G 117 -26.20 25.86 -14.43
CA ALA G 117 -27.49 25.29 -14.79
C ALA G 117 -28.62 26.22 -14.37
N TYR G 118 -29.60 26.33 -15.25
CA TYR G 118 -30.80 27.10 -15.00
C TYR G 118 -31.97 26.13 -15.01
N GLU G 119 -32.84 26.24 -14.00
CA GLU G 119 -33.92 25.26 -13.84
C GLU G 119 -33.42 23.82 -13.93
N GLY G 120 -32.23 23.57 -13.38
CA GLY G 120 -31.71 22.23 -13.36
C GLY G 120 -31.28 21.69 -14.70
N ARG G 121 -31.12 22.56 -15.69
CA ARG G 121 -30.71 22.14 -17.03
C ARG G 121 -29.44 22.88 -17.41
N ASP G 122 -28.57 22.18 -18.17
CA ASP G 122 -27.30 22.77 -18.57
C ASP G 122 -27.50 24.12 -19.24
N TYR G 123 -26.77 25.12 -18.76
CA TYR G 123 -26.84 26.47 -19.28
C TYR G 123 -25.54 26.89 -19.95
N ILE G 124 -24.43 26.99 -19.21
CA ILE G 124 -23.18 27.35 -19.87
C ILE G 124 -22.00 26.76 -19.08
N ALA G 125 -20.94 26.40 -19.81
CA ALA G 125 -19.79 25.76 -19.17
C ALA G 125 -18.48 26.18 -19.84
N LEU G 126 -17.46 26.34 -19.01
CA LEU G 126 -16.11 26.58 -19.49
C LEU G 126 -15.52 25.26 -19.98
N ASN G 127 -14.91 25.27 -21.16
CA ASN G 127 -14.30 24.06 -21.67
C ASN G 127 -12.95 23.79 -20.98
N GLU G 128 -12.51 22.52 -21.03
CA GLU G 128 -11.25 22.16 -20.36
C GLU G 128 -10.10 22.93 -20.97
N ASP G 129 -10.34 23.43 -22.17
CA ASP G 129 -9.63 24.55 -22.75
C ASP G 129 -9.40 25.72 -21.77
N LEU G 130 -10.44 26.16 -21.06
CA LEU G 130 -10.45 27.38 -20.21
C LEU G 130 -10.21 28.69 -20.96
N LYS G 131 -10.39 28.70 -22.27
CA LYS G 131 -10.50 29.92 -23.08
C LYS G 131 -11.95 30.19 -23.45
N THR G 132 -12.65 29.16 -23.94
CA THR G 132 -13.94 29.28 -24.61
C THR G 132 -15.04 28.49 -23.90
N TRP G 133 -16.28 28.89 -24.20
CA TRP G 133 -17.49 28.46 -23.50
C TRP G 133 -18.41 27.63 -24.40
N THR G 134 -19.00 26.58 -23.82
CA THR G 134 -20.12 25.86 -24.42
C THR G 134 -21.44 26.38 -23.86
N ALA G 135 -22.30 26.86 -24.76
CA ALA G 135 -23.59 27.46 -24.41
C ALA G 135 -24.71 26.57 -24.92
N ALA G 136 -25.56 26.08 -24.01
CA ALA G 136 -26.58 25.11 -24.36
C ALA G 136 -27.74 25.74 -25.14
N ASP G 137 -28.43 26.68 -24.50
CA ASP G 137 -29.63 27.30 -25.05
C ASP G 137 -29.23 28.38 -26.04
N MET G 138 -30.26 28.95 -26.68
CA MET G 138 -30.05 30.20 -27.41
C MET G 138 -29.82 31.35 -26.45
N ALA G 139 -30.57 31.37 -25.34
CA ALA G 139 -30.37 32.36 -24.30
C ALA G 139 -28.97 32.28 -23.71
N ALA G 140 -28.40 31.08 -23.61
CA ALA G 140 -27.06 30.96 -23.07
C ALA G 140 -26.01 31.61 -23.98
N GLN G 141 -26.31 31.73 -25.28
CA GLN G 141 -25.37 32.36 -26.21
C GLN G 141 -25.21 33.85 -25.90
N ILE G 142 -26.28 34.51 -25.44
CA ILE G 142 -26.19 35.89 -24.95
C ILE G 142 -25.10 36.01 -23.88
N THR G 143 -25.18 35.15 -22.86
CA THR G 143 -24.17 35.13 -21.81
C THR G 143 -22.80 34.80 -22.37
N ARG G 144 -22.74 33.91 -23.37
CA ARG G 144 -21.43 33.54 -23.93
C ARG G 144 -20.77 34.75 -24.59
N ARG G 145 -21.52 35.50 -25.39
CA ARG G 145 -20.95 36.73 -25.96
C ARG G 145 -20.55 37.71 -24.87
N LYS G 146 -21.50 38.07 -24.00
CA LYS G 146 -21.20 39.03 -22.95
C LYS G 146 -19.98 38.62 -22.11
N TRP G 147 -19.76 37.32 -21.93
CA TRP G 147 -18.59 36.88 -21.18
C TRP G 147 -17.33 36.81 -22.03
N GLU G 148 -17.47 36.71 -23.34
CA GLU G 148 -16.28 36.76 -24.17
C GLU G 148 -15.73 38.19 -24.25
N GLN G 149 -16.63 39.18 -24.28
CA GLN G 149 -16.21 40.58 -24.26
C GLN G 149 -15.66 40.99 -22.89
N SER G 150 -15.98 40.25 -21.83
CA SER G 150 -15.63 40.58 -20.45
C SER G 150 -14.27 40.00 -20.08
N GLY G 151 -13.71 39.16 -20.93
CA GLY G 151 -12.56 38.40 -20.50
C GLY G 151 -12.84 37.58 -19.27
N ALA G 152 -14.05 37.01 -19.15
CA ALA G 152 -14.41 36.23 -17.95
C ALA G 152 -13.58 34.95 -17.84
N ALA G 153 -13.36 34.26 -18.96
CA ALA G 153 -12.61 33.01 -18.94
C ALA G 153 -11.19 33.22 -18.40
N GLU G 154 -10.59 34.39 -18.68
CA GLU G 154 -9.29 34.71 -18.08
C GLU G 154 -9.39 34.77 -16.56
N HIS G 155 -10.45 35.41 -16.04
CA HIS G 155 -10.68 35.52 -14.60
C HIS G 155 -10.82 34.15 -13.94
N TYR G 156 -11.75 33.32 -14.44
CA TYR G 156 -11.93 32.01 -13.83
C TYR G 156 -10.71 31.12 -14.08
N LYS G 157 -9.98 31.37 -15.18
CA LYS G 157 -8.77 30.59 -15.45
C LYS G 157 -7.70 30.87 -14.40
N ALA G 158 -7.55 32.14 -14.03
CA ALA G 158 -6.66 32.49 -12.92
C ALA G 158 -7.13 31.86 -11.62
N TYR G 159 -8.43 31.90 -11.35
CA TYR G 159 -8.93 31.30 -10.11
C TYR G 159 -8.67 29.80 -10.07
N LEU G 160 -8.95 29.09 -11.18
CA LEU G 160 -8.89 27.64 -11.17
C LEU G 160 -7.45 27.14 -11.22
N GLU G 161 -6.58 27.86 -11.93
CA GLU G 161 -5.20 27.40 -11.96
C GLU G 161 -4.44 27.86 -10.73
N GLY G 162 -4.65 29.10 -10.28
CA GLY G 162 -4.03 29.49 -9.03
C GLY G 162 -4.64 29.04 -7.71
N GLU G 163 -5.69 29.72 -7.27
CA GLU G 163 -6.13 29.55 -5.88
C GLU G 163 -6.73 28.19 -5.61
N CYS G 164 -7.57 27.68 -6.52
CA CYS G 164 -8.15 26.35 -6.36
C CYS G 164 -7.06 25.31 -6.10
N VAL G 165 -6.02 25.33 -6.92
CA VAL G 165 -5.01 24.28 -6.86
C VAL G 165 -4.20 24.39 -5.57
N GLU G 166 -3.69 25.61 -5.29
CA GLU G 166 -2.82 25.80 -4.12
C GLU G 166 -3.60 25.55 -2.83
N TRP G 167 -4.75 26.18 -2.70
CA TRP G 167 -5.57 25.95 -1.51
C TRP G 167 -5.95 24.50 -1.38
N LEU G 168 -6.24 23.84 -2.50
CA LEU G 168 -6.56 22.42 -2.40
C LEU G 168 -5.34 21.64 -1.90
N HIS G 169 -4.14 22.04 -2.32
CA HIS G 169 -2.93 21.47 -1.75
C HIS G 169 -2.92 21.64 -0.23
N ARG G 170 -3.31 22.83 0.26
CA ARG G 170 -3.30 23.07 1.70
C ARG G 170 -4.30 22.17 2.43
N TYR G 171 -5.55 22.13 1.98
CA TYR G 171 -6.52 21.25 2.63
C TYR G 171 -6.09 19.80 2.53
N LEU G 172 -5.37 19.46 1.45
CA LEU G 172 -4.82 18.11 1.32
C LEU G 172 -3.80 17.83 2.42
N LYS G 173 -2.91 18.79 2.65
CA LYS G 173 -1.91 18.59 3.69
C LYS G 173 -2.54 18.53 5.08
N ASN G 174 -3.62 19.30 5.32
CA ASN G 174 -4.33 19.20 6.59
C ASN G 174 -5.31 18.02 6.62
N GLY G 175 -5.82 17.62 5.46
CA GLY G 175 -6.77 16.53 5.33
C GLY G 175 -6.27 15.21 4.76
N ASN G 176 -4.97 14.92 4.83
CA ASN G 176 -4.44 13.77 4.10
C ASN G 176 -4.82 12.43 4.72
N ALA G 177 -5.25 12.40 5.99
CA ALA G 177 -5.55 11.13 6.65
C ALA G 177 -6.97 10.63 6.37
N THR G 178 -7.97 11.51 6.42
CA THR G 178 -9.38 11.10 6.31
C THR G 178 -9.78 10.82 4.87
N LEU G 179 -9.32 11.65 3.94
CA LEU G 179 -9.80 11.67 2.57
C LEU G 179 -9.10 10.68 1.65
N LEU G 180 -7.92 10.18 2.03
CA LEU G 180 -7.21 9.17 1.25
C LEU G 180 -7.69 7.75 1.59
N ARG G 181 -8.59 7.63 2.56
CA ARG G 181 -9.16 6.35 2.97
C ARG G 181 -9.89 5.66 1.82
N THR G 182 -9.89 4.34 1.84
CA THR G 182 -10.88 3.55 1.12
C THR G 182 -11.38 2.45 2.04
N ASP G 183 -12.65 2.11 1.86
CA ASP G 183 -13.27 0.97 2.55
C ASP G 183 -13.72 0.03 1.46
N SER G 184 -13.10 -1.13 1.38
CA SER G 184 -13.49 -2.10 0.39
C SER G 184 -14.88 -2.63 0.74
N PRO G 185 -15.68 -3.00 -0.25
CA PRO G 185 -16.98 -3.61 0.06
C PRO G 185 -16.78 -4.94 0.75
N LYS G 186 -17.78 -5.33 1.54
CA LYS G 186 -17.94 -6.71 1.95
C LYS G 186 -19.19 -7.20 1.28
N ALA G 187 -19.06 -8.30 0.56
CA ALA G 187 -20.11 -8.75 -0.32
C ALA G 187 -20.68 -10.06 0.22
N HIS G 188 -21.94 -10.31 -0.07
CA HIS G 188 -22.48 -11.60 0.30
C HIS G 188 -23.71 -11.79 -0.55
N VAL G 189 -24.13 -13.04 -0.62
CA VAL G 189 -25.21 -13.43 -1.52
C VAL G 189 -26.37 -13.96 -0.71
N THR G 190 -27.60 -13.59 -1.08
CA THR G 190 -28.80 -14.10 -0.41
C THR G 190 -29.79 -14.72 -1.39
N HIS G 191 -30.42 -15.82 -0.92
CA HIS G 191 -31.32 -16.70 -1.71
C HIS G 191 -32.77 -16.37 -1.37
N HIS G 192 -33.57 -15.99 -2.36
CA HIS G 192 -34.98 -15.73 -2.09
C HIS G 192 -35.78 -16.43 -3.18
N PRO G 193 -36.14 -17.70 -2.97
CA PRO G 193 -36.88 -18.43 -4.00
C PRO G 193 -38.23 -17.77 -4.27
N ARG G 194 -38.52 -17.52 -5.54
CA ARG G 194 -39.75 -16.84 -5.92
C ARG G 194 -40.70 -17.80 -6.62
N GLU G 198 -38.12 -20.52 -9.98
CA GLU G 198 -37.44 -19.25 -10.22
C GLU G 198 -37.04 -18.52 -8.92
N VAL G 199 -35.77 -18.58 -8.60
CA VAL G 199 -35.17 -17.89 -7.47
C VAL G 199 -34.82 -16.46 -7.89
N THR G 200 -35.04 -15.49 -7.01
CA THR G 200 -34.30 -14.24 -7.13
C THR G 200 -33.07 -14.36 -6.23
N LEU G 201 -31.90 -14.28 -6.85
CA LEU G 201 -30.65 -14.27 -6.14
C LEU G 201 -30.13 -12.82 -6.08
N ARG G 202 -29.79 -12.35 -4.88
CA ARG G 202 -29.40 -10.94 -4.69
C ARG G 202 -27.98 -10.87 -4.14
N CYS G 203 -27.18 -10.02 -4.75
CA CYS G 203 -25.77 -9.86 -4.42
C CYS G 203 -25.57 -8.48 -3.78
N TRP G 204 -24.98 -8.48 -2.58
CA TRP G 204 -24.87 -7.30 -1.73
C TRP G 204 -23.41 -6.90 -1.60
N ALA G 205 -23.14 -5.61 -1.73
CA ALA G 205 -21.87 -5.02 -1.32
C ALA G 205 -22.17 -3.92 -0.30
N LEU G 206 -21.52 -3.99 0.86
CA LEU G 206 -21.84 -3.13 1.99
C LEU G 206 -20.58 -2.51 2.56
N GLY G 207 -20.77 -1.34 3.19
CA GLY G 207 -19.71 -0.68 3.93
C GLY G 207 -18.53 -0.22 3.10
N PHE G 208 -18.75 0.16 1.85
CA PHE G 208 -17.63 0.57 0.99
C PHE G 208 -17.57 2.08 0.81
N TYR G 209 -16.34 2.58 0.68
CA TYR G 209 -16.09 3.96 0.33
C TYR G 209 -14.87 4.04 -0.61
N PRO G 210 -14.89 4.97 -1.59
CA PRO G 210 -15.99 5.84 -2.01
C PRO G 210 -17.13 5.07 -2.68
N ALA G 211 -18.14 5.81 -3.17
CA ALA G 211 -19.39 5.21 -3.58
C ALA G 211 -19.30 4.51 -4.92
N ASP G 212 -18.27 4.79 -5.72
CA ASP G 212 -18.11 4.15 -7.03
C ASP G 212 -17.97 2.64 -6.85
N ILE G 213 -18.83 1.87 -7.50
CA ILE G 213 -18.77 0.41 -7.38
C ILE G 213 -19.44 -0.19 -8.59
N THR G 214 -19.03 -1.42 -8.95
CA THR G 214 -19.67 -2.17 -10.03
C THR G 214 -20.01 -3.60 -9.60
N LEU G 215 -21.22 -4.04 -9.97
CA LEU G 215 -21.71 -5.36 -9.62
C LEU G 215 -22.16 -6.10 -10.88
N THR G 216 -21.62 -7.29 -11.12
CA THR G 216 -22.01 -8.04 -12.31
C THR G 216 -22.42 -9.47 -11.97
N TRP G 217 -23.37 -10.00 -12.74
CA TRP G 217 -23.73 -11.41 -12.66
C TRP G 217 -23.30 -12.15 -13.93
N GLN G 218 -22.78 -13.38 -13.75
CA GLN G 218 -22.19 -14.15 -14.83
C GLN G 218 -22.73 -15.59 -14.85
N LEU G 219 -23.25 -16.00 -16.01
CA LEU G 219 -23.60 -17.39 -16.27
C LEU G 219 -22.49 -18.01 -17.13
N ASN G 220 -21.72 -18.93 -16.53
CA ASN G 220 -20.71 -19.72 -17.23
C ASN G 220 -19.70 -18.84 -17.98
N GLY G 221 -19.38 -17.67 -17.44
CA GLY G 221 -18.32 -16.85 -18.00
C GLY G 221 -18.72 -15.69 -18.89
N GLU G 222 -20.00 -15.44 -19.09
CA GLU G 222 -20.43 -14.21 -19.74
C GLU G 222 -21.17 -13.34 -18.72
N GLU G 223 -21.51 -12.11 -19.10
CA GLU G 223 -22.20 -11.22 -18.18
C GLU G 223 -23.66 -11.12 -18.59
N LEU G 224 -24.55 -11.09 -17.61
CA LEU G 224 -25.99 -11.04 -17.87
C LEU G 224 -26.52 -9.70 -17.39
N THR G 225 -26.83 -8.81 -18.33
CA THR G 225 -27.61 -7.60 -18.08
C THR G 225 -29.09 -7.81 -18.38
N GLN G 226 -29.45 -8.99 -18.88
CA GLN G 226 -30.84 -9.26 -19.22
C GLN G 226 -31.60 -9.55 -17.93
N ASP G 227 -32.61 -8.72 -17.65
CA ASP G 227 -33.45 -8.85 -16.46
C ASP G 227 -32.63 -8.85 -15.17
N MET G 228 -31.47 -8.21 -15.19
CA MET G 228 -30.72 -7.98 -13.97
C MET G 228 -31.21 -6.67 -13.39
N GLU G 229 -31.59 -6.67 -12.12
CA GLU G 229 -32.04 -5.46 -11.46
C GLU G 229 -31.00 -5.05 -10.42
N LEU G 230 -30.81 -3.74 -10.28
CA LEU G 230 -29.92 -3.20 -9.27
C LEU G 230 -30.51 -1.90 -8.74
N VAL G 231 -30.02 -1.50 -7.57
CA VAL G 231 -30.46 -0.26 -6.94
C VAL G 231 -29.37 0.79 -7.07
N GLU G 232 -29.83 2.04 -7.13
CA GLU G 232 -28.94 3.17 -6.99
C GLU G 232 -28.08 2.97 -5.76
N THR G 233 -26.78 3.24 -5.88
CA THR G 233 -25.93 3.22 -4.71
C THR G 233 -26.46 4.20 -3.66
N ARG G 234 -26.47 3.75 -2.40
CA ARG G 234 -27.15 4.40 -1.30
C ARG G 234 -26.17 4.62 -0.15
N PRO G 235 -26.28 5.75 0.54
CA PRO G 235 -25.44 5.97 1.72
C PRO G 235 -25.92 5.12 2.87
N ALA G 236 -24.97 4.54 3.60
CA ALA G 236 -25.34 3.86 4.83
C ALA G 236 -25.68 4.85 5.95
N GLY G 237 -25.22 6.10 5.86
CA GLY G 237 -25.35 7.06 6.93
C GLY G 237 -24.11 7.18 7.79
N ASP G 238 -23.20 6.19 7.72
CA ASP G 238 -21.96 6.17 8.48
C ASP G 238 -20.76 6.65 7.68
N GLY G 239 -20.96 7.12 6.46
CA GLY G 239 -19.86 7.46 5.61
C GLY G 239 -19.47 6.41 4.60
N THR G 240 -20.14 5.25 4.59
CA THR G 240 -19.94 4.25 3.54
C THR G 240 -21.25 4.00 2.80
N PHE G 241 -21.18 3.12 1.80
CA PHE G 241 -22.30 2.96 0.89
C PHE G 241 -22.73 1.50 0.82
N GLN G 242 -23.81 1.28 0.07
CA GLN G 242 -24.37 -0.05 -0.08
C GLN G 242 -24.90 -0.12 -1.49
N LYS G 243 -24.95 -1.34 -2.01
CA LYS G 243 -25.60 -1.59 -3.29
C LYS G 243 -25.92 -3.08 -3.39
N TRP G 244 -26.87 -3.40 -4.24
CA TRP G 244 -27.10 -4.80 -4.55
C TRP G 244 -27.54 -4.93 -6.00
N ALA G 245 -27.26 -6.09 -6.58
CA ALA G 245 -27.78 -6.42 -7.90
C ALA G 245 -28.32 -7.84 -7.86
N SER G 246 -29.46 -8.07 -8.50
CA SER G 246 -30.16 -9.33 -8.40
C SER G 246 -30.41 -9.93 -9.78
N VAL G 247 -30.42 -11.25 -9.81
CA VAL G 247 -30.57 -12.06 -11.02
C VAL G 247 -31.60 -13.15 -10.72
N VAL G 248 -32.58 -13.31 -11.60
CA VAL G 248 -33.57 -14.38 -11.46
C VAL G 248 -33.12 -15.64 -12.20
N VAL G 249 -32.94 -16.73 -11.45
CA VAL G 249 -32.49 -17.99 -12.05
C VAL G 249 -33.31 -19.14 -11.46
N PRO G 250 -33.50 -20.20 -12.24
CA PRO G 250 -34.17 -21.40 -11.70
C PRO G 250 -33.27 -22.24 -10.80
N LEU G 251 -33.93 -22.95 -9.87
CA LEU G 251 -33.25 -23.36 -8.65
C LEU G 251 -32.27 -24.52 -8.90
N GLY G 252 -31.51 -24.84 -7.86
CA GLY G 252 -30.57 -25.95 -7.86
C GLY G 252 -29.32 -25.66 -8.67
N LYS G 253 -29.42 -24.66 -9.54
CA LYS G 253 -28.41 -24.25 -10.50
C LYS G 253 -27.51 -23.15 -9.95
N GLU G 254 -27.51 -22.97 -8.63
CA GLU G 254 -26.98 -21.76 -8.01
C GLU G 254 -25.49 -21.62 -8.24
N GLN G 255 -24.73 -22.70 -8.06
CA GLN G 255 -23.28 -22.60 -8.25
C GLN G 255 -22.90 -22.30 -9.70
N ASN G 256 -23.86 -22.35 -10.64
CA ASN G 256 -23.62 -22.03 -12.06
C ASN G 256 -23.53 -20.53 -12.32
N TYR G 257 -23.88 -19.69 -11.35
CA TYR G 257 -23.95 -18.25 -11.50
C TYR G 257 -23.00 -17.56 -10.54
N THR G 258 -22.43 -16.44 -10.98
CA THR G 258 -21.35 -15.81 -10.25
C THR G 258 -21.60 -14.30 -10.10
N CYS G 259 -21.39 -13.79 -8.91
CA CYS G 259 -21.45 -12.34 -8.67
C CYS G 259 -20.03 -11.82 -8.60
N ARG G 260 -19.81 -10.63 -9.18
CA ARG G 260 -18.51 -9.96 -9.17
C ARG G 260 -18.64 -8.51 -8.73
N VAL G 261 -17.71 -8.09 -7.88
CA VAL G 261 -17.76 -6.80 -7.22
C VAL G 261 -16.46 -6.08 -7.53
N TYR G 262 -16.55 -4.98 -8.28
CA TYR G 262 -15.38 -4.20 -8.67
C TYR G 262 -15.38 -2.90 -7.89
N HIS G 263 -14.31 -2.69 -7.12
CA HIS G 263 -14.18 -1.49 -6.30
C HIS G 263 -12.71 -1.17 -6.14
N GLU G 264 -12.40 0.12 -6.10
CA GLU G 264 -10.99 0.53 -6.12
C GLU G 264 -10.26 0.14 -4.85
N GLY G 265 -10.95 0.10 -3.71
CA GLY G 265 -10.33 -0.32 -2.45
C GLY G 265 -9.98 -1.80 -2.37
N LEU G 266 -10.44 -2.59 -3.30
CA LEU G 266 -10.12 -4.00 -3.27
C LEU G 266 -8.71 -4.23 -3.80
N PRO G 267 -8.01 -5.24 -3.27
CA PRO G 267 -6.77 -5.66 -3.95
C PRO G 267 -7.03 -6.15 -5.36
N GLU G 268 -8.03 -7.02 -5.53
CA GLU G 268 -8.52 -7.49 -6.81
C GLU G 268 -10.03 -7.58 -6.73
N PRO G 269 -10.73 -7.68 -7.85
CA PRO G 269 -12.19 -7.83 -7.80
C PRO G 269 -12.57 -8.99 -6.90
N LEU G 270 -13.75 -8.89 -6.28
CA LEU G 270 -14.29 -10.00 -5.53
C LEU G 270 -15.07 -10.88 -6.48
N THR G 271 -14.86 -12.19 -6.35
CA THR G 271 -15.66 -13.21 -7.00
C THR G 271 -16.41 -13.94 -5.90
N LEU G 272 -17.71 -14.17 -6.08
CA LEU G 272 -18.44 -14.85 -5.03
C LEU G 272 -19.65 -15.56 -5.61
N ARG G 273 -20.06 -16.63 -4.91
CA ARG G 273 -21.24 -17.44 -5.22
C ARG G 273 -22.01 -17.72 -3.94
N TRP G 274 -23.20 -18.31 -4.10
CA TRP G 274 -24.06 -18.67 -2.97
C TRP G 274 -23.43 -19.76 -2.10
N GLU G 275 -23.42 -19.53 -0.79
CA GLU G 275 -22.78 -20.43 0.17
C GLU G 275 -23.84 -21.15 0.99
N PRO G 276 -23.86 -22.50 1.02
CA PRO G 276 -24.79 -23.23 1.89
C PRO G 276 -24.47 -23.08 3.39
N ILE H 1 -38.60 22.25 -16.33
CA ILE H 1 -39.46 21.11 -16.04
C ILE H 1 -39.01 20.47 -14.72
N GLN H 2 -39.68 19.40 -14.31
CA GLN H 2 -39.47 18.79 -13.01
C GLN H 2 -39.04 17.34 -13.12
N LYS H 3 -38.23 16.89 -12.17
CA LYS H 3 -37.79 15.50 -12.08
C LYS H 3 -38.43 14.83 -10.87
N THR H 4 -38.93 13.59 -11.06
CA THR H 4 -39.64 12.82 -10.02
C THR H 4 -38.65 12.12 -9.08
N PRO H 5 -38.77 12.32 -7.78
CA PRO H 5 -37.79 11.76 -6.84
C PRO H 5 -37.84 10.24 -6.86
N GLN H 6 -36.66 9.64 -6.71
CA GLN H 6 -36.49 8.21 -6.52
C GLN H 6 -36.23 7.97 -5.03
N ILE H 7 -36.90 6.97 -4.47
CA ILE H 7 -36.94 6.74 -3.03
C ILE H 7 -36.50 5.33 -2.72
N GLN H 8 -35.57 5.18 -1.78
CA GLN H 8 -35.28 3.86 -1.22
C GLN H 8 -35.44 3.97 0.30
N VAL H 9 -35.96 2.92 0.91
CA VAL H 9 -36.05 2.83 2.36
C VAL H 9 -35.32 1.56 2.77
N TYR H 10 -34.35 1.70 3.68
CA TYR H 10 -33.48 0.58 4.02
C TYR H 10 -32.80 0.87 5.35
N SER H 11 -32.38 -0.20 6.02
CA SER H 11 -31.67 -0.10 7.29
C SER H 11 -30.17 0.11 7.07
N ARG H 12 -29.54 0.83 8.01
CA ARG H 12 -28.09 1.03 7.93
C ARG H 12 -27.34 -0.30 8.11
N HIS H 13 -27.71 -1.06 9.13
CA HIS H 13 -27.10 -2.33 9.46
C HIS H 13 -28.06 -3.45 9.11
N PRO H 14 -27.55 -4.66 8.85
CA PRO H 14 -28.44 -5.81 8.49
C PRO H 14 -29.54 -6.00 9.53
N PRO H 15 -30.78 -6.12 9.09
CA PRO H 15 -31.91 -6.05 10.03
C PRO H 15 -32.04 -7.30 10.90
N GLU H 16 -32.27 -7.13 12.19
CA GLU H 16 -32.75 -8.23 13.05
C GLU H 16 -33.72 -7.67 14.08
N ASN H 17 -34.86 -8.32 14.21
CA ASN H 17 -35.90 -7.86 15.11
C ASN H 17 -35.34 -7.76 16.52
N GLY H 18 -35.68 -6.69 17.23
CA GLY H 18 -35.16 -6.54 18.55
C GLY H 18 -33.76 -5.97 18.65
N LYS H 19 -33.00 -5.87 17.54
CA LYS H 19 -31.71 -5.19 17.68
C LYS H 19 -31.79 -3.77 17.15
N PRO H 20 -31.40 -2.77 17.94
CA PRO H 20 -31.45 -1.38 17.46
C PRO H 20 -30.59 -1.18 16.23
N ASN H 21 -31.07 -0.28 15.37
CA ASN H 21 -30.56 -0.08 14.03
C ASN H 21 -30.92 1.36 13.64
N ILE H 22 -30.56 1.73 12.41
CA ILE H 22 -30.95 3.02 11.84
C ILE H 22 -31.77 2.75 10.59
N LEU H 23 -32.88 3.48 10.45
CA LEU H 23 -33.65 3.43 9.21
C LEU H 23 -33.42 4.70 8.40
N ASN H 24 -33.10 4.49 7.11
CA ASN H 24 -32.83 5.51 6.13
C ASN H 24 -33.95 5.56 5.10
N CYS H 25 -34.24 6.79 4.66
CA CYS H 25 -35.06 7.09 3.49
C CYS H 25 -34.20 8.01 2.63
N TYR H 26 -33.75 7.49 1.49
CA TYR H 26 -32.86 8.16 0.56
C TYR H 26 -33.68 8.63 -0.64
N VAL H 27 -33.73 9.94 -0.86
CA VAL H 27 -34.53 10.53 -1.94
C VAL H 27 -33.60 11.25 -2.89
N THR H 28 -33.71 10.95 -4.17
CA THR H 28 -32.72 11.42 -5.12
C THR H 28 -33.41 11.91 -6.39
N GLN H 29 -32.66 12.67 -7.19
CA GLN H 29 -32.97 12.99 -8.59
C GLN H 29 -34.32 13.69 -8.75
N PHE H 30 -34.61 14.63 -7.86
CA PHE H 30 -35.79 15.47 -8.00
C PHE H 30 -35.40 16.91 -8.29
N HIS H 31 -36.27 17.59 -9.03
CA HIS H 31 -36.21 19.03 -9.25
C HIS H 31 -37.62 19.53 -9.22
N PRO H 32 -37.87 20.69 -8.60
CA PRO H 32 -37.01 21.66 -7.88
C PRO H 32 -36.58 21.13 -6.50
N PRO H 33 -35.71 21.86 -5.78
CA PRO H 33 -35.19 21.34 -4.50
C PRO H 33 -36.21 21.29 -3.37
N HIS H 34 -37.36 21.96 -3.47
CA HIS H 34 -38.36 21.93 -2.41
C HIS H 34 -39.01 20.56 -2.35
N ILE H 35 -39.09 20.00 -1.14
CA ILE H 35 -39.63 18.65 -0.99
C ILE H 35 -40.11 18.52 0.43
N GLU H 36 -41.00 17.55 0.66
CA GLU H 36 -41.48 17.29 2.00
C GLU H 36 -41.38 15.80 2.24
N ILE H 37 -40.65 15.40 3.27
CA ILE H 37 -40.32 14.00 3.53
C ILE H 37 -40.73 13.66 4.96
N GLN H 38 -41.54 12.62 5.10
CA GLN H 38 -41.94 12.11 6.40
C GLN H 38 -41.56 10.65 6.51
N MET H 39 -41.20 10.24 7.72
CA MET H 39 -40.93 8.85 8.04
C MET H 39 -42.05 8.37 8.96
N LEU H 40 -42.61 7.21 8.64
CA LEU H 40 -43.80 6.67 9.30
C LEU H 40 -43.46 5.33 9.95
N LYS H 41 -43.87 5.18 11.21
CA LYS H 41 -43.96 3.89 11.88
C LYS H 41 -45.43 3.55 12.07
N ASN H 42 -45.87 2.45 11.46
CA ASN H 42 -47.26 1.99 11.54
C ASN H 42 -48.20 3.10 11.07
N GLY H 43 -47.84 3.72 9.94
CA GLY H 43 -48.66 4.77 9.37
C GLY H 43 -48.72 6.07 10.14
N LYS H 44 -48.00 6.20 11.25
CA LYS H 44 -48.00 7.40 12.08
C LYS H 44 -46.63 8.07 12.01
N LYS H 45 -46.63 9.41 12.07
CA LYS H 45 -45.41 10.15 11.78
C LYS H 45 -44.40 9.99 12.93
N ILE H 46 -43.18 9.62 12.58
CA ILE H 46 -42.10 9.40 13.57
C ILE H 46 -41.54 10.74 14.04
N PRO H 47 -41.56 11.02 15.34
CA PRO H 47 -41.28 12.38 15.83
C PRO H 47 -39.87 12.92 15.60
N LYS H 48 -38.80 12.20 15.97
CA LYS H 48 -37.44 12.70 15.72
C LYS H 48 -36.82 11.93 14.58
N VAL H 49 -36.66 12.68 13.50
CA VAL H 49 -36.12 12.23 12.25
C VAL H 49 -35.04 13.22 11.87
N GLU H 50 -33.81 12.76 11.71
CA GLU H 50 -32.73 13.64 11.31
C GLU H 50 -32.69 13.67 9.79
N MET H 51 -32.37 14.84 9.24
CA MET H 51 -32.50 15.06 7.80
C MET H 51 -31.30 15.84 7.31
N SER H 52 -30.64 15.35 6.28
CA SER H 52 -29.46 16.04 5.79
C SER H 52 -29.86 17.35 5.10
N ASP H 53 -28.88 18.21 4.93
CA ASP H 53 -29.05 19.49 4.27
C ASP H 53 -29.18 19.33 2.76
N MET H 54 -29.75 20.36 2.13
CA MET H 54 -29.89 20.43 0.68
C MET H 54 -28.55 20.18 -0.02
N SER H 55 -28.57 19.26 -0.98
CA SER H 55 -27.39 18.93 -1.75
C SER H 55 -27.86 18.52 -3.14
N PHE H 56 -26.97 18.67 -4.12
CA PHE H 56 -27.31 18.19 -5.45
C PHE H 56 -26.09 17.50 -6.07
N SER H 57 -26.36 16.78 -7.16
CA SER H 57 -25.41 15.90 -7.82
C SER H 57 -24.86 16.56 -9.08
N LYS H 58 -23.92 15.88 -9.73
CA LYS H 58 -23.22 16.47 -10.88
C LYS H 58 -24.12 16.57 -12.10
N ASP H 59 -25.24 15.84 -12.12
CA ASP H 59 -26.26 16.04 -13.13
C ASP H 59 -27.26 17.16 -12.76
N TRP H 60 -27.03 17.87 -11.65
CA TRP H 60 -27.77 19.03 -11.13
C TRP H 60 -28.96 18.64 -10.28
N SER H 61 -29.33 17.38 -10.22
CA SER H 61 -30.53 17.00 -9.49
C SER H 61 -30.23 16.93 -7.99
N PHE H 62 -31.28 17.08 -7.19
CA PHE H 62 -31.18 17.22 -5.74
C PHE H 62 -31.46 15.90 -5.06
N TYR H 63 -30.82 15.69 -3.89
CA TYR H 63 -31.01 14.48 -3.11
C TYR H 63 -30.92 14.83 -1.62
N ILE H 64 -31.53 14.00 -0.77
CA ILE H 64 -31.65 14.19 0.68
C ILE H 64 -31.62 12.82 1.33
N LEU H 65 -30.96 12.73 2.48
CA LEU H 65 -31.04 11.54 3.32
C LEU H 65 -31.81 11.86 4.60
N ALA H 66 -32.87 11.10 4.88
CA ALA H 66 -33.60 11.14 6.13
C ALA H 66 -33.32 9.87 6.93
N HIS H 67 -33.20 9.99 8.25
CA HIS H 67 -32.98 8.78 9.03
C HIS H 67 -33.44 8.96 10.47
N THR H 68 -33.70 7.83 11.11
CA THR H 68 -34.14 7.79 12.49
C THR H 68 -33.66 6.50 13.12
N GLU H 69 -33.47 6.51 14.44
CA GLU H 69 -33.21 5.24 15.13
C GLU H 69 -34.47 4.39 15.11
N PHE H 70 -34.29 3.07 15.00
CA PHE H 70 -35.44 2.20 15.13
C PHE H 70 -35.00 0.79 15.51
N THR H 71 -35.95 0.04 16.03
CA THR H 71 -35.77 -1.37 16.34
C THR H 71 -36.71 -2.22 15.51
N PRO H 72 -36.21 -3.01 14.57
CA PRO H 72 -37.09 -3.84 13.76
C PRO H 72 -37.81 -4.86 14.64
N THR H 73 -39.06 -5.15 14.28
CA THR H 73 -39.82 -6.25 14.87
C THR H 73 -40.52 -6.98 13.75
N GLU H 74 -41.25 -8.05 14.09
CA GLU H 74 -42.00 -8.77 13.06
C GLU H 74 -43.30 -8.06 12.70
N THR H 75 -43.90 -7.30 13.62
CA THR H 75 -45.21 -6.67 13.40
C THR H 75 -45.21 -5.18 13.04
N ASP H 76 -44.08 -4.47 13.08
CA ASP H 76 -44.15 -3.03 12.90
C ASP H 76 -43.78 -2.66 11.48
N THR H 77 -44.55 -1.75 10.87
CA THR H 77 -44.24 -1.31 9.52
C THR H 77 -43.56 0.05 9.55
N TYR H 78 -42.60 0.24 8.66
CA TYR H 78 -41.94 1.52 8.48
C TYR H 78 -42.01 1.92 7.02
N ALA H 79 -42.12 3.22 6.79
CA ALA H 79 -42.34 3.71 5.43
C ALA H 79 -41.91 5.17 5.34
N CYS H 80 -41.77 5.62 4.10
CA CYS H 80 -41.38 6.99 3.84
C CYS H 80 -42.40 7.60 2.90
N ARG H 81 -43.07 8.66 3.36
CA ARG H 81 -44.04 9.41 2.58
C ARG H 81 -43.41 10.71 2.09
N VAL H 82 -43.57 11.00 0.81
CA VAL H 82 -42.85 12.06 0.10
C VAL H 82 -43.85 12.88 -0.71
N LYS H 83 -43.83 14.20 -0.51
CA LYS H 83 -44.59 15.17 -1.28
C LYS H 83 -43.62 16.00 -2.11
N HIS H 84 -43.86 16.07 -3.42
CA HIS H 84 -43.05 16.85 -4.35
C HIS H 84 -43.93 17.30 -5.51
N ASP H 85 -43.59 18.45 -6.11
CA ASP H 85 -44.42 19.00 -7.18
C ASP H 85 -44.50 18.11 -8.40
N SER H 86 -43.56 17.18 -8.60
CA SER H 86 -43.63 16.31 -9.78
C SER H 86 -44.69 15.23 -9.64
N MET H 87 -45.31 15.06 -8.48
CA MET H 87 -46.25 13.97 -8.25
C MET H 87 -47.57 14.54 -7.74
N ALA H 88 -48.68 14.07 -8.33
CA ALA H 88 -49.99 14.58 -7.93
C ALA H 88 -50.30 14.21 -6.49
N GLU H 89 -50.03 12.96 -6.10
CA GLU H 89 -50.29 12.50 -4.75
C GLU H 89 -48.98 12.12 -4.06
N PRO H 90 -48.93 12.18 -2.73
CA PRO H 90 -47.72 11.76 -2.03
C PRO H 90 -47.40 10.31 -2.35
N LYS H 91 -46.11 10.00 -2.40
CA LYS H 91 -45.67 8.63 -2.64
C LYS H 91 -45.16 8.05 -1.33
N THR H 92 -45.64 6.85 -1.00
CA THR H 92 -45.22 6.12 0.18
C THR H 92 -44.49 4.86 -0.25
N VAL H 93 -43.29 4.66 0.28
CA VAL H 93 -42.50 3.48 -0.01
C VAL H 93 -42.26 2.75 1.31
N TYR H 94 -42.70 1.50 1.39
CA TYR H 94 -42.59 0.71 2.62
C TYR H 94 -41.21 0.07 2.76
N TRP H 95 -40.72 0.02 3.99
CA TRP H 95 -39.46 -0.67 4.20
C TRP H 95 -39.65 -2.14 3.87
N ASP H 96 -38.73 -2.67 3.06
CA ASP H 96 -38.67 -4.08 2.73
C ASP H 96 -37.34 -4.60 3.25
N ARG H 97 -37.40 -5.54 4.19
CA ARG H 97 -36.23 -6.04 4.90
C ARG H 97 -35.22 -6.74 3.98
N ASP H 98 -35.67 -7.24 2.84
CA ASP H 98 -34.83 -7.95 1.87
C ASP H 98 -34.26 -7.06 0.78
N MET H 99 -34.52 -5.76 0.83
CA MET H 99 -34.09 -4.92 -0.26
C MET H 99 -33.36 -3.64 0.18
N CYS I 1 25.64 -2.81 2.02
CA CYS I 1 27.02 -2.46 2.37
C CYS I 1 27.70 -3.55 3.19
N SER I 2 28.66 -4.26 2.59
CA SER I 2 29.21 -5.46 3.20
C SER I 2 30.17 -5.12 4.35
N ALA I 3 30.61 -6.17 5.04
CA ALA I 3 31.42 -6.11 6.25
C ALA I 3 32.92 -5.98 6.02
N ASN I 4 33.59 -5.38 7.00
CA ASN I 4 35.04 -5.35 7.10
C ASN I 4 35.44 -5.87 8.48
N ASN I 5 36.09 -7.04 8.52
CA ASN I 5 36.55 -7.56 9.80
C ASN I 5 37.93 -7.05 10.17
N SER I 6 38.51 -6.18 9.35
CA SER I 6 39.70 -5.37 9.69
C SER I 6 40.80 -6.32 10.19
N HIS I 7 41.46 -6.01 11.29
CA HIS I 7 42.59 -6.77 11.79
C HIS I 7 42.23 -7.79 12.87
N HIS I 8 40.95 -7.96 13.21
CA HIS I 8 40.65 -8.90 14.29
C HIS I 8 40.42 -10.28 13.66
N TYR I 9 41.45 -11.10 13.66
CA TYR I 9 41.35 -12.45 13.12
C TYR I 9 40.86 -13.42 14.18
N ILE I 10 40.22 -14.48 13.72
CA ILE I 10 39.85 -15.60 14.59
C ILE I 10 41.13 -16.03 15.32
N CYS J 1 -1.55 -11.84 -23.13
CA CYS J 1 -2.18 -12.64 -24.17
C CYS J 1 -2.28 -11.86 -25.47
N SER J 2 -1.49 -12.28 -26.47
CA SER J 2 -1.30 -11.54 -27.71
C SER J 2 -2.54 -11.64 -28.60
N ALA J 3 -2.50 -10.88 -29.70
CA ALA J 3 -3.60 -10.71 -30.65
C ALA J 3 -3.65 -11.79 -31.74
N ASN J 4 -4.85 -12.00 -32.27
CA ASN J 4 -5.07 -12.80 -33.47
C ASN J 4 -5.89 -11.97 -34.46
N ASN J 5 -5.27 -11.55 -35.55
CA ASN J 5 -6.04 -10.79 -36.55
C ASN J 5 -6.72 -11.70 -37.55
N SER J 6 -6.59 -13.01 -37.38
CA SER J 6 -7.40 -14.05 -38.05
C SER J 6 -7.34 -13.82 -39.56
N HIS J 7 -8.45 -13.87 -40.27
CA HIS J 7 -8.47 -13.77 -41.72
C HIS J 7 -8.76 -12.37 -42.26
N HIS J 8 -8.88 -11.36 -41.40
CA HIS J 8 -9.21 -10.04 -41.94
C HIS J 8 -7.90 -9.34 -42.25
N TYR J 9 -7.48 -9.41 -43.51
CA TYR J 9 -6.27 -8.73 -43.93
C TYR J 9 -6.56 -7.29 -44.29
N ILE J 10 -5.54 -6.46 -44.18
CA ILE J 10 -5.63 -5.10 -44.69
C ILE J 10 -6.06 -5.21 -46.16
N CYS K 1 -13.99 -11.70 22.98
CA CYS K 1 -14.35 -12.91 23.73
C CYS K 1 -13.65 -12.92 25.10
N SER K 2 -14.43 -12.85 26.19
CA SER K 2 -13.84 -12.59 27.50
C SER K 2 -13.02 -13.76 27.98
N ALA K 3 -12.35 -13.54 29.10
CA ALA K 3 -11.58 -14.59 29.74
C ALA K 3 -12.48 -15.33 30.72
N ASN K 4 -12.24 -16.62 30.86
CA ASN K 4 -12.85 -17.41 31.93
C ASN K 4 -11.74 -18.16 32.66
N ASN K 5 -11.49 -17.78 33.90
CA ASN K 5 -10.43 -18.40 34.69
C ASN K 5 -10.91 -19.64 35.45
N SER K 6 -12.15 -20.04 35.24
CA SER K 6 -12.67 -21.35 35.71
C SER K 6 -12.49 -21.43 37.24
N HIS K 7 -12.06 -22.57 37.77
CA HIS K 7 -11.94 -22.77 39.21
C HIS K 7 -10.52 -22.57 39.71
N HIS K 8 -9.60 -22.11 38.86
CA HIS K 8 -8.22 -21.95 39.31
C HIS K 8 -8.10 -20.54 39.86
N TYR K 9 -8.23 -20.42 41.18
CA TYR K 9 -8.10 -19.17 41.90
C TYR K 9 -6.65 -18.90 42.23
N ILE K 10 -6.30 -17.62 42.41
CA ILE K 10 -4.97 -17.27 42.91
C ILE K 10 -4.72 -18.04 44.21
N CYS L 1 -11.38 27.02 -0.80
CA CYS L 1 -11.31 28.40 -1.25
C CYS L 1 -12.47 28.72 -2.21
N SER L 2 -13.38 29.62 -1.81
CA SER L 2 -14.63 29.77 -2.54
C SER L 2 -14.41 30.39 -3.90
N ALA L 3 -15.48 30.44 -4.67
CA ALA L 3 -15.46 31.04 -5.99
C ALA L 3 -15.87 32.50 -5.89
N ASN L 4 -15.31 33.32 -6.77
CA ASN L 4 -15.78 34.69 -6.96
C ASN L 4 -16.05 34.90 -8.45
N ASN L 5 -17.32 35.10 -8.81
CA ASN L 5 -17.65 35.30 -10.21
C ASN L 5 -17.49 36.76 -10.61
N SER L 6 -17.01 37.60 -9.70
CA SER L 6 -16.60 38.95 -10.03
C SER L 6 -17.75 39.69 -10.70
N HIS L 7 -17.48 40.46 -11.76
CA HIS L 7 -18.53 41.26 -12.37
C HIS L 7 -19.16 40.60 -13.59
N HIS L 8 -18.81 39.35 -13.89
CA HIS L 8 -19.39 38.74 -15.08
C HIS L 8 -20.68 38.05 -14.66
N TYR L 9 -21.80 38.72 -14.91
CA TYR L 9 -23.13 38.21 -14.62
C TYR L 9 -23.62 37.33 -15.76
N ILE L 10 -24.54 36.43 -15.43
CA ILE L 10 -25.23 35.65 -16.48
C ILE L 10 -25.84 36.64 -17.48
#